data_6BEC
#
_entry.id   6BEC
#
_cell.length_a   188.620
_cell.length_b   188.620
_cell.length_c   261.550
_cell.angle_alpha   90.000
_cell.angle_beta   90.000
_cell.angle_gamma   120.000
#
_symmetry.space_group_name_H-M   'P 61 2 2'
#
loop_
_entity.id
_entity.type
_entity.pdbx_description
1 polymer 'Scaffold protein D13'
2 non-polymer 'FORMIC ACID'
3 non-polymer 1,2-ETHANEDIOL
4 non-polymer RIFABUTIN
5 water water
#
_entity_poly.entity_id   1
_entity_poly.type   'polypeptide(L)'
_entity_poly.pdbx_seq_one_letter_code
;MSYYHHHHHHDYDIPTTENLYFQGAMNNTIINSLIGGDDSIKRSNVFAVDSQIPTLYMPQYISLSGVMTNDGPDNQAIAS
FEIRDQYITALNHLVLSLELPEVKGMGRFGYVPYVGYKCINHVSISSCNGVIWEIEGEELYNNCINNTIALKHSGYSSEL
NDISIGLTPNDTIKEPSTVYVYIKTPFDVEDTFSSLKLSDSKITVTVTFNPVSDIVIRDSSFDFETFNKEFVYVPELSFI
GYMVKNVQIKPSFIEKPRRVIGQINQPTATVTEVHAATSLSVYTKPYYGNTDNKFISYPGYSQDEKDYIDAYVSRLLDDL
VIVSDGPPTGYPESAEIVEVPEDGIVSIQDADVYVKIDNVPDNMSVYLHTNLLMFGTRKNSFIYNISKKFSAITGTYSDA
TKRTIFAHISHSINIIDTSIPVSLWTSQRNVYNGDNRSAESKAKDLFINDPFIKGIDFKNKTDIISRLEVRFGNDVLYSE
NGPISRIYNELLTKSNNGTRTLTFNFTPKIFFRPTTITANVSRGKDKLSVRVVYSTMDVNHPIYYVQKQLVVVCNDLYKV
SYDQGVSITKIMGDNN
;
_entity_poly.pdbx_strand_id   A,B,C
#
# COMPACT_ATOMS: atom_id res chain seq x y z
N ALA A 25 4.96 -0.17 37.70
CA ALA A 25 4.56 -1.11 38.74
C ALA A 25 3.11 -1.59 38.58
N MET A 26 2.85 -2.86 38.92
CA MET A 26 1.52 -3.49 38.85
C MET A 26 0.61 -2.93 39.93
N ASN A 27 -0.64 -2.57 39.57
CA ASN A 27 -1.64 -2.03 40.50
C ASN A 27 -2.33 -3.13 41.31
N ASN A 28 -2.83 -2.76 42.50
CA ASN A 28 -3.47 -3.63 43.49
C ASN A 28 -4.67 -4.45 42.98
N THR A 29 -5.50 -3.88 42.09
CA THR A 29 -6.70 -4.53 41.54
C THR A 29 -6.37 -5.83 40.74
N ILE A 30 -5.25 -5.82 39.99
CA ILE A 30 -4.78 -6.96 39.20
C ILE A 30 -4.20 -8.06 40.10
N ILE A 31 -3.54 -7.64 41.21
CA ILE A 31 -2.94 -8.54 42.21
C ILE A 31 -4.04 -9.34 42.94
N ASN A 32 -5.13 -8.65 43.34
CA ASN A 32 -6.30 -9.23 44.01
C ASN A 32 -7.09 -10.19 43.12
N SER A 33 -7.08 -9.95 41.78
CA SER A 33 -7.77 -10.75 40.77
C SER A 33 -7.16 -12.17 40.58
N LEU A 34 -5.87 -12.35 40.96
CA LEU A 34 -5.17 -13.62 40.83
C LEU A 34 -4.90 -14.29 42.17
N SER A 40 -5.14 -26.91 41.43
CA SER A 40 -5.46 -28.31 41.13
C SER A 40 -5.92 -28.52 39.67
N ILE A 41 -6.28 -27.41 38.96
CA ILE A 41 -6.71 -27.40 37.55
C ILE A 41 -5.48 -27.65 36.65
N LYS A 42 -5.61 -28.57 35.68
CA LYS A 42 -4.55 -28.87 34.72
C LYS A 42 -4.44 -27.72 33.71
N ARG A 43 -3.31 -26.98 33.76
CA ARG A 43 -3.08 -25.81 32.92
C ARG A 43 -1.93 -25.98 31.93
N SER A 44 -2.13 -25.52 30.68
CA SER A 44 -1.13 -25.57 29.62
C SER A 44 -0.18 -24.37 29.79
N ASN A 45 1.14 -24.63 29.73
CA ASN A 45 2.14 -23.58 29.87
C ASN A 45 2.15 -22.69 28.64
N VAL A 46 1.82 -21.42 28.86
CA VAL A 46 1.70 -20.40 27.82
C VAL A 46 2.86 -19.38 27.95
N PHE A 47 3.68 -19.53 29.00
CA PHE A 47 4.83 -18.66 29.27
C PHE A 47 6.19 -19.34 29.07
N ALA A 48 6.20 -20.64 28.74
CA ALA A 48 7.43 -21.40 28.49
C ALA A 48 7.15 -22.61 27.61
N VAL A 49 8.13 -22.99 26.81
CA VAL A 49 8.02 -24.14 25.93
C VAL A 49 9.34 -24.90 25.87
N ASP A 50 9.28 -26.21 25.60
CA ASP A 50 10.46 -27.05 25.47
C ASP A 50 11.03 -26.83 24.07
N SER A 51 12.24 -26.22 23.98
CA SER A 51 12.89 -25.94 22.70
C SER A 51 13.38 -27.25 22.08
N GLN A 52 12.48 -27.88 21.28
CA GLN A 52 12.68 -29.17 20.61
C GLN A 52 13.89 -29.16 19.70
N ILE A 53 14.71 -30.23 19.75
CA ILE A 53 15.89 -30.34 18.89
C ILE A 53 15.40 -30.72 17.49
N PRO A 54 15.64 -29.87 16.47
CA PRO A 54 15.17 -30.22 15.12
C PRO A 54 16.09 -31.21 14.42
N THR A 55 15.66 -31.72 13.25
CA THR A 55 16.47 -32.60 12.41
C THR A 55 17.77 -31.83 12.07
N LEU A 56 18.92 -32.52 12.06
CA LEU A 56 20.18 -31.83 11.76
C LEU A 56 20.26 -31.56 10.27
N TYR A 57 20.29 -30.27 9.90
CA TYR A 57 20.36 -29.85 8.51
C TYR A 57 21.16 -28.55 8.35
N MET A 58 21.48 -28.22 7.10
CA MET A 58 22.21 -27.02 6.74
C MET A 58 21.65 -26.44 5.44
N PRO A 59 21.09 -25.21 5.46
CA PRO A 59 20.58 -24.64 4.21
C PRO A 59 21.64 -23.89 3.41
N GLN A 60 21.42 -23.74 2.11
CA GLN A 60 22.29 -23.01 1.21
C GLN A 60 21.54 -22.53 -0.01
N TYR A 61 21.74 -21.25 -0.39
CA TYR A 61 21.15 -20.71 -1.61
C TYR A 61 22.05 -21.18 -2.76
N ILE A 62 21.50 -21.99 -3.66
CA ILE A 62 22.24 -22.57 -4.79
C ILE A 62 21.71 -21.98 -6.09
N SER A 63 22.63 -21.52 -6.95
CA SER A 63 22.30 -20.96 -8.27
C SER A 63 22.93 -21.81 -9.38
N LEU A 64 22.15 -22.10 -10.43
CA LEU A 64 22.57 -22.93 -11.57
C LEU A 64 22.22 -22.30 -12.91
N SER A 65 23.11 -22.47 -13.89
CA SER A 65 22.87 -22.05 -15.27
C SER A 65 22.20 -23.23 -15.96
N GLY A 66 21.36 -22.95 -16.95
CA GLY A 66 20.62 -23.96 -17.67
C GLY A 66 21.18 -24.35 -19.02
N VAL A 67 20.36 -25.07 -19.79
CA VAL A 67 20.68 -25.54 -21.13
C VAL A 67 19.53 -25.04 -22.02
N MET A 68 19.85 -24.14 -22.95
CA MET A 68 18.86 -23.54 -23.84
C MET A 68 18.60 -24.37 -25.10
N THR A 69 17.31 -24.58 -25.40
CA THR A 69 16.81 -25.34 -26.56
C THR A 69 15.82 -24.45 -27.33
N ASN A 70 15.75 -24.63 -28.67
CA ASN A 70 14.86 -23.87 -29.55
C ASN A 70 14.23 -24.80 -30.60
N ASP A 74 7.40 -24.20 -32.63
CA ASP A 74 7.58 -22.89 -33.26
C ASP A 74 8.93 -22.22 -32.84
N ASN A 75 10.01 -23.03 -32.71
CA ASN A 75 11.36 -22.61 -32.29
C ASN A 75 11.36 -21.90 -30.91
N GLN A 76 10.52 -22.44 -30.00
CA GLN A 76 10.24 -21.99 -28.63
C GLN A 76 11.42 -22.21 -27.68
N ALA A 77 11.78 -21.16 -26.90
CA ALA A 77 12.89 -21.22 -25.95
C ALA A 77 12.54 -22.08 -24.72
N ILE A 78 13.42 -23.04 -24.38
CA ILE A 78 13.27 -23.97 -23.24
C ILE A 78 14.60 -24.05 -22.47
N ALA A 79 14.56 -23.80 -21.14
CA ALA A 79 15.74 -23.87 -20.25
C ALA A 79 15.64 -25.05 -19.29
N SER A 80 16.63 -25.97 -19.33
CA SER A 80 16.64 -27.14 -18.46
C SER A 80 17.70 -27.02 -17.38
N PHE A 81 17.29 -27.18 -16.12
CA PHE A 81 18.16 -27.12 -14.95
C PHE A 81 18.13 -28.48 -14.25
N GLU A 82 19.28 -29.17 -14.19
CA GLU A 82 19.41 -30.49 -13.56
C GLU A 82 19.98 -30.36 -12.16
N ILE A 83 19.23 -30.87 -11.16
CA ILE A 83 19.58 -30.83 -9.74
C ILE A 83 19.81 -32.25 -9.21
N ARG A 84 21.05 -32.53 -8.81
CA ARG A 84 21.47 -33.82 -8.23
C ARG A 84 22.78 -33.63 -7.48
N ASP A 85 22.78 -33.99 -6.19
CA ASP A 85 23.94 -33.87 -5.31
C ASP A 85 23.66 -34.70 -4.08
N GLN A 86 24.64 -35.52 -3.65
CA GLN A 86 24.49 -36.36 -2.46
C GLN A 86 24.23 -35.53 -1.19
N TYR A 87 24.59 -34.24 -1.21
CA TYR A 87 24.38 -33.36 -0.08
C TYR A 87 23.14 -32.47 -0.24
N ILE A 88 22.50 -32.43 -1.43
CA ILE A 88 21.22 -31.70 -1.59
C ILE A 88 20.11 -32.75 -1.34
N THR A 89 19.61 -32.79 -0.09
CA THR A 89 18.60 -33.74 0.37
C THR A 89 17.18 -33.27 0.04
N ALA A 90 16.95 -31.96 0.16
CA ALA A 90 15.66 -31.32 -0.09
C ALA A 90 15.83 -29.90 -0.63
N LEU A 91 14.77 -29.35 -1.23
CA LEU A 91 14.76 -27.98 -1.77
C LEU A 91 13.37 -27.36 -1.80
N ASN A 92 13.35 -26.02 -1.85
CA ASN A 92 12.17 -25.17 -1.97
C ASN A 92 12.57 -23.75 -2.44
N HIS A 93 11.61 -22.83 -2.52
CA HIS A 93 11.77 -21.43 -2.90
C HIS A 93 12.59 -21.24 -4.18
N LEU A 94 11.99 -21.65 -5.30
CA LEU A 94 12.61 -21.53 -6.61
C LEU A 94 12.48 -20.08 -7.09
N VAL A 95 13.61 -19.47 -7.50
CA VAL A 95 13.66 -18.10 -8.00
C VAL A 95 14.43 -18.11 -9.32
N LEU A 96 13.77 -17.65 -10.41
CA LEU A 96 14.40 -17.60 -11.73
C LEU A 96 14.87 -16.18 -12.04
N SER A 97 16.18 -16.04 -12.30
CA SER A 97 16.80 -14.77 -12.66
C SER A 97 16.79 -14.64 -14.18
N LEU A 98 16.62 -13.41 -14.67
CA LEU A 98 16.64 -13.14 -16.10
C LEU A 98 17.39 -11.88 -16.42
N GLU A 99 18.35 -12.01 -17.33
CA GLU A 99 19.21 -10.93 -17.78
C GLU A 99 18.57 -10.23 -18.98
N LEU A 100 17.97 -9.07 -18.74
CA LEU A 100 17.37 -8.26 -19.79
C LEU A 100 18.51 -7.45 -20.46
N PRO A 101 18.66 -7.56 -21.80
CA PRO A 101 19.79 -6.88 -22.45
C PRO A 101 19.60 -5.39 -22.63
N GLU A 102 20.68 -4.70 -23.01
CA GLU A 102 20.65 -3.28 -23.35
C GLU A 102 19.88 -3.19 -24.65
N VAL A 103 18.86 -2.33 -24.70
CA VAL A 103 18.06 -2.14 -25.90
C VAL A 103 18.50 -0.83 -26.54
N LYS A 104 19.04 -0.92 -27.76
CA LYS A 104 19.56 0.21 -28.54
C LYS A 104 18.79 0.41 -29.84
N GLY A 105 18.90 1.61 -30.38
CA GLY A 105 18.28 1.96 -31.66
C GLY A 105 17.27 3.07 -31.60
N MET A 106 16.38 3.09 -32.60
CA MET A 106 15.32 4.10 -32.71
C MET A 106 13.94 3.51 -32.47
N GLY A 107 13.00 4.38 -32.15
CA GLY A 107 11.62 4.02 -31.89
C GLY A 107 11.24 3.98 -30.43
N ARG A 108 9.96 3.70 -30.16
N ARG A 108 9.95 3.71 -30.15
CA ARG A 108 9.40 3.60 -28.81
CA ARG A 108 9.39 3.61 -28.81
C ARG A 108 9.46 2.14 -28.35
C ARG A 108 9.45 2.15 -28.35
N PHE A 109 9.94 1.91 -27.12
CA PHE A 109 10.07 0.57 -26.53
C PHE A 109 9.92 0.62 -25.01
N GLY A 110 9.30 -0.43 -24.48
CA GLY A 110 9.08 -0.63 -23.04
C GLY A 110 8.68 -2.06 -22.77
N TYR A 111 8.88 -2.52 -21.51
CA TYR A 111 8.51 -3.88 -21.11
C TYR A 111 7.14 -3.89 -20.45
N VAL A 112 6.42 -5.01 -20.57
CA VAL A 112 5.11 -5.20 -19.92
C VAL A 112 5.32 -5.20 -18.38
N PRO A 113 4.35 -4.73 -17.54
CA PRO A 113 4.55 -4.79 -16.09
C PRO A 113 4.70 -6.23 -15.65
N TYR A 114 5.59 -6.50 -14.67
CA TYR A 114 5.90 -7.84 -14.15
C TYR A 114 6.45 -8.74 -15.29
N VAL A 115 7.35 -8.14 -16.10
CA VAL A 115 8.02 -8.72 -17.27
C VAL A 115 8.51 -10.16 -17.02
N GLY A 116 9.07 -10.41 -15.84
CA GLY A 116 9.59 -11.70 -15.42
C GLY A 116 8.58 -12.83 -15.47
N TYR A 117 7.36 -12.59 -14.92
CA TYR A 117 6.30 -13.59 -14.91
C TYR A 117 5.73 -13.80 -16.30
N LYS A 118 5.63 -12.69 -17.07
CA LYS A 118 5.07 -12.65 -18.42
C LYS A 118 5.87 -13.42 -19.45
N CYS A 119 7.18 -13.59 -19.25
CA CYS A 119 7.99 -14.34 -20.22
C CYS A 119 8.01 -15.85 -19.95
N ILE A 120 7.35 -16.28 -18.85
CA ILE A 120 7.22 -17.69 -18.48
C ILE A 120 5.97 -18.25 -19.19
N ASN A 121 6.14 -19.35 -19.92
CA ASN A 121 5.04 -20.03 -20.60
C ASN A 121 4.63 -21.27 -19.79
N HIS A 122 5.62 -22.02 -19.26
CA HIS A 122 5.41 -23.25 -18.50
C HIS A 122 6.61 -23.58 -17.64
N VAL A 123 6.37 -24.07 -16.41
CA VAL A 123 7.41 -24.53 -15.48
C VAL A 123 7.09 -25.99 -15.16
N SER A 124 8.09 -26.86 -15.28
CA SER A 124 7.93 -28.28 -15.02
C SER A 124 9.04 -28.82 -14.12
N ILE A 125 8.66 -29.44 -12.99
CA ILE A 125 9.59 -30.07 -12.06
C ILE A 125 9.38 -31.58 -12.22
N SER A 126 10.41 -32.30 -12.70
CA SER A 126 10.29 -33.73 -12.94
C SER A 126 11.48 -34.55 -12.46
N SER A 127 11.27 -35.87 -12.31
CA SER A 127 12.29 -36.85 -11.92
C SER A 127 12.28 -37.98 -12.97
N CYS A 128 13.08 -39.04 -12.75
CA CYS A 128 13.16 -40.21 -13.64
C CYS A 128 11.81 -40.94 -13.79
N ASN A 129 10.93 -40.84 -12.76
CA ASN A 129 9.60 -41.46 -12.74
C ASN A 129 8.52 -40.63 -13.47
N GLY A 130 8.87 -39.40 -13.85
CA GLY A 130 7.98 -38.47 -14.54
C GLY A 130 7.88 -37.12 -13.88
N VAL A 131 6.87 -36.33 -14.29
CA VAL A 131 6.59 -34.99 -13.77
C VAL A 131 6.07 -35.08 -12.34
N ILE A 132 6.66 -34.29 -11.41
CA ILE A 132 6.26 -34.22 -9.99
C ILE A 132 5.20 -33.13 -9.85
N TRP A 133 5.47 -31.95 -10.43
CA TRP A 133 4.60 -30.78 -10.42
C TRP A 133 4.90 -29.91 -11.63
N GLU A 134 3.85 -29.32 -12.21
CA GLU A 134 3.96 -28.42 -13.35
C GLU A 134 2.90 -27.35 -13.31
N ILE A 135 3.16 -26.21 -13.98
CA ILE A 135 2.22 -25.07 -14.02
C ILE A 135 2.32 -24.31 -15.35
N GLU A 136 1.20 -23.71 -15.75
CA GLU A 136 1.14 -22.84 -16.93
C GLU A 136 1.59 -21.45 -16.44
N GLY A 137 2.20 -20.68 -17.32
CA GLY A 137 2.71 -19.34 -17.03
C GLY A 137 1.74 -18.42 -16.31
N GLU A 138 0.50 -18.34 -16.83
CA GLU A 138 -0.57 -17.50 -16.28
C GLU A 138 -0.99 -17.93 -14.89
N GLU A 139 -1.01 -19.24 -14.62
CA GLU A 139 -1.41 -19.79 -13.32
C GLU A 139 -0.40 -19.45 -12.23
N LEU A 140 0.93 -19.52 -12.56
CA LEU A 140 2.01 -19.14 -11.66
C LEU A 140 1.87 -17.65 -11.30
N TYR A 141 1.57 -16.81 -12.31
CA TYR A 141 1.35 -15.37 -12.16
C TYR A 141 0.13 -15.12 -11.27
N ASN A 142 -0.97 -15.87 -11.51
CA ASN A 142 -2.21 -15.78 -10.74
C ASN A 142 -1.96 -16.12 -9.27
N ASN A 143 -1.11 -17.13 -9.01
CA ASN A 143 -0.75 -17.56 -7.66
C ASN A 143 0.12 -16.53 -6.92
N CYS A 144 0.83 -15.67 -7.66
CA CYS A 144 1.72 -14.65 -7.07
C CYS A 144 1.15 -13.22 -7.15
N ILE A 145 -0.05 -13.05 -7.76
CA ILE A 145 -0.70 -11.75 -7.97
C ILE A 145 -0.94 -10.97 -6.64
N ASN A 146 -1.08 -11.68 -5.51
CA ASN A 146 -1.31 -11.09 -4.20
C ASN A 146 0.00 -10.81 -3.44
N ASN A 147 1.16 -11.21 -4.03
CA ASN A 147 2.49 -11.04 -3.46
C ASN A 147 3.18 -9.83 -4.10
N THR A 148 3.07 -8.67 -3.46
CA THR A 148 3.63 -7.39 -3.91
C THR A 148 5.14 -7.47 -4.17
N ILE A 149 5.89 -8.06 -3.22
CA ILE A 149 7.34 -8.23 -3.28
C ILE A 149 7.76 -9.06 -4.49
N ALA A 150 7.12 -10.23 -4.69
CA ALA A 150 7.39 -11.13 -5.81
C ALA A 150 7.11 -10.43 -7.15
N LEU A 151 6.04 -9.61 -7.19
CA LEU A 151 5.67 -8.86 -8.39
C LEU A 151 6.69 -7.76 -8.70
N LYS A 152 7.21 -7.07 -7.66
CA LYS A 152 8.21 -6.01 -7.82
C LYS A 152 9.52 -6.57 -8.39
N HIS A 153 10.04 -7.66 -7.79
CA HIS A 153 11.27 -8.36 -8.19
C HIS A 153 11.20 -8.79 -9.64
N SER A 154 10.00 -9.16 -10.10
CA SER A 154 9.63 -9.62 -11.44
C SER A 154 9.94 -8.57 -12.53
N GLY A 155 9.90 -7.30 -12.15
CA GLY A 155 10.15 -6.18 -13.05
C GLY A 155 8.99 -5.21 -13.13
N TYR A 156 8.91 -4.30 -12.15
CA TYR A 156 7.86 -3.29 -12.06
C TYR A 156 8.48 -1.97 -11.61
N SER A 157 9.01 -1.21 -12.59
CA SER A 157 9.70 0.07 -12.40
C SER A 157 9.41 1.00 -13.57
N SER A 158 9.66 2.31 -13.37
CA SER A 158 9.53 3.32 -14.42
C SER A 158 10.63 3.07 -15.46
N GLU A 159 11.80 2.57 -15.00
CA GLU A 159 12.96 2.24 -15.81
C GLU A 159 12.61 1.16 -16.86
N LEU A 160 11.81 0.15 -16.48
CA LEU A 160 11.42 -0.95 -17.36
C LEU A 160 10.08 -0.80 -18.07
N ASN A 161 9.06 -0.31 -17.38
CA ASN A 161 7.69 -0.27 -17.88
C ASN A 161 7.23 1.01 -18.56
N ASP A 162 7.95 2.14 -18.41
CA ASP A 162 7.60 3.36 -19.14
C ASP A 162 8.08 3.20 -20.58
N ILE A 163 7.30 3.73 -21.54
CA ILE A 163 7.63 3.61 -22.95
C ILE A 163 8.72 4.65 -23.33
N SER A 164 9.98 4.20 -23.37
CA SER A 164 11.15 5.02 -23.69
C SER A 164 11.32 5.19 -25.20
N ILE A 165 11.88 6.33 -25.62
CA ILE A 165 12.09 6.63 -27.04
C ILE A 165 13.60 6.76 -27.39
N GLY A 166 13.99 6.10 -28.47
CA GLY A 166 15.34 6.13 -29.03
C GLY A 166 15.38 7.08 -30.21
N LEU A 167 16.28 8.08 -30.16
CA LEU A 167 16.38 9.12 -31.19
C LEU A 167 17.39 8.83 -32.32
N THR A 168 18.50 8.16 -32.01
CA THR A 168 19.55 7.83 -32.98
C THR A 168 19.77 6.30 -33.03
N PRO A 169 20.30 5.71 -34.13
CA PRO A 169 20.49 4.25 -34.18
C PRO A 169 21.42 3.64 -33.11
N ASN A 170 22.18 4.50 -32.38
CA ASN A 170 23.10 4.07 -31.32
C ASN A 170 22.64 4.51 -29.92
N ASP A 171 21.47 5.19 -29.84
CA ASP A 171 20.87 5.66 -28.59
C ASP A 171 20.40 4.47 -27.74
N THR A 172 20.63 4.53 -26.42
CA THR A 172 20.21 3.49 -25.50
C THR A 172 18.78 3.78 -25.07
N ILE A 173 17.85 2.87 -25.42
CA ILE A 173 16.43 2.96 -25.07
C ILE A 173 16.27 2.43 -23.63
N LYS A 174 16.77 1.18 -23.40
CA LYS A 174 16.71 0.53 -22.10
C LYS A 174 18.09 0.03 -21.67
N GLU A 175 18.47 0.33 -20.43
CA GLU A 175 19.75 -0.12 -19.86
C GLU A 175 19.61 -1.59 -19.45
N PRO A 176 20.70 -2.43 -19.49
CA PRO A 176 20.55 -3.84 -19.08
C PRO A 176 20.13 -3.97 -17.62
N SER A 177 19.22 -4.90 -17.35
CA SER A 177 18.64 -5.09 -16.02
C SER A 177 18.48 -6.57 -15.70
N THR A 178 18.43 -6.91 -14.40
CA THR A 178 18.22 -8.29 -13.96
C THR A 178 16.90 -8.35 -13.21
N VAL A 179 16.03 -9.27 -13.63
CA VAL A 179 14.72 -9.48 -13.00
C VAL A 179 14.66 -10.85 -12.33
N TYR A 180 13.92 -10.94 -11.21
CA TYR A 180 13.81 -12.16 -10.42
C TYR A 180 12.36 -12.62 -10.31
N VAL A 181 12.10 -13.85 -10.76
CA VAL A 181 10.76 -14.46 -10.81
C VAL A 181 10.64 -15.55 -9.76
N TYR A 182 9.81 -15.31 -8.74
CA TYR A 182 9.58 -16.30 -7.69
C TYR A 182 8.63 -17.42 -8.19
N ILE A 183 9.21 -18.60 -8.52
CA ILE A 183 8.46 -19.77 -8.97
C ILE A 183 7.84 -20.41 -7.72
N LYS A 184 6.68 -19.91 -7.28
CA LYS A 184 5.95 -20.42 -6.11
C LYS A 184 5.51 -21.86 -6.39
N THR A 185 5.86 -22.78 -5.48
CA THR A 185 5.54 -24.21 -5.59
C THR A 185 4.83 -24.68 -4.30
N PRO A 186 4.16 -25.87 -4.28
CA PRO A 186 3.52 -26.33 -3.04
C PRO A 186 4.52 -26.67 -1.92
N PHE A 187 5.82 -26.66 -2.24
CA PHE A 187 6.92 -26.99 -1.32
C PHE A 187 7.31 -25.85 -0.39
N ASP A 188 6.78 -24.63 -0.61
CA ASP A 188 7.11 -23.45 0.20
C ASP A 188 6.11 -23.19 1.33
N VAL A 189 4.91 -23.80 1.25
CA VAL A 189 3.77 -23.66 2.19
C VAL A 189 4.22 -23.71 3.66
N GLU A 190 4.86 -24.81 4.09
CA GLU A 190 5.33 -24.98 5.46
C GLU A 190 6.86 -25.14 5.54
N ASP A 191 7.57 -24.32 4.74
CA ASP A 191 9.02 -24.25 4.65
C ASP A 191 9.73 -25.63 4.52
N THR A 192 10.49 -26.05 5.53
CA THR A 192 11.23 -27.33 5.54
C THR A 192 10.30 -28.54 5.56
N PHE A 193 9.13 -28.43 6.23
CA PHE A 193 8.13 -29.49 6.34
C PHE A 193 7.54 -29.87 4.98
N SER A 194 7.29 -28.87 4.13
CA SER A 194 6.69 -29.01 2.79
C SER A 194 7.69 -29.21 1.66
N SER A 195 8.98 -28.90 1.90
CA SER A 195 10.09 -28.97 0.94
C SER A 195 10.12 -30.26 0.09
N LEU A 196 10.59 -30.14 -1.16
CA LEU A 196 10.69 -31.27 -2.09
C LEU A 196 11.89 -32.12 -1.67
N LYS A 197 11.65 -33.38 -1.31
CA LYS A 197 12.72 -34.29 -0.95
C LYS A 197 13.24 -35.02 -2.21
N LEU A 198 14.57 -35.14 -2.35
CA LEU A 198 15.22 -35.78 -3.49
C LEU A 198 15.76 -37.16 -3.04
N SER A 199 15.04 -38.24 -3.40
CA SER A 199 15.43 -39.61 -3.00
C SER A 199 16.53 -40.19 -3.89
N ASP A 200 17.75 -39.58 -3.85
CA ASP A 200 18.92 -39.96 -4.66
C ASP A 200 18.60 -39.95 -6.17
N SER A 201 17.63 -39.11 -6.55
CA SER A 201 17.12 -38.93 -7.90
C SER A 201 17.51 -37.58 -8.49
N LYS A 202 17.54 -37.52 -9.83
CA LYS A 202 17.87 -36.31 -10.59
C LYS A 202 16.59 -35.50 -10.78
N ILE A 203 16.55 -34.27 -10.25
CA ILE A 203 15.40 -33.39 -10.39
C ILE A 203 15.67 -32.40 -11.51
N THR A 204 14.79 -32.36 -12.52
CA THR A 204 14.91 -31.45 -13.65
C THR A 204 13.83 -30.37 -13.58
N VAL A 205 14.27 -29.10 -13.66
CA VAL A 205 13.39 -27.95 -13.68
C VAL A 205 13.45 -27.39 -15.11
N THR A 206 12.35 -27.54 -15.85
CA THR A 206 12.23 -27.10 -17.24
C THR A 206 11.36 -25.84 -17.33
N VAL A 207 11.94 -24.76 -17.88
CA VAL A 207 11.21 -23.50 -18.04
C VAL A 207 11.05 -23.18 -19.52
N THR A 208 9.80 -23.21 -20.00
CA THR A 208 9.44 -22.87 -21.38
C THR A 208 9.12 -21.37 -21.39
N PHE A 209 9.68 -20.65 -22.35
CA PHE A 209 9.48 -19.20 -22.45
C PHE A 209 8.56 -18.78 -23.59
N ASN A 210 7.82 -17.70 -23.36
CA ASN A 210 6.93 -17.09 -24.34
C ASN A 210 7.79 -16.30 -25.33
N PRO A 211 7.35 -16.06 -26.60
CA PRO A 211 8.17 -15.22 -27.51
C PRO A 211 8.34 -13.81 -26.95
N VAL A 212 9.50 -13.17 -27.18
CA VAL A 212 9.82 -11.84 -26.66
C VAL A 212 8.76 -10.77 -27.05
N SER A 213 7.95 -11.03 -28.09
CA SER A 213 6.88 -10.16 -28.54
C SER A 213 5.85 -9.93 -27.43
N ASP A 214 5.56 -10.97 -26.63
CA ASP A 214 4.58 -10.93 -25.54
C ASP A 214 4.98 -10.01 -24.38
N ILE A 215 6.30 -9.83 -24.15
CA ILE A 215 6.82 -9.02 -23.03
C ILE A 215 7.26 -7.61 -23.42
N VAL A 216 7.04 -7.23 -24.68
CA VAL A 216 7.49 -5.95 -25.22
C VAL A 216 6.35 -5.12 -25.81
N ILE A 217 6.32 -3.81 -25.47
CA ILE A 217 5.38 -2.82 -25.98
C ILE A 217 6.22 -1.86 -26.84
N ARG A 218 5.99 -1.88 -28.16
N ARG A 218 6.00 -1.87 -28.16
CA ARG A 218 6.76 -1.08 -29.13
CA ARG A 218 6.77 -1.06 -29.10
C ARG A 218 5.93 -0.47 -30.27
C ARG A 218 5.94 -0.48 -30.26
N ASP A 219 6.48 0.55 -30.94
CA ASP A 219 5.82 1.18 -32.09
C ASP A 219 6.43 0.64 -33.41
N SER A 220 5.90 1.04 -34.58
CA SER A 220 6.36 0.60 -35.90
C SER A 220 7.82 1.00 -36.18
N SER A 221 8.23 2.20 -35.68
CA SER A 221 9.59 2.75 -35.81
C SER A 221 10.66 1.83 -35.24
N PHE A 222 10.37 1.14 -34.11
CA PHE A 222 11.29 0.21 -33.46
C PHE A 222 11.58 -1.00 -34.33
N ASP A 223 12.87 -1.35 -34.48
CA ASP A 223 13.31 -2.47 -35.29
C ASP A 223 13.12 -3.79 -34.53
N PHE A 224 11.86 -4.27 -34.50
CA PHE A 224 11.55 -5.52 -33.82
C PHE A 224 12.10 -6.73 -34.54
N GLU A 225 12.19 -6.69 -35.88
CA GLU A 225 12.71 -7.80 -36.68
C GLU A 225 14.13 -8.18 -36.26
N THR A 226 15.01 -7.17 -36.09
CA THR A 226 16.39 -7.36 -35.63
C THR A 226 16.40 -7.74 -34.15
N PHE A 227 15.58 -7.04 -33.33
CA PHE A 227 15.46 -7.30 -31.89
C PHE A 227 15.12 -8.77 -31.62
N ASN A 228 14.04 -9.30 -32.21
CA ASN A 228 13.60 -10.69 -32.07
C ASN A 228 14.69 -11.70 -32.48
N LYS A 229 15.48 -11.36 -33.52
CA LYS A 229 16.58 -12.19 -34.03
C LYS A 229 17.75 -12.22 -33.05
N GLU A 230 18.12 -11.04 -32.51
CA GLU A 230 19.24 -10.86 -31.59
C GLU A 230 18.94 -11.19 -30.12
N PHE A 231 17.64 -11.12 -29.68
CA PHE A 231 17.25 -11.40 -28.29
C PHE A 231 17.39 -12.88 -27.94
N VAL A 232 17.91 -13.14 -26.74
CA VAL A 232 18.09 -14.47 -26.16
C VAL A 232 17.74 -14.43 -24.68
N TYR A 233 17.00 -15.44 -24.21
CA TYR A 233 16.64 -15.55 -22.81
C TYR A 233 17.85 -16.06 -22.04
N VAL A 234 18.31 -15.28 -21.04
CA VAL A 234 19.49 -15.62 -20.23
C VAL A 234 19.01 -15.95 -18.81
N PRO A 235 18.65 -17.23 -18.55
CA PRO A 235 18.13 -17.58 -17.23
C PRO A 235 19.15 -18.21 -16.28
N GLU A 236 18.80 -18.18 -14.98
CA GLU A 236 19.57 -18.78 -13.91
C GLU A 236 18.58 -19.16 -12.82
N LEU A 237 18.59 -20.45 -12.42
CA LEU A 237 17.68 -20.93 -11.39
C LEU A 237 18.38 -20.95 -10.04
N SER A 238 17.73 -20.36 -9.04
CA SER A 238 18.19 -20.33 -7.66
C SER A 238 17.15 -21.04 -6.81
N PHE A 239 17.58 -21.70 -5.73
CA PHE A 239 16.70 -22.42 -4.80
C PHE A 239 17.38 -22.56 -3.44
N ILE A 240 16.58 -22.79 -2.39
CA ILE A 240 17.13 -23.01 -1.06
C ILE A 240 17.31 -24.51 -0.93
N GLY A 241 18.56 -24.96 -0.95
CA GLY A 241 18.92 -26.37 -0.82
C GLY A 241 19.19 -26.72 0.61
N TYR A 242 18.81 -27.93 1.02
CA TYR A 242 19.00 -28.39 2.40
C TYR A 242 19.77 -29.70 2.47
N MET A 243 20.85 -29.71 3.26
CA MET A 243 21.65 -30.90 3.50
C MET A 243 21.08 -31.51 4.76
N VAL A 244 20.38 -32.63 4.64
CA VAL A 244 19.76 -33.22 5.82
C VAL A 244 20.48 -34.50 6.26
N LYS A 245 20.91 -34.53 7.54
CA LYS A 245 21.57 -35.69 8.15
C LYS A 245 20.47 -36.62 8.67
N ASN A 246 20.45 -37.87 8.13
CA ASN A 246 19.50 -38.95 8.46
C ASN A 246 18.04 -38.49 8.39
N VAL A 247 17.61 -38.11 7.17
CA VAL A 247 16.26 -37.63 6.92
C VAL A 247 15.24 -38.75 7.10
N GLN A 248 14.11 -38.42 7.72
CA GLN A 248 13.03 -39.38 7.93
C GLN A 248 11.87 -38.98 7.01
N ILE A 249 11.92 -39.47 5.77
CA ILE A 249 10.93 -39.21 4.71
C ILE A 249 9.61 -39.91 5.03
N LYS A 250 8.50 -39.20 4.81
CA LYS A 250 7.13 -39.69 5.02
C LYS A 250 6.30 -39.37 3.75
N PRO A 251 5.26 -40.16 3.40
CA PRO A 251 4.45 -39.80 2.22
C PRO A 251 3.62 -38.53 2.45
N SER A 252 3.43 -37.76 1.36
CA SER A 252 2.72 -36.50 1.36
C SER A 252 1.71 -36.39 0.21
N PHE A 253 0.98 -35.27 0.16
CA PHE A 253 0.00 -34.99 -0.87
C PHE A 253 0.33 -33.68 -1.55
N ILE A 254 0.07 -33.59 -2.85
CA ILE A 254 0.32 -32.41 -3.66
C ILE A 254 -0.88 -32.07 -4.55
N GLU A 255 -1.14 -30.77 -4.76
CA GLU A 255 -2.20 -30.29 -5.63
C GLU A 255 -1.52 -29.80 -6.91
N LYS A 256 -1.89 -30.41 -8.05
CA LYS A 256 -1.31 -30.04 -9.35
C LYS A 256 -2.37 -29.34 -10.22
N PRO A 257 -2.06 -28.12 -10.75
CA PRO A 257 -3.05 -27.42 -11.58
C PRO A 257 -3.11 -27.93 -13.02
N ARG A 258 -4.33 -28.00 -13.55
CA ARG A 258 -4.69 -28.38 -14.93
C ARG A 258 -5.49 -27.24 -15.51
N ARG A 259 -5.21 -26.88 -16.75
CA ARG A 259 -5.89 -25.78 -17.42
C ARG A 259 -6.54 -26.28 -18.70
N VAL A 260 -7.77 -25.81 -18.95
CA VAL A 260 -8.54 -26.14 -20.16
C VAL A 260 -8.99 -24.81 -20.75
N ILE A 261 -8.58 -24.52 -22.01
CA ILE A 261 -8.97 -23.29 -22.69
C ILE A 261 -10.03 -23.66 -23.72
N GLY A 262 -11.22 -23.09 -23.55
CA GLY A 262 -12.37 -23.28 -24.42
C GLY A 262 -12.16 -22.76 -25.82
N GLN A 263 -13.01 -23.25 -26.75
CA GLN A 263 -12.98 -22.85 -28.15
C GLN A 263 -13.30 -21.35 -28.22
N ILE A 264 -12.60 -20.62 -29.09
CA ILE A 264 -12.76 -19.16 -29.21
C ILE A 264 -14.23 -18.77 -29.32
N ASN A 265 -14.74 -18.03 -28.30
CA ASN A 265 -16.10 -17.50 -28.07
C ASN A 265 -17.10 -18.54 -27.53
N GLN A 266 -16.69 -19.81 -27.35
CA GLN A 266 -17.57 -20.85 -26.85
C GLN A 266 -17.80 -20.76 -25.33
N PRO A 267 -19.08 -20.57 -24.90
CA PRO A 267 -19.36 -20.44 -23.46
C PRO A 267 -19.35 -21.77 -22.67
N THR A 268 -18.62 -22.78 -23.18
CA THR A 268 -18.48 -24.09 -22.54
C THR A 268 -17.04 -24.58 -22.64
N ALA A 269 -16.62 -25.35 -21.63
CA ALA A 269 -15.31 -26.00 -21.51
C ALA A 269 -15.47 -27.13 -20.50
N THR A 270 -14.82 -28.28 -20.77
CA THR A 270 -14.93 -29.46 -19.90
C THR A 270 -13.55 -29.96 -19.46
N VAL A 271 -13.45 -30.35 -18.18
CA VAL A 271 -12.25 -30.92 -17.59
C VAL A 271 -12.57 -32.40 -17.33
N THR A 272 -11.88 -33.30 -18.05
CA THR A 272 -12.09 -34.75 -17.95
C THR A 272 -11.27 -35.39 -16.83
N GLU A 273 -11.59 -36.65 -16.47
CA GLU A 273 -10.92 -37.45 -15.44
C GLU A 273 -10.74 -36.69 -14.10
N VAL A 274 -11.82 -36.07 -13.61
CA VAL A 274 -11.81 -35.37 -12.33
C VAL A 274 -12.19 -36.41 -11.29
N HIS A 275 -11.22 -36.85 -10.46
CA HIS A 275 -11.45 -37.87 -9.45
C HIS A 275 -11.35 -37.36 -8.01
N ALA A 276 -10.40 -36.43 -7.76
CA ALA A 276 -10.20 -35.82 -6.45
C ALA A 276 -9.70 -34.39 -6.62
N ALA A 277 -10.63 -33.42 -6.75
CA ALA A 277 -10.26 -32.03 -6.94
C ALA A 277 -10.43 -31.16 -5.69
N THR A 278 -9.43 -30.32 -5.43
CA THR A 278 -9.40 -29.41 -4.29
C THR A 278 -10.05 -28.06 -4.60
N SER A 279 -10.01 -27.62 -5.89
CA SER A 279 -10.58 -26.35 -6.36
C SER A 279 -10.85 -26.32 -7.87
N LEU A 280 -11.70 -25.35 -8.29
CA LEU A 280 -12.05 -25.09 -9.68
C LEU A 280 -12.22 -23.60 -9.94
N SER A 281 -11.37 -23.03 -10.80
CA SER A 281 -11.42 -21.60 -11.17
C SER A 281 -11.92 -21.41 -12.58
N VAL A 282 -12.71 -20.37 -12.80
CA VAL A 282 -13.29 -20.01 -14.11
C VAL A 282 -13.04 -18.53 -14.37
N TYR A 283 -12.45 -18.20 -15.52
CA TYR A 283 -12.22 -16.81 -15.96
C TYR A 283 -12.23 -16.70 -17.48
N THR A 284 -12.23 -15.45 -17.99
CA THR A 284 -12.26 -15.15 -19.43
C THR A 284 -10.98 -14.44 -19.83
N LYS A 285 -10.58 -14.66 -21.09
CA LYS A 285 -9.41 -14.05 -21.69
C LYS A 285 -9.78 -13.48 -23.06
N PRO A 286 -9.26 -12.30 -23.44
CA PRO A 286 -9.52 -11.80 -24.80
C PRO A 286 -8.60 -12.50 -25.80
N TYR A 287 -8.94 -12.43 -27.09
CA TYR A 287 -8.12 -13.01 -28.15
C TYR A 287 -7.95 -11.96 -29.23
N TYR A 288 -6.70 -11.67 -29.57
CA TYR A 288 -6.42 -10.62 -30.55
C TYR A 288 -5.71 -11.13 -31.82
N GLY A 289 -5.95 -12.40 -32.18
CA GLY A 289 -5.36 -13.02 -33.37
C GLY A 289 -5.95 -12.49 -34.68
N ASN A 290 -7.15 -11.87 -34.60
CA ASN A 290 -7.87 -11.27 -35.72
C ASN A 290 -7.50 -9.79 -35.91
N THR A 291 -6.55 -9.28 -35.08
CA THR A 291 -6.05 -7.90 -35.11
C THR A 291 -4.52 -7.94 -35.28
N ASP A 292 -3.91 -6.75 -35.45
CA ASP A 292 -2.45 -6.62 -35.58
C ASP A 292 -1.79 -6.36 -34.21
N ASN A 293 -2.59 -6.47 -33.12
CA ASN A 293 -2.22 -6.26 -31.71
C ASN A 293 -1.74 -4.82 -31.42
N LYS A 294 -2.11 -3.86 -32.29
CA LYS A 294 -1.78 -2.45 -32.15
C LYS A 294 -2.91 -1.74 -31.41
N PHE A 295 -2.54 -0.86 -30.45
CA PHE A 295 -3.46 -0.07 -29.63
C PHE A 295 -3.01 1.40 -29.69
N ILE A 296 -3.97 2.34 -29.59
CA ILE A 296 -3.68 3.78 -29.67
C ILE A 296 -2.74 4.25 -28.56
N SER A 297 -3.06 3.94 -27.29
CA SER A 297 -2.29 4.40 -26.13
C SER A 297 -1.88 3.32 -25.12
N TYR A 298 -0.91 3.68 -24.25
CA TYR A 298 -0.42 2.87 -23.13
C TYR A 298 0.13 3.77 -22.01
N PRO A 299 -0.31 3.57 -20.75
CA PRO A 299 0.14 4.46 -19.66
C PRO A 299 1.56 4.24 -19.13
N GLY A 300 2.14 3.08 -19.40
CA GLY A 300 3.50 2.74 -18.96
C GLY A 300 3.52 2.11 -17.59
N TYR A 301 4.37 2.65 -16.69
CA TYR A 301 4.52 2.18 -15.31
C TYR A 301 3.26 2.44 -14.49
N SER A 302 2.62 3.62 -14.69
CA SER A 302 1.38 4.02 -14.04
C SER A 302 0.28 3.07 -14.56
N GLN A 303 -0.26 2.19 -13.68
CA GLN A 303 -1.18 1.14 -14.11
C GLN A 303 -2.63 1.24 -13.58
N ASP A 304 -3.05 2.37 -12.99
CA ASP A 304 -4.43 2.52 -12.52
C ASP A 304 -5.40 2.66 -13.70
N GLU A 305 -6.70 2.40 -13.46
CA GLU A 305 -7.77 2.55 -14.45
C GLU A 305 -7.73 3.97 -15.04
N LYS A 306 -7.60 4.99 -14.15
CA LYS A 306 -7.51 6.41 -14.51
C LYS A 306 -6.27 6.68 -15.37
N ASP A 307 -5.14 6.01 -15.07
CA ASP A 307 -3.88 6.17 -15.80
C ASP A 307 -4.01 5.72 -17.26
N TYR A 308 -4.76 4.62 -17.51
CA TYR A 308 -5.04 4.08 -18.84
C TYR A 308 -5.90 5.06 -19.63
N ILE A 309 -6.94 5.61 -18.97
CA ILE A 309 -7.89 6.57 -19.52
C ILE A 309 -7.20 7.90 -19.87
N ASP A 310 -6.46 8.49 -18.91
CA ASP A 310 -5.72 9.75 -19.10
C ASP A 310 -4.74 9.70 -20.26
N ALA A 311 -4.07 8.56 -20.46
CA ALA A 311 -3.10 8.33 -21.54
C ALA A 311 -3.80 8.33 -22.89
N TYR A 312 -5.03 7.74 -22.97
CA TYR A 312 -5.86 7.68 -24.17
C TYR A 312 -6.33 9.08 -24.56
N VAL A 313 -6.90 9.82 -23.59
CA VAL A 313 -7.38 11.19 -23.73
C VAL A 313 -6.24 12.08 -24.26
N SER A 314 -5.05 11.99 -23.65
CA SER A 314 -3.86 12.74 -24.02
C SER A 314 -3.47 12.52 -25.50
N ARG A 315 -3.52 11.26 -25.96
CA ARG A 315 -3.18 10.87 -27.33
C ARG A 315 -4.15 11.44 -28.37
N LEU A 316 -5.45 11.51 -28.03
CA LEU A 316 -6.49 12.01 -28.92
C LEU A 316 -6.59 13.52 -28.99
N LEU A 317 -6.33 14.22 -27.86
CA LEU A 317 -6.44 15.68 -27.68
C LEU A 317 -5.79 16.56 -28.73
N ASP A 318 -4.57 16.23 -29.18
CA ASP A 318 -3.88 17.06 -30.17
C ASP A 318 -4.56 17.05 -31.55
N ASP A 319 -5.28 15.95 -31.87
CA ASP A 319 -6.05 15.77 -33.10
C ASP A 319 -7.51 16.23 -32.90
N LEU A 320 -8.02 16.13 -31.68
CA LEU A 320 -9.38 16.50 -31.31
C LEU A 320 -9.61 18.01 -31.38
N VAL A 321 -8.69 18.81 -30.81
CA VAL A 321 -8.77 20.27 -30.82
C VAL A 321 -7.53 20.85 -31.51
N ILE A 322 -7.77 21.50 -32.66
CA ILE A 322 -6.72 22.09 -33.51
C ILE A 322 -6.83 23.62 -33.60
N VAL A 323 -5.69 24.30 -33.44
CA VAL A 323 -5.59 25.76 -33.59
C VAL A 323 -4.83 25.94 -34.92
N SER A 324 -5.56 26.34 -35.96
CA SER A 324 -5.00 26.47 -37.31
C SER A 324 -5.43 27.75 -38.04
N ASP A 325 -4.61 28.17 -39.01
CA ASP A 325 -4.89 29.30 -39.90
C ASP A 325 -5.73 28.68 -41.02
N GLY A 326 -7.05 28.78 -40.89
CA GLY A 326 -7.99 28.19 -41.84
C GLY A 326 -8.22 26.71 -41.59
N PRO A 327 -8.96 26.00 -42.48
CA PRO A 327 -9.23 24.56 -42.24
C PRO A 327 -7.98 23.70 -42.07
N PRO A 328 -7.92 22.89 -40.97
CA PRO A 328 -6.71 22.07 -40.73
C PRO A 328 -6.42 21.05 -41.83
N THR A 329 -5.12 20.85 -42.12
CA THR A 329 -4.63 19.93 -43.14
C THR A 329 -3.97 18.70 -42.52
N GLY A 330 -3.85 17.64 -43.31
CA GLY A 330 -3.20 16.38 -42.92
C GLY A 330 -4.12 15.28 -42.44
N TYR A 331 -5.43 15.55 -42.40
CA TYR A 331 -6.45 14.59 -41.97
C TYR A 331 -7.16 13.97 -43.19
N PRO A 332 -7.73 12.73 -43.08
CA PRO A 332 -8.41 12.14 -44.25
C PRO A 332 -9.62 12.95 -44.72
N GLU A 333 -10.08 12.73 -45.97
CA GLU A 333 -11.26 13.44 -46.52
C GLU A 333 -12.51 13.09 -45.72
N SER A 334 -12.51 11.86 -45.16
CA SER A 334 -13.55 11.28 -44.33
C SER A 334 -13.77 12.08 -43.03
N ALA A 335 -12.74 12.80 -42.55
CA ALA A 335 -12.76 13.62 -41.34
C ALA A 335 -13.68 14.82 -41.49
N GLU A 336 -14.40 15.15 -40.41
CA GLU A 336 -15.33 16.27 -40.34
C GLU A 336 -14.88 17.25 -39.23
N ILE A 337 -13.93 18.13 -39.58
CA ILE A 337 -13.35 19.12 -38.68
C ILE A 337 -14.14 20.44 -38.81
N VAL A 338 -14.90 20.77 -37.76
CA VAL A 338 -15.80 21.93 -37.66
C VAL A 338 -15.15 23.06 -36.84
N GLU A 339 -15.28 24.33 -37.31
CA GLU A 339 -14.78 25.50 -36.59
C GLU A 339 -15.67 25.74 -35.39
N VAL A 340 -15.05 25.96 -34.22
CA VAL A 340 -15.77 26.19 -32.95
C VAL A 340 -16.41 27.60 -32.99
N PRO A 341 -17.74 27.72 -32.79
CA PRO A 341 -18.39 29.05 -32.81
C PRO A 341 -18.01 29.94 -31.62
N GLU A 342 -18.36 31.25 -31.70
CA GLU A 342 -18.10 32.25 -30.64
C GLU A 342 -18.73 31.81 -29.31
N ASP A 343 -19.84 31.04 -29.41
CA ASP A 343 -20.60 30.42 -28.34
C ASP A 343 -19.74 29.39 -27.58
N GLY A 344 -18.84 28.71 -28.31
CA GLY A 344 -17.94 27.70 -27.79
C GLY A 344 -18.46 26.28 -27.93
N ILE A 345 -19.78 26.14 -28.17
CA ILE A 345 -20.48 24.86 -28.29
C ILE A 345 -20.54 24.36 -29.74
N VAL A 346 -20.02 23.14 -29.96
CA VAL A 346 -20.04 22.42 -31.24
C VAL A 346 -20.98 21.23 -31.00
N SER A 347 -22.05 21.14 -31.80
CA SER A 347 -23.01 20.06 -31.64
C SER A 347 -22.79 18.94 -32.66
N ILE A 348 -22.45 17.74 -32.15
CA ILE A 348 -22.27 16.52 -32.93
C ILE A 348 -23.52 15.73 -32.59
N GLN A 349 -24.56 15.85 -33.43
CA GLN A 349 -25.89 15.26 -33.23
C GLN A 349 -26.48 15.80 -31.90
N ASP A 350 -26.82 14.90 -30.95
CA ASP A 350 -27.36 15.20 -29.63
CA ASP A 350 -27.37 15.30 -29.66
C ASP A 350 -26.29 15.68 -28.64
N ALA A 351 -25.01 15.33 -28.90
CA ALA A 351 -23.88 15.65 -28.03
C ALA A 351 -23.29 17.04 -28.28
N ASP A 352 -23.20 17.86 -27.20
CA ASP A 352 -22.65 19.22 -27.25
C ASP A 352 -21.26 19.25 -26.64
N VAL A 353 -20.28 19.78 -27.39
CA VAL A 353 -18.89 19.86 -26.95
C VAL A 353 -18.49 21.33 -26.78
N TYR A 354 -18.16 21.72 -25.55
CA TYR A 354 -17.73 23.07 -25.20
C TYR A 354 -16.21 23.18 -25.36
N VAL A 355 -15.74 23.95 -26.34
CA VAL A 355 -14.30 24.11 -26.61
C VAL A 355 -13.92 25.59 -26.47
N LYS A 356 -13.05 25.91 -25.51
CA LYS A 356 -12.58 27.27 -25.27
C LYS A 356 -11.07 27.30 -25.00
N ILE A 357 -10.29 27.78 -25.98
CA ILE A 357 -8.83 27.89 -25.88
C ILE A 357 -8.42 29.37 -25.74
N ASP A 358 -7.53 29.66 -24.78
CA ASP A 358 -7.00 31.01 -24.51
C ASP A 358 -5.77 31.28 -25.37
N ASN A 359 -5.46 32.59 -25.56
CA ASN A 359 -4.33 33.13 -26.32
C ASN A 359 -4.21 32.54 -27.75
N VAL A 360 -5.34 32.48 -28.46
CA VAL A 360 -5.39 32.01 -29.85
C VAL A 360 -4.98 33.19 -30.73
N PRO A 361 -3.99 33.03 -31.64
CA PRO A 361 -3.60 34.15 -32.51
C PRO A 361 -4.75 34.68 -33.35
N ASP A 362 -4.66 35.95 -33.79
CA ASP A 362 -5.70 36.60 -34.58
C ASP A 362 -5.91 35.97 -35.96
N ASN A 363 -4.82 35.49 -36.60
CA ASN A 363 -4.85 34.86 -37.92
C ASN A 363 -5.36 33.40 -37.89
N MET A 364 -5.47 32.81 -36.67
CA MET A 364 -5.90 31.43 -36.44
C MET A 364 -7.26 31.30 -35.74
N SER A 365 -7.91 30.13 -35.89
CA SER A 365 -9.21 29.75 -35.30
C SER A 365 -9.13 28.40 -34.59
N VAL A 366 -10.11 28.12 -33.71
CA VAL A 366 -10.21 26.86 -32.96
C VAL A 366 -11.14 25.91 -33.71
N TYR A 367 -10.67 24.68 -33.95
CA TYR A 367 -11.38 23.64 -34.68
C TYR A 367 -11.57 22.38 -33.82
N LEU A 368 -12.71 21.68 -34.01
CA LEU A 368 -13.00 20.43 -33.32
C LEU A 368 -13.20 19.30 -34.32
N HIS A 369 -12.48 18.18 -34.13
CA HIS A 369 -12.61 16.99 -34.95
C HIS A 369 -13.86 16.28 -34.42
N THR A 370 -14.97 16.34 -35.19
CA THR A 370 -16.26 15.78 -34.76
C THR A 370 -16.41 14.27 -34.98
N ASN A 371 -15.43 13.62 -35.65
CA ASN A 371 -15.48 12.17 -35.89
C ASN A 371 -14.10 11.51 -35.88
N LEU A 372 -13.30 11.78 -34.83
CA LEU A 372 -11.93 11.25 -34.67
C LEU A 372 -11.85 9.74 -34.87
N LEU A 373 -12.76 8.99 -34.22
CA LEU A 373 -12.91 7.54 -34.34
C LEU A 373 -14.40 7.22 -34.34
N MET A 374 -14.88 6.60 -35.43
CA MET A 374 -16.30 6.26 -35.56
C MET A 374 -16.52 4.82 -36.02
N PHE A 375 -17.62 4.22 -35.56
CA PHE A 375 -18.00 2.84 -35.88
C PHE A 375 -19.51 2.69 -36.01
N GLY A 376 -19.91 1.93 -37.02
CA GLY A 376 -21.30 1.61 -37.34
C GLY A 376 -21.35 0.49 -38.35
N THR A 377 -22.37 -0.38 -38.23
CA THR A 377 -22.52 -1.51 -39.14
C THR A 377 -23.48 -1.16 -40.31
N ARG A 378 -24.25 -0.05 -40.20
CA ARG A 378 -25.18 0.47 -41.22
C ARG A 378 -24.94 1.98 -41.46
N LYS A 379 -25.24 2.49 -42.68
CA LYS A 379 -24.97 3.86 -43.10
C LYS A 379 -25.83 4.96 -42.43
N ASN A 380 -27.12 4.69 -42.15
CA ASN A 380 -27.97 5.69 -41.50
C ASN A 380 -28.51 5.21 -40.14
N SER A 381 -27.68 4.45 -39.41
CA SER A 381 -28.03 3.87 -38.11
C SER A 381 -27.26 4.55 -36.96
N PHE A 382 -27.15 3.85 -35.81
CA PHE A 382 -26.45 4.28 -34.62
C PHE A 382 -24.95 4.25 -34.89
N ILE A 383 -24.25 5.29 -34.42
CA ILE A 383 -22.80 5.44 -34.56
C ILE A 383 -22.16 5.51 -33.18
N TYR A 384 -21.00 4.85 -33.03
CA TYR A 384 -20.20 4.95 -31.82
C TYR A 384 -19.06 5.91 -32.18
N ASN A 385 -19.16 7.17 -31.71
CA ASN A 385 -18.19 8.22 -32.01
C ASN A 385 -17.41 8.63 -30.76
N ILE A 386 -16.05 8.61 -30.85
CA ILE A 386 -15.19 8.94 -29.72
C ILE A 386 -15.22 10.45 -29.40
N SER A 387 -15.52 11.30 -30.40
CA SER A 387 -15.59 12.75 -30.24
C SER A 387 -16.83 13.14 -29.44
N LYS A 388 -17.89 12.32 -29.53
CA LYS A 388 -19.15 12.52 -28.79
C LYS A 388 -18.98 12.19 -27.29
N LYS A 389 -17.88 11.49 -26.93
CA LYS A 389 -17.56 11.10 -25.55
C LYS A 389 -16.87 12.24 -24.76
N PHE A 390 -16.76 13.45 -25.36
CA PHE A 390 -16.19 14.66 -24.76
C PHE A 390 -17.28 15.71 -24.55
N SER A 391 -17.26 16.43 -23.41
CA SER A 391 -18.24 17.47 -23.13
C SER A 391 -17.62 18.87 -22.98
N ALA A 392 -16.40 18.95 -22.42
CA ALA A 392 -15.69 20.21 -22.24
C ALA A 392 -14.19 20.07 -22.42
N ILE A 393 -13.59 20.98 -23.22
CA ILE A 393 -12.15 21.03 -23.48
C ILE A 393 -11.68 22.47 -23.31
N THR A 394 -10.81 22.71 -22.31
CA THR A 394 -10.23 24.02 -22.02
C THR A 394 -8.71 23.95 -22.03
N GLY A 395 -8.09 25.01 -22.50
CA GLY A 395 -6.63 25.11 -22.58
C GLY A 395 -6.14 26.48 -22.98
N THR A 396 -4.82 26.59 -23.18
CA THR A 396 -4.16 27.83 -23.58
C THR A 396 -3.15 27.50 -24.68
N TYR A 397 -3.21 28.27 -25.80
CA TYR A 397 -2.30 28.09 -26.93
C TYR A 397 -0.95 28.72 -26.61
N SER A 398 0.13 27.97 -26.84
CA SER A 398 1.50 28.39 -26.64
C SER A 398 2.07 28.89 -27.97
N ASP A 399 2.40 30.19 -28.04
CA ASP A 399 2.97 30.81 -29.23
C ASP A 399 4.39 30.29 -29.44
N ALA A 400 5.13 30.07 -28.33
CA ALA A 400 6.52 29.61 -28.31
C ALA A 400 6.71 28.20 -28.87
N THR A 401 5.83 27.24 -28.50
CA THR A 401 5.93 25.84 -28.95
C THR A 401 4.91 25.49 -30.04
N LYS A 402 4.03 26.45 -30.42
CA LYS A 402 2.99 26.30 -31.46
C LYS A 402 2.07 25.09 -31.20
N ARG A 403 1.72 24.88 -29.92
CA ARG A 403 0.84 23.79 -29.52
C ARG A 403 -0.16 24.26 -28.47
N THR A 404 -1.20 23.48 -28.23
CA THR A 404 -2.25 23.80 -27.27
C THR A 404 -1.94 23.04 -25.99
N ILE A 405 -1.87 23.77 -24.86
CA ILE A 405 -1.59 23.18 -23.55
C ILE A 405 -2.94 23.07 -22.86
N PHE A 406 -3.50 21.86 -22.82
CA PHE A 406 -4.81 21.57 -22.25
C PHE A 406 -4.83 21.64 -20.73
N ALA A 407 -5.80 22.38 -20.17
CA ALA A 407 -5.96 22.61 -18.74
C ALA A 407 -6.87 21.57 -18.08
N HIS A 408 -8.13 21.47 -18.53
CA HIS A 408 -9.10 20.53 -17.96
C HIS A 408 -10.03 19.96 -19.03
N ILE A 409 -10.21 18.63 -19.02
CA ILE A 409 -11.03 17.89 -19.97
C ILE A 409 -12.17 17.17 -19.25
N SER A 410 -13.41 17.38 -19.70
CA SER A 410 -14.59 16.70 -19.18
C SER A 410 -15.00 15.69 -20.24
N HIS A 411 -14.88 14.39 -19.90
CA HIS A 411 -15.18 13.30 -20.82
C HIS A 411 -15.81 12.09 -20.14
N SER A 412 -16.34 11.15 -20.96
CA SER A 412 -16.96 9.91 -20.52
C SER A 412 -16.18 8.70 -21.09
N ILE A 413 -14.87 8.88 -21.34
CA ILE A 413 -13.97 7.81 -21.82
C ILE A 413 -13.84 6.77 -20.72
N ASN A 414 -13.93 5.49 -21.08
CA ASN A 414 -13.85 4.36 -20.16
C ASN A 414 -12.66 3.44 -20.48
N ILE A 415 -12.39 2.46 -19.59
CA ILE A 415 -11.30 1.49 -19.72
C ILE A 415 -11.42 0.65 -21.01
N ILE A 416 -12.67 0.43 -21.50
CA ILE A 416 -12.93 -0.33 -22.73
C ILE A 416 -12.36 0.41 -23.95
N ASP A 417 -12.57 1.75 -24.03
CA ASP A 417 -12.07 2.61 -25.11
C ASP A 417 -10.57 2.48 -25.29
N THR A 418 -9.83 2.46 -24.17
CA THR A 418 -8.37 2.33 -24.14
C THR A 418 -7.93 0.91 -24.52
N SER A 419 -8.86 -0.07 -24.45
CA SER A 419 -8.61 -1.49 -24.72
C SER A 419 -9.02 -1.96 -26.13
N ILE A 420 -9.54 -1.04 -26.98
CA ILE A 420 -9.95 -1.39 -28.35
C ILE A 420 -8.74 -1.48 -29.28
N PRO A 421 -8.48 -2.63 -29.94
CA PRO A 421 -7.39 -2.69 -30.92
C PRO A 421 -7.74 -1.81 -32.13
N VAL A 422 -6.74 -1.10 -32.68
CA VAL A 422 -6.88 -0.16 -33.82
C VAL A 422 -7.55 -0.84 -35.03
N SER A 423 -7.24 -2.14 -35.29
CA SER A 423 -7.78 -2.96 -36.38
C SER A 423 -9.30 -2.92 -36.41
N LEU A 424 -9.96 -2.95 -35.24
CA LEU A 424 -11.41 -2.96 -35.11
C LEU A 424 -12.07 -1.64 -35.49
N TRP A 425 -11.30 -0.53 -35.52
CA TRP A 425 -11.84 0.76 -35.95
C TRP A 425 -11.93 0.80 -37.47
N THR A 426 -10.97 0.17 -38.16
CA THR A 426 -10.89 0.10 -39.63
C THR A 426 -11.28 -1.30 -40.15
N SER A 427 -12.10 -2.05 -39.38
CA SER A 427 -12.53 -3.39 -39.76
C SER A 427 -13.58 -3.37 -40.89
N GLN A 428 -13.79 -4.54 -41.55
CA GLN A 428 -14.75 -4.71 -42.65
C GLN A 428 -16.19 -4.39 -42.21
N ARG A 429 -16.57 -4.78 -40.97
CA ARG A 429 -17.89 -4.58 -40.34
C ARG A 429 -18.31 -3.11 -40.35
N ASN A 430 -17.32 -2.20 -40.30
CA ASN A 430 -17.51 -0.75 -40.26
C ASN A 430 -17.77 -0.14 -41.63
N VAL A 431 -18.94 0.52 -41.77
CA VAL A 431 -19.37 1.23 -42.98
C VAL A 431 -18.56 2.51 -43.20
N TYR A 432 -18.02 3.08 -42.11
CA TYR A 432 -17.21 4.31 -42.10
C TYR A 432 -15.74 4.00 -42.31
N ASN A 433 -14.91 5.05 -42.49
CA ASN A 433 -13.46 4.94 -42.64
C ASN A 433 -12.89 4.40 -41.32
N GLY A 434 -13.41 4.94 -40.21
CA GLY A 434 -13.08 4.51 -38.86
C GLY A 434 -12.04 5.35 -38.14
N ASP A 435 -10.79 5.29 -38.62
CA ASP A 435 -9.68 6.02 -38.04
C ASP A 435 -9.43 7.31 -38.83
N ASN A 436 -9.93 8.44 -38.29
CA ASN A 436 -9.79 9.75 -38.92
C ASN A 436 -8.71 10.62 -38.25
N ARG A 437 -7.76 9.96 -37.55
CA ARG A 437 -6.63 10.59 -36.89
C ARG A 437 -5.57 11.00 -37.91
N SER A 438 -4.63 11.84 -37.49
CA SER A 438 -3.51 12.27 -38.33
C SER A 438 -2.51 11.12 -38.46
N ALA A 439 -1.61 11.20 -39.45
CA ALA A 439 -0.57 10.20 -39.70
C ALA A 439 0.42 10.15 -38.55
N GLU A 440 0.62 11.29 -37.86
CA GLU A 440 1.50 11.48 -36.70
C GLU A 440 1.00 10.65 -35.53
N SER A 441 -0.33 10.73 -35.25
CA SER A 441 -1.03 10.01 -34.19
C SER A 441 -0.97 8.51 -34.46
N LYS A 442 -1.32 8.09 -35.70
CA LYS A 442 -1.33 6.69 -36.15
C LYS A 442 0.04 6.02 -36.05
N ALA A 443 1.12 6.81 -36.26
CA ALA A 443 2.52 6.36 -36.19
C ALA A 443 2.95 6.08 -34.74
N LYS A 444 2.27 6.70 -33.76
CA LYS A 444 2.54 6.55 -32.32
C LYS A 444 1.81 5.33 -31.69
N ASP A 445 1.04 4.56 -32.49
CA ASP A 445 0.32 3.38 -32.00
C ASP A 445 1.30 2.30 -31.56
N LEU A 446 0.97 1.60 -30.46
CA LEU A 446 1.85 0.59 -29.86
C LEU A 446 1.31 -0.83 -29.94
N PHE A 447 2.22 -1.78 -30.23
CA PHE A 447 1.92 -3.21 -30.26
C PHE A 447 1.93 -3.74 -28.83
N ILE A 448 0.82 -4.35 -28.38
CA ILE A 448 0.71 -4.94 -27.04
C ILE A 448 0.32 -6.41 -27.20
N ASN A 449 1.17 -7.31 -26.69
CA ASN A 449 0.96 -8.76 -26.82
C ASN A 449 0.99 -9.49 -25.46
N ASP A 450 0.67 -8.76 -24.35
CA ASP A 450 0.66 -9.29 -22.98
C ASP A 450 -0.10 -10.61 -22.92
N PRO A 451 0.58 -11.71 -22.52
CA PRO A 451 -0.10 -13.01 -22.55
C PRO A 451 -1.12 -13.25 -21.46
N PHE A 452 -1.08 -12.44 -20.37
CA PHE A 452 -1.94 -12.64 -19.20
C PHE A 452 -3.08 -11.62 -19.04
N ILE A 453 -3.65 -11.14 -20.15
CA ILE A 453 -4.79 -10.21 -20.09
C ILE A 453 -6.06 -11.03 -19.79
N LYS A 454 -6.93 -10.50 -18.92
CA LYS A 454 -8.20 -11.14 -18.57
C LYS A 454 -9.37 -10.22 -18.93
N GLY A 455 -10.52 -10.82 -19.25
CA GLY A 455 -11.73 -10.09 -19.61
C GLY A 455 -11.66 -9.50 -20.99
N ILE A 456 -12.19 -8.28 -21.17
CA ILE A 456 -12.18 -7.59 -22.47
C ILE A 456 -11.48 -6.22 -22.37
N ASP A 457 -10.94 -5.89 -21.19
CA ASP A 457 -10.20 -4.66 -20.97
C ASP A 457 -8.90 -4.93 -20.20
N PHE A 458 -7.88 -4.06 -20.38
CA PHE A 458 -6.56 -4.19 -19.76
C PHE A 458 -6.58 -4.33 -18.23
N LYS A 459 -7.56 -3.71 -17.55
CA LYS A 459 -7.69 -3.78 -16.10
C LYS A 459 -8.67 -4.87 -15.60
N ASN A 460 -9.28 -5.64 -16.53
CA ASN A 460 -10.25 -6.71 -16.23
C ASN A 460 -11.44 -6.18 -15.37
N LYS A 461 -11.82 -4.91 -15.61
CA LYS A 461 -12.88 -4.19 -14.90
C LYS A 461 -14.26 -4.73 -15.27
N THR A 462 -14.57 -4.78 -16.58
CA THR A 462 -15.86 -5.23 -17.10
C THR A 462 -16.09 -6.72 -16.86
N ASP A 463 -17.17 -7.07 -16.12
CA ASP A 463 -17.53 -8.47 -15.89
C ASP A 463 -18.48 -8.83 -17.02
N ILE A 464 -18.06 -9.77 -17.87
CA ILE A 464 -18.84 -10.16 -19.05
C ILE A 464 -19.59 -11.49 -18.84
N ILE A 465 -19.49 -12.08 -17.63
CA ILE A 465 -20.19 -13.32 -17.28
C ILE A 465 -21.45 -12.97 -16.45
N SER A 466 -22.64 -13.33 -16.99
CA SER A 466 -23.94 -13.11 -16.36
C SER A 466 -24.34 -14.31 -15.48
N ARG A 467 -23.89 -15.52 -15.86
CA ARG A 467 -24.22 -16.75 -15.15
C ARG A 467 -23.12 -17.81 -15.30
N LEU A 468 -22.87 -18.55 -14.20
CA LEU A 468 -21.92 -19.66 -14.15
C LEU A 468 -22.64 -20.91 -13.69
N GLU A 469 -22.45 -22.00 -14.46
CA GLU A 469 -23.04 -23.29 -14.18
C GLU A 469 -21.95 -24.31 -14.23
N VAL A 470 -21.73 -24.98 -13.11
CA VAL A 470 -20.72 -26.02 -12.97
C VAL A 470 -21.44 -27.34 -12.73
N ARG A 471 -21.13 -28.34 -13.56
CA ARG A 471 -21.72 -29.67 -13.48
C ARG A 471 -20.67 -30.74 -13.26
N PHE A 472 -20.94 -31.63 -12.30
CA PHE A 472 -20.07 -32.77 -12.04
C PHE A 472 -20.82 -33.98 -12.58
N GLY A 473 -20.37 -34.45 -13.74
CA GLY A 473 -21.02 -35.54 -14.44
C GLY A 473 -22.24 -35.00 -15.16
N ASN A 474 -23.44 -35.35 -14.68
CA ASN A 474 -24.71 -34.91 -15.26
C ASN A 474 -25.42 -33.91 -14.36
N ASP A 475 -25.14 -34.01 -13.04
CA ASP A 475 -25.72 -33.21 -11.97
C ASP A 475 -25.10 -31.83 -11.82
N VAL A 476 -25.95 -30.82 -11.54
CA VAL A 476 -25.53 -29.44 -11.32
C VAL A 476 -24.86 -29.36 -9.95
N LEU A 477 -23.56 -29.09 -9.94
CA LEU A 477 -22.77 -28.97 -8.72
C LEU A 477 -22.92 -27.58 -8.09
N TYR A 478 -22.83 -26.52 -8.93
CA TYR A 478 -22.91 -25.14 -8.49
C TYR A 478 -23.42 -24.22 -9.59
N SER A 479 -24.31 -23.31 -9.22
CA SER A 479 -24.90 -22.32 -10.11
C SER A 479 -24.94 -20.94 -9.45
N GLU A 480 -24.54 -19.89 -10.19
CA GLU A 480 -24.54 -18.51 -9.69
C GLU A 480 -24.78 -17.46 -10.79
N ASN A 481 -25.40 -16.34 -10.41
CA ASN A 481 -25.63 -15.23 -11.32
C ASN A 481 -24.55 -14.17 -11.08
N GLY A 482 -24.55 -13.60 -9.88
CA GLY A 482 -23.53 -12.64 -9.46
C GLY A 482 -22.19 -13.34 -9.21
N PRO A 483 -21.05 -12.62 -9.21
CA PRO A 483 -19.76 -13.29 -9.00
C PRO A 483 -19.44 -13.54 -7.52
N ILE A 484 -20.34 -14.20 -6.78
CA ILE A 484 -20.16 -14.47 -5.35
C ILE A 484 -18.96 -15.43 -5.10
N SER A 485 -18.65 -16.33 -6.06
CA SER A 485 -17.51 -17.23 -5.96
C SER A 485 -16.19 -16.42 -6.05
N ARG A 486 -16.19 -15.31 -6.84
CA ARG A 486 -15.04 -14.41 -7.00
C ARG A 486 -14.86 -13.61 -5.70
N ILE A 487 -15.97 -13.16 -5.09
CA ILE A 487 -15.99 -12.40 -3.83
C ILE A 487 -15.39 -13.27 -2.72
N TYR A 488 -15.74 -14.58 -2.71
CA TYR A 488 -15.20 -15.53 -1.73
C TYR A 488 -13.74 -15.81 -1.97
N ASN A 489 -13.33 -15.95 -3.24
CA ASN A 489 -11.94 -16.18 -3.61
C ASN A 489 -11.07 -15.01 -3.12
N GLU A 490 -11.51 -13.77 -3.41
CA GLU A 490 -10.85 -12.55 -3.00
C GLU A 490 -10.74 -12.41 -1.48
N LEU A 491 -11.79 -12.80 -0.72
CA LEU A 491 -11.78 -12.75 0.75
C LEU A 491 -10.87 -13.80 1.36
N LEU A 492 -11.09 -15.07 0.99
CA LEU A 492 -10.34 -16.23 1.52
C LEU A 492 -8.86 -16.25 1.14
N THR A 493 -8.46 -15.56 0.04
CA THR A 493 -7.05 -15.52 -0.37
C THR A 493 -6.42 -14.13 -0.15
N LYS A 494 -7.18 -13.18 0.43
CA LYS A 494 -6.77 -11.78 0.71
C LYS A 494 -6.15 -11.15 -0.55
N SER A 495 -6.85 -11.30 -1.68
CA SER A 495 -6.44 -10.82 -3.01
C SER A 495 -7.46 -9.82 -3.54
N ASN A 496 -7.02 -8.83 -4.31
CA ASN A 496 -7.90 -7.81 -4.88
C ASN A 496 -8.26 -8.09 -6.33
N ASN A 497 -7.56 -9.06 -6.95
CA ASN A 497 -7.79 -9.49 -8.33
C ASN A 497 -7.90 -11.03 -8.36
N GLY A 498 -9.09 -11.52 -8.02
CA GLY A 498 -9.39 -12.95 -7.98
C GLY A 498 -10.26 -13.42 -9.14
N THR A 499 -10.58 -14.73 -9.16
CA THR A 499 -11.41 -15.37 -10.19
C THR A 499 -12.55 -16.15 -9.55
N ARG A 500 -13.62 -16.44 -10.33
CA ARG A 500 -14.78 -17.23 -9.88
C ARG A 500 -14.25 -18.63 -9.53
N THR A 501 -14.01 -18.86 -8.23
CA THR A 501 -13.39 -20.09 -7.74
C THR A 501 -14.26 -20.86 -6.74
N LEU A 502 -14.36 -22.17 -6.95
CA LEU A 502 -15.04 -23.10 -6.07
C LEU A 502 -13.97 -23.85 -5.30
N THR A 503 -13.92 -23.64 -3.98
CA THR A 503 -12.93 -24.29 -3.13
C THR A 503 -13.57 -25.46 -2.41
N PHE A 504 -13.03 -26.66 -2.61
CA PHE A 504 -13.54 -27.87 -1.98
C PHE A 504 -12.74 -28.24 -0.74
N ASN A 505 -11.52 -27.67 -0.59
CA ASN A 505 -10.64 -27.93 0.54
C ASN A 505 -10.49 -26.72 1.47
N PHE A 506 -10.97 -26.86 2.70
CA PHE A 506 -10.87 -25.85 3.76
C PHE A 506 -10.07 -26.41 4.94
N THR A 507 -9.41 -27.56 4.71
CA THR A 507 -8.57 -28.26 5.68
C THR A 507 -7.12 -27.75 5.56
N PRO A 508 -6.43 -27.42 6.70
CA PRO A 508 -5.05 -26.93 6.61
C PRO A 508 -4.11 -27.82 5.78
N LYS A 509 -3.32 -27.19 4.92
CA LYS A 509 -2.37 -27.88 4.05
C LYS A 509 -1.20 -28.47 4.84
N ILE A 510 -0.55 -29.49 4.24
CA ILE A 510 0.64 -30.21 4.72
C ILE A 510 0.30 -31.16 5.89
N PHE A 511 -0.27 -30.63 6.98
CA PHE A 511 -0.58 -31.38 8.19
C PHE A 511 -1.78 -32.30 8.05
N PHE A 512 -2.67 -32.01 7.09
CA PHE A 512 -3.85 -32.83 6.83
C PHE A 512 -3.95 -33.26 5.38
N ARG A 513 -4.65 -34.38 5.12
CA ARG A 513 -4.92 -34.88 3.77
C ARG A 513 -5.99 -33.94 3.21
N PRO A 514 -5.75 -33.26 2.07
CA PRO A 514 -6.75 -32.31 1.54
C PRO A 514 -8.11 -32.92 1.24
N THR A 515 -9.17 -32.15 1.54
CA THR A 515 -10.56 -32.52 1.28
C THR A 515 -10.78 -32.31 -0.21
N THR A 516 -11.44 -33.28 -0.87
CA THR A 516 -11.67 -33.20 -2.32
C THR A 516 -13.09 -33.57 -2.72
N ILE A 517 -13.49 -33.15 -3.93
CA ILE A 517 -14.75 -33.55 -4.53
C ILE A 517 -14.44 -34.92 -5.16
N THR A 518 -15.07 -35.98 -4.64
CA THR A 518 -14.79 -37.35 -5.10
C THR A 518 -15.70 -37.81 -6.23
N ALA A 519 -15.10 -38.53 -7.20
CA ALA A 519 -15.77 -39.06 -8.39
C ALA A 519 -16.55 -40.34 -8.14
N ASN A 520 -17.43 -40.68 -9.09
CA ASN A 520 -18.23 -41.90 -9.12
C ASN A 520 -18.24 -42.35 -10.59
N VAL A 521 -17.22 -43.16 -10.97
CA VAL A 521 -17.01 -43.67 -12.33
C VAL A 521 -18.27 -44.39 -12.87
N SER A 522 -18.90 -45.23 -12.04
CA SER A 522 -20.11 -45.98 -12.38
C SER A 522 -21.31 -45.06 -12.71
N ARG A 523 -21.55 -44.02 -11.87
CA ARG A 523 -22.63 -43.05 -12.04
C ARG A 523 -22.36 -41.99 -13.13
N GLY A 524 -21.13 -41.95 -13.65
CA GLY A 524 -20.70 -41.02 -14.70
C GLY A 524 -20.16 -39.70 -14.23
N LYS A 525 -20.08 -39.49 -12.89
CA LYS A 525 -19.58 -38.27 -12.27
C LYS A 525 -18.03 -38.27 -12.23
N ASP A 526 -17.39 -38.13 -13.41
CA ASP A 526 -15.93 -38.14 -13.53
C ASP A 526 -15.38 -36.99 -14.39
N LYS A 527 -16.21 -35.94 -14.59
CA LYS A 527 -15.84 -34.76 -15.37
C LYS A 527 -16.51 -33.49 -14.85
N LEU A 528 -15.82 -32.33 -14.99
CA LEU A 528 -16.36 -31.03 -14.59
C LEU A 528 -16.68 -30.21 -15.81
N SER A 529 -17.98 -29.99 -16.04
CA SER A 529 -18.48 -29.24 -17.19
C SER A 529 -18.93 -27.85 -16.77
N VAL A 530 -18.24 -26.83 -17.31
CA VAL A 530 -18.53 -25.42 -17.03
C VAL A 530 -19.32 -24.84 -18.23
N ARG A 531 -20.45 -24.20 -17.93
CA ARG A 531 -21.30 -23.52 -18.91
C ARG A 531 -21.58 -22.11 -18.41
N VAL A 532 -21.21 -21.12 -19.22
CA VAL A 532 -21.42 -19.72 -18.87
C VAL A 532 -22.43 -19.03 -19.79
N VAL A 533 -22.96 -17.90 -19.32
CA VAL A 533 -23.87 -17.05 -20.08
C VAL A 533 -23.14 -15.72 -20.16
N TYR A 534 -22.62 -15.40 -21.34
CA TYR A 534 -21.92 -14.13 -21.54
C TYR A 534 -22.96 -13.03 -21.72
N SER A 535 -22.72 -11.85 -21.14
CA SER A 535 -23.63 -10.72 -21.32
C SER A 535 -23.45 -10.20 -22.74
N THR A 536 -24.57 -10.08 -23.46
CA THR A 536 -24.65 -9.65 -24.85
C THR A 536 -24.35 -8.13 -24.97
N MET A 537 -23.51 -7.77 -25.95
CA MET A 537 -23.05 -6.41 -26.22
C MET A 537 -23.70 -5.80 -27.46
N ASP A 538 -23.57 -4.47 -27.64
CA ASP A 538 -24.10 -3.74 -28.80
C ASP A 538 -23.18 -3.98 -30.00
N VAL A 539 -23.77 -4.38 -31.15
CA VAL A 539 -23.06 -4.67 -32.40
C VAL A 539 -22.38 -3.44 -32.99
N ASN A 540 -22.84 -2.23 -32.60
CA ASN A 540 -22.30 -0.96 -33.11
C ASN A 540 -21.14 -0.41 -32.27
N HIS A 541 -20.76 -1.15 -31.21
CA HIS A 541 -19.64 -0.82 -30.34
C HIS A 541 -18.46 -1.73 -30.74
N PRO A 542 -17.27 -1.17 -31.06
CA PRO A 542 -16.14 -2.01 -31.50
C PRO A 542 -15.72 -3.15 -30.57
N ILE A 543 -15.99 -3.05 -29.24
CA ILE A 543 -15.63 -4.09 -28.28
C ILE A 543 -16.34 -5.44 -28.54
N TYR A 544 -17.53 -5.40 -29.17
CA TYR A 544 -18.32 -6.57 -29.53
C TYR A 544 -17.50 -7.58 -30.33
N TYR A 545 -16.55 -7.08 -31.14
CA TYR A 545 -15.71 -7.85 -32.05
C TYR A 545 -14.39 -8.31 -31.43
N VAL A 546 -14.23 -8.13 -30.10
CA VAL A 546 -13.08 -8.66 -29.37
C VAL A 546 -13.46 -10.09 -29.03
N GLN A 547 -12.66 -11.03 -29.54
CA GLN A 547 -12.87 -12.47 -29.35
C GLN A 547 -12.63 -12.85 -27.89
N LYS A 548 -13.46 -13.74 -27.33
CA LYS A 548 -13.34 -14.22 -25.94
C LYS A 548 -12.85 -15.67 -25.92
N GLN A 549 -12.29 -16.13 -24.79
CA GLN A 549 -11.86 -17.50 -24.54
C GLN A 549 -12.10 -17.83 -23.07
N LEU A 550 -12.89 -18.91 -22.80
CA LEU A 550 -13.21 -19.35 -21.45
C LEU A 550 -12.07 -20.23 -20.93
N VAL A 551 -11.55 -19.89 -19.74
CA VAL A 551 -10.45 -20.63 -19.10
C VAL A 551 -10.99 -21.32 -17.85
N VAL A 552 -10.79 -22.64 -17.76
CA VAL A 552 -11.20 -23.46 -16.61
C VAL A 552 -9.96 -24.12 -16.00
N VAL A 553 -9.68 -23.83 -14.72
CA VAL A 553 -8.52 -24.37 -14.00
C VAL A 553 -9.00 -25.35 -12.92
N CYS A 554 -8.43 -26.57 -12.93
CA CYS A 554 -8.78 -27.63 -11.99
C CYS A 554 -7.54 -28.09 -11.24
N ASN A 555 -7.62 -28.17 -9.90
CA ASN A 555 -6.52 -28.62 -9.05
C ASN A 555 -6.82 -30.03 -8.55
N ASP A 556 -6.12 -31.04 -9.12
CA ASP A 556 -6.31 -32.45 -8.75
C ASP A 556 -5.33 -32.84 -7.63
N LEU A 557 -5.76 -33.77 -6.76
CA LEU A 557 -4.93 -34.26 -5.68
C LEU A 557 -4.11 -35.46 -6.12
N TYR A 558 -2.81 -35.42 -5.80
CA TYR A 558 -1.83 -36.46 -6.09
C TYR A 558 -1.13 -36.86 -4.80
N LYS A 559 -0.71 -38.13 -4.70
CA LYS A 559 0.06 -38.63 -3.55
C LYS A 559 1.52 -38.69 -3.97
N VAL A 560 2.41 -38.10 -3.14
CA VAL A 560 3.85 -38.09 -3.38
C VAL A 560 4.48 -39.24 -2.60
N SER A 561 5.03 -40.23 -3.33
CA SER A 561 5.68 -41.41 -2.77
C SER A 561 7.16 -41.41 -3.14
N TYR A 562 8.03 -41.64 -2.14
CA TYR A 562 9.48 -41.60 -2.32
C TYR A 562 10.10 -43.01 -2.44
N ASP A 563 9.25 -44.04 -2.65
CA ASP A 563 9.67 -45.43 -2.86
C ASP A 563 10.18 -45.54 -4.30
N GLN A 564 11.43 -46.00 -4.47
CA GLN A 564 12.13 -46.14 -5.76
C GLN A 564 12.16 -44.78 -6.52
N GLY A 565 12.70 -43.77 -5.86
CA GLY A 565 12.80 -42.40 -6.36
C GLY A 565 11.53 -41.60 -6.10
N VAL A 566 11.54 -40.31 -6.49
CA VAL A 566 10.36 -39.44 -6.29
C VAL A 566 9.33 -39.71 -7.39
N SER A 567 8.09 -40.01 -6.99
CA SER A 567 6.99 -40.30 -7.91
C SER A 567 5.66 -39.79 -7.39
N ILE A 568 4.78 -39.34 -8.29
CA ILE A 568 3.45 -38.85 -7.95
C ILE A 568 2.37 -39.81 -8.48
N THR A 569 1.29 -40.00 -7.73
CA THR A 569 0.19 -40.89 -8.12
C THR A 569 -1.14 -40.17 -8.01
N LYS A 570 -1.95 -40.23 -9.07
CA LYS A 570 -3.26 -39.58 -9.10
C LYS A 570 -4.25 -40.31 -8.19
N ILE A 571 -4.87 -39.57 -7.26
CA ILE A 571 -5.89 -40.10 -6.34
C ILE A 571 -7.15 -40.39 -7.16
N MET A 572 -7.53 -41.67 -7.25
CA MET A 572 -8.69 -42.11 -8.04
C MET A 572 -9.58 -43.08 -7.28
N MET B 26 -28.39 -26.92 0.26
CA MET B 26 -27.46 -27.90 -0.28
C MET B 26 -28.10 -28.72 -1.40
N ASN B 27 -27.40 -28.84 -2.54
CA ASN B 27 -27.88 -29.59 -3.70
C ASN B 27 -27.67 -31.11 -3.55
N ASN B 28 -28.51 -31.89 -4.25
CA ASN B 28 -28.57 -33.36 -4.25
C ASN B 28 -27.26 -34.09 -4.56
N THR B 29 -26.44 -33.55 -5.49
CA THR B 29 -25.17 -34.17 -5.90
C THR B 29 -24.14 -34.27 -4.76
N ILE B 30 -24.10 -33.26 -3.87
CA ILE B 30 -23.19 -33.21 -2.71
C ILE B 30 -23.67 -34.19 -1.62
N ILE B 31 -25.01 -34.33 -1.47
CA ILE B 31 -25.65 -35.24 -0.50
C ILE B 31 -25.33 -36.70 -0.84
N ASN B 32 -25.45 -37.06 -2.14
CA ASN B 32 -25.16 -38.40 -2.67
C ASN B 32 -23.67 -38.77 -2.56
N SER B 33 -22.78 -37.78 -2.64
CA SER B 33 -21.32 -37.93 -2.55
C SER B 33 -20.83 -38.37 -1.15
N LEU B 34 -21.62 -38.10 -0.10
CA LEU B 34 -21.27 -38.43 1.29
C LEU B 34 -22.12 -39.56 1.90
N ILE B 35 -23.44 -39.61 1.61
CA ILE B 35 -24.36 -40.61 2.14
C ILE B 35 -24.05 -42.02 1.63
N ASP B 39 -15.91 -45.88 4.69
CA ASP B 39 -16.67 -45.63 5.91
C ASP B 39 -15.93 -46.13 7.15
N SER B 40 -16.02 -45.35 8.25
CA SER B 40 -15.40 -45.60 9.57
C SER B 40 -13.89 -45.94 9.48
N ILE B 41 -13.09 -44.87 9.32
CA ILE B 41 -11.63 -44.81 9.24
C ILE B 41 -11.24 -43.79 10.34
N LYS B 42 -10.10 -43.98 11.03
CA LYS B 42 -9.66 -43.06 12.09
C LYS B 42 -9.46 -41.65 11.53
N ARG B 43 -10.36 -40.73 11.89
CA ARG B 43 -10.36 -39.36 11.39
C ARG B 43 -10.09 -38.32 12.48
N SER B 44 -9.29 -37.29 12.14
CA SER B 44 -8.96 -36.17 13.01
C SER B 44 -10.11 -35.15 12.96
N ASN B 45 -10.55 -34.68 14.13
CA ASN B 45 -11.63 -33.68 14.22
C ASN B 45 -11.17 -32.35 13.68
N VAL B 46 -11.82 -31.91 12.61
CA VAL B 46 -11.52 -30.67 11.89
C VAL B 46 -12.64 -29.65 12.11
N PHE B 47 -13.71 -30.06 12.81
CA PHE B 47 -14.86 -29.20 13.11
C PHE B 47 -14.99 -28.85 14.60
N ALA B 48 -14.07 -29.32 15.45
CA ALA B 48 -14.05 -29.04 16.89
C ALA B 48 -12.68 -29.27 17.50
N VAL B 49 -12.39 -28.55 18.60
CA VAL B 49 -11.13 -28.68 19.33
C VAL B 49 -11.37 -28.50 20.84
N ASP B 50 -10.51 -29.14 21.67
CA ASP B 50 -10.59 -29.04 23.11
C ASP B 50 -9.90 -27.74 23.53
N SER B 51 -10.70 -26.77 24.06
CA SER B 51 -10.21 -25.47 24.51
C SER B 51 -9.41 -25.62 25.79
N GLN B 52 -8.08 -25.86 25.64
CA GLN B 52 -7.14 -26.04 26.74
C GLN B 52 -7.06 -24.83 27.67
N ILE B 53 -7.04 -25.07 28.99
CA ILE B 53 -6.95 -24.02 29.99
C ILE B 53 -5.51 -23.48 30.00
N PRO B 54 -5.30 -22.19 29.69
CA PRO B 54 -3.95 -21.63 29.71
C PRO B 54 -3.47 -21.32 31.13
N THR B 55 -2.19 -20.94 31.28
CA THR B 55 -1.61 -20.53 32.56
C THR B 55 -2.40 -19.30 33.03
N LEU B 56 -2.69 -19.21 34.33
CA LEU B 56 -3.45 -18.07 34.84
C LEU B 56 -2.54 -16.85 34.92
N TYR B 57 -2.86 -15.82 34.13
CA TYR B 57 -2.09 -14.58 34.08
C TYR B 57 -2.96 -13.36 33.84
N MET B 58 -2.35 -12.18 34.01
CA MET B 58 -3.00 -10.90 33.81
C MET B 58 -2.02 -9.90 33.17
N PRO B 59 -2.31 -9.38 31.96
CA PRO B 59 -1.39 -8.41 31.36
C PRO B 59 -1.70 -6.97 31.79
N GLN B 60 -0.70 -6.08 31.66
CA GLN B 60 -0.84 -4.65 31.98
C GLN B 60 0.20 -3.82 31.25
N TYR B 61 -0.23 -2.70 30.63
CA TYR B 61 0.68 -1.77 29.97
C TYR B 61 1.30 -0.91 31.07
N ILE B 62 2.63 -1.00 31.24
CA ILE B 62 3.36 -0.27 32.28
C ILE B 62 4.30 0.76 31.64
N SER B 63 4.27 2.01 32.13
CA SER B 63 5.11 3.11 31.65
C SER B 63 6.02 3.62 32.78
N LEU B 64 7.31 3.86 32.48
CA LEU B 64 8.31 4.33 33.43
C LEU B 64 9.15 5.46 32.89
N SER B 65 9.50 6.40 33.78
CA SER B 65 10.40 7.51 33.45
C SER B 65 11.81 7.00 33.77
N GLY B 66 12.80 7.52 33.05
CA GLY B 66 14.19 7.09 33.22
C GLY B 66 15.07 8.00 34.05
N VAL B 67 16.38 7.80 33.91
CA VAL B 67 17.41 8.57 34.58
C VAL B 67 18.37 9.00 33.47
N MET B 68 18.43 10.31 33.22
CA MET B 68 19.28 10.87 32.17
C MET B 68 20.71 11.14 32.62
N THR B 69 21.69 10.70 31.81
CA THR B 69 23.14 10.84 32.02
C THR B 69 23.77 11.50 30.79
N ASN B 70 24.83 12.31 30.97
CA ASN B 70 25.55 12.99 29.90
C ASN B 70 27.06 12.93 30.11
N ASP B 74 31.83 12.24 25.78
CA ASP B 74 31.44 13.17 24.70
C ASP B 74 30.07 13.79 25.02
N ASN B 75 29.65 13.71 26.31
CA ASN B 75 28.38 14.17 26.86
C ASN B 75 27.17 13.54 26.15
N GLN B 76 27.32 12.25 25.77
CA GLN B 76 26.32 11.43 25.09
C GLN B 76 25.15 11.16 26.04
N ALA B 77 23.92 11.39 25.58
CA ALA B 77 22.69 11.19 26.37
C ALA B 77 22.37 9.71 26.54
N ILE B 78 22.20 9.28 27.80
CA ILE B 78 21.90 7.89 28.16
C ILE B 78 20.75 7.86 29.17
N ALA B 79 19.69 7.10 28.85
CA ALA B 79 18.52 6.92 29.70
C ALA B 79 18.51 5.51 30.26
N SER B 80 18.34 5.38 31.59
CA SER B 80 18.28 4.09 32.28
C SER B 80 16.92 3.86 32.92
N PHE B 81 16.30 2.73 32.58
CA PHE B 81 14.98 2.33 33.09
C PHE B 81 15.15 1.05 33.89
N GLU B 82 14.87 1.11 35.21
CA GLU B 82 14.96 -0.05 36.10
C GLU B 82 13.60 -0.65 36.33
N ILE B 83 13.47 -1.95 36.04
CA ILE B 83 12.24 -2.74 36.21
C ILE B 83 12.49 -3.79 37.32
N ARG B 84 11.85 -3.59 38.49
CA ARG B 84 11.93 -4.49 39.65
C ARG B 84 10.56 -4.50 40.30
N ASP B 85 9.87 -5.64 40.23
CA ASP B 85 8.54 -5.85 40.78
C ASP B 85 8.30 -7.34 40.97
N GLN B 86 7.71 -7.71 42.11
CA GLN B 86 7.39 -9.11 42.44
C GLN B 86 6.28 -9.63 41.54
N TYR B 87 5.32 -8.75 41.19
CA TYR B 87 4.16 -9.07 40.35
C TYR B 87 4.52 -9.18 38.84
N ILE B 88 5.36 -8.29 38.28
CA ILE B 88 5.76 -8.39 36.86
C ILE B 88 6.64 -9.66 36.69
N THR B 89 6.00 -10.78 36.28
CA THR B 89 6.66 -12.08 36.09
C THR B 89 7.43 -12.13 34.78
N ALA B 90 6.76 -11.70 33.68
CA ALA B 90 7.31 -11.66 32.33
C ALA B 90 6.97 -10.33 31.67
N LEU B 91 7.77 -9.93 30.66
CA LEU B 91 7.53 -8.70 29.91
C LEU B 91 7.97 -8.79 28.44
N ASN B 92 7.29 -8.04 27.56
CA ASN B 92 7.58 -7.92 26.14
C ASN B 92 6.98 -6.62 25.54
N HIS B 93 7.20 -6.38 24.23
CA HIS B 93 6.72 -5.22 23.46
C HIS B 93 7.15 -3.88 24.08
N LEU B 94 8.46 -3.60 24.01
CA LEU B 94 9.04 -2.37 24.53
C LEU B 94 8.77 -1.24 23.54
N VAL B 95 8.22 -0.12 24.04
CA VAL B 95 7.88 1.07 23.24
C VAL B 95 8.46 2.30 23.95
N LEU B 96 9.35 3.03 23.27
CA LEU B 96 9.97 4.23 23.82
C LEU B 96 9.30 5.49 23.30
N SER B 97 8.77 6.30 24.21
CA SER B 97 8.11 7.58 23.90
C SER B 97 9.14 8.68 23.94
N LEU B 98 9.01 9.68 23.05
CA LEU B 98 9.92 10.82 23.01
C LEU B 98 9.20 12.13 22.76
N GLU B 99 9.46 13.10 23.65
CA GLU B 99 8.87 14.42 23.61
C GLU B 99 9.72 15.37 22.78
N LEU B 100 9.27 15.65 21.55
CA LEU B 100 9.93 16.59 20.66
C LEU B 100 9.49 18.02 21.05
N PRO B 101 10.42 18.93 21.33
CA PRO B 101 10.02 20.27 21.79
C PRO B 101 9.56 21.19 20.68
N GLU B 102 8.99 22.35 21.06
CA GLU B 102 8.58 23.40 20.14
C GLU B 102 9.88 24.00 19.60
N VAL B 103 9.99 24.10 18.28
CA VAL B 103 11.17 24.67 17.65
C VAL B 103 10.80 26.07 17.17
N LYS B 104 11.49 27.08 17.72
CA LYS B 104 11.26 28.49 17.42
C LYS B 104 12.50 29.16 16.81
N GLY B 105 12.28 30.26 16.11
CA GLY B 105 13.36 31.05 15.51
C GLY B 105 13.25 31.24 14.02
N MET B 106 14.41 31.54 13.41
CA MET B 106 14.52 31.75 11.97
C MET B 106 15.29 30.63 11.31
N GLY B 107 15.08 30.52 10.01
CA GLY B 107 15.74 29.52 9.18
C GLY B 107 14.86 28.34 8.82
N ARG B 108 15.42 27.43 8.00
N ARG B 108 15.42 27.44 7.99
CA ARG B 108 14.76 26.21 7.56
CA ARG B 108 14.75 26.21 7.54
C ARG B 108 15.10 25.07 8.51
C ARG B 108 15.09 25.08 8.51
N PHE B 109 14.07 24.31 8.95
CA PHE B 109 14.21 23.19 9.88
C PHE B 109 13.16 22.11 9.63
N GLY B 110 13.58 20.86 9.79
CA GLY B 110 12.74 19.67 9.66
C GLY B 110 13.43 18.47 10.28
N TYR B 111 12.64 17.45 10.63
CA TYR B 111 13.17 16.22 11.21
C TYR B 111 13.37 15.18 10.12
N VAL B 112 14.35 14.27 10.32
CA VAL B 112 14.61 13.16 9.40
C VAL B 112 13.39 12.19 9.43
N PRO B 113 13.03 11.48 8.32
CA PRO B 113 11.91 10.54 8.40
C PRO B 113 12.22 9.46 9.43
N TYR B 114 11.19 9.03 10.20
CA TYR B 114 11.30 8.02 11.26
C TYR B 114 12.27 8.50 12.35
N VAL B 115 12.13 9.80 12.71
CA VAL B 115 12.94 10.54 13.70
C VAL B 115 13.20 9.74 14.98
N GLY B 116 12.19 9.03 15.47
CA GLY B 116 12.26 8.21 16.67
C GLY B 116 13.32 7.14 16.64
N TYR B 117 13.41 6.39 15.52
CA TYR B 117 14.42 5.33 15.37
C TYR B 117 15.81 5.92 15.18
N LYS B 118 15.88 7.06 14.48
CA LYS B 118 17.13 7.76 14.17
C LYS B 118 17.83 8.37 15.39
N CYS B 119 17.08 8.69 16.46
CA CYS B 119 17.74 9.25 17.65
C CYS B 119 18.25 8.15 18.61
N ILE B 120 18.03 6.87 18.26
CA ILE B 120 18.50 5.72 19.02
C ILE B 120 19.90 5.35 18.51
N ASN B 121 20.87 5.26 19.43
CA ASN B 121 22.25 4.85 19.11
C ASN B 121 22.46 3.40 19.51
N HIS B 122 21.94 3.00 20.68
CA HIS B 122 22.09 1.66 21.25
C HIS B 122 21.02 1.39 22.31
N VAL B 123 20.49 0.16 22.32
CA VAL B 123 19.52 -0.30 23.33
C VAL B 123 20.14 -1.52 23.99
N SER B 124 20.15 -1.55 25.32
CA SER B 124 20.72 -2.64 26.09
C SER B 124 19.76 -3.10 27.20
N ILE B 125 19.43 -4.40 27.22
CA ILE B 125 18.59 -5.02 28.25
C ILE B 125 19.53 -5.90 29.07
N SER B 126 19.69 -5.56 30.35
CA SER B 126 20.60 -6.29 31.24
C SER B 126 20.00 -6.64 32.60
N SER B 127 20.55 -7.70 33.23
CA SER B 127 20.19 -8.15 34.57
C SER B 127 21.43 -8.01 35.45
N CYS B 128 21.37 -8.54 36.69
CA CYS B 128 22.51 -8.50 37.61
C CYS B 128 23.66 -9.45 37.19
N ASN B 129 23.36 -10.42 36.29
CA ASN B 129 24.34 -11.36 35.74
C ASN B 129 25.08 -10.77 34.51
N GLY B 130 24.52 -9.70 33.93
CA GLY B 130 25.06 -9.01 32.76
C GLY B 130 24.04 -8.71 31.68
N VAL B 131 24.52 -8.38 30.46
CA VAL B 131 23.66 -8.06 29.29
C VAL B 131 22.93 -9.31 28.83
N ILE B 132 21.59 -9.23 28.68
CA ILE B 132 20.73 -10.32 28.19
C ILE B 132 20.64 -10.21 26.66
N TRP B 133 20.37 -8.99 26.16
CA TRP B 133 20.22 -8.67 24.75
C TRP B 133 20.55 -7.21 24.53
N GLU B 134 21.19 -6.90 23.40
CA GLU B 134 21.54 -5.54 23.01
C GLU B 134 21.53 -5.37 21.49
N ILE B 135 21.35 -4.14 21.02
CA ILE B 135 21.30 -3.82 19.59
C ILE B 135 21.85 -2.43 19.29
N GLU B 136 22.41 -2.26 18.08
CA GLU B 136 22.86 -0.97 17.57
C GLU B 136 21.63 -0.29 16.97
N GLY B 137 21.59 1.04 17.03
CA GLY B 137 20.48 1.86 16.52
C GLY B 137 20.00 1.49 15.13
N GLU B 138 20.94 1.36 14.16
CA GLU B 138 20.65 1.02 12.77
C GLU B 138 20.05 -0.37 12.60
N GLU B 139 20.50 -1.34 13.42
CA GLU B 139 20.02 -2.71 13.36
C GLU B 139 18.56 -2.82 13.84
N LEU B 140 18.20 -2.06 14.91
CA LEU B 140 16.83 -1.99 15.42
C LEU B 140 15.92 -1.43 14.32
N TYR B 141 16.39 -0.37 13.63
CA TYR B 141 15.69 0.28 12.52
C TYR B 141 15.52 -0.72 11.37
N ASN B 142 16.59 -1.46 11.04
CA ASN B 142 16.59 -2.47 9.98
C ASN B 142 15.57 -3.57 10.26
N ASN B 143 15.46 -3.98 11.54
CA ASN B 143 14.52 -5.00 11.99
C ASN B 143 13.07 -4.53 11.93
N CYS B 144 12.83 -3.20 11.98
CA CYS B 144 11.48 -2.62 11.95
C CYS B 144 11.11 -1.98 10.62
N ILE B 145 12.05 -1.99 9.63
CA ILE B 145 11.88 -1.38 8.31
C ILE B 145 10.66 -1.93 7.53
N ASN B 146 10.24 -3.18 7.81
CA ASN B 146 9.10 -3.83 7.19
C ASN B 146 7.79 -3.60 7.92
N ASN B 147 7.86 -2.92 9.09
CA ASN B 147 6.70 -2.63 9.92
C ASN B 147 6.27 -1.16 9.69
N THR B 148 5.29 -0.97 8.79
CA THR B 148 4.77 0.34 8.41
C THR B 148 4.25 1.13 9.62
N ILE B 149 3.45 0.45 10.48
CA ILE B 149 2.85 1.03 11.69
C ILE B 149 3.92 1.53 12.67
N ALA B 150 4.95 0.69 12.96
CA ALA B 150 6.07 1.05 13.85
C ALA B 150 6.85 2.24 13.29
N LEU B 151 7.03 2.28 11.96
CA LEU B 151 7.72 3.38 11.29
C LEU B 151 6.91 4.68 11.37
N LYS B 152 5.57 4.60 11.22
CA LYS B 152 4.69 5.78 11.31
C LYS B 152 4.73 6.40 12.71
N HIS B 153 4.55 5.56 13.75
CA HIS B 153 4.57 5.96 15.16
C HIS B 153 5.87 6.68 15.53
N SER B 154 6.97 6.24 14.90
CA SER B 154 8.35 6.73 15.03
C SER B 154 8.49 8.21 14.68
N GLY B 155 7.66 8.68 13.75
CA GLY B 155 7.68 10.06 13.30
C GLY B 155 7.82 10.17 11.80
N TYR B 156 6.68 10.02 11.10
CA TYR B 156 6.63 10.13 9.64
C TYR B 156 5.35 10.86 9.23
N SER B 157 5.44 12.19 9.21
CA SER B 157 4.34 13.11 8.89
C SER B 157 4.86 14.33 8.16
N SER B 158 3.96 15.07 7.49
CA SER B 158 4.30 16.33 6.82
C SER B 158 4.64 17.36 7.88
N GLU B 159 3.98 17.26 9.06
CA GLU B 159 4.18 18.13 10.23
C GLU B 159 5.63 18.08 10.71
N LEU B 160 6.24 16.87 10.73
CA LEU B 160 7.61 16.65 11.22
C LEU B 160 8.70 16.65 10.16
N ASN B 161 8.45 16.02 9.01
CA ASN B 161 9.47 15.79 7.99
C ASN B 161 9.56 16.83 6.87
N ASP B 162 8.53 17.68 6.67
CA ASP B 162 8.65 18.73 5.66
C ASP B 162 9.56 19.83 6.23
N ILE B 163 10.39 20.44 5.37
CA ILE B 163 11.32 21.47 5.80
C ILE B 163 10.58 22.82 5.97
N SER B 164 10.20 23.13 7.23
CA SER B 164 9.47 24.34 7.59
C SER B 164 10.41 25.54 7.72
N ILE B 165 9.90 26.75 7.44
CA ILE B 165 10.69 27.97 7.50
C ILE B 165 10.16 28.95 8.57
N GLY B 166 11.09 29.47 9.38
CA GLY B 166 10.84 30.47 10.41
C GLY B 166 11.23 31.84 9.89
N LEU B 167 10.28 32.79 9.90
CA LEU B 167 10.49 34.14 9.37
C LEU B 167 10.97 35.18 10.39
N THR B 168 10.52 35.07 11.66
CA THR B 168 10.88 35.99 12.74
C THR B 168 11.55 35.23 13.89
N PRO B 169 12.39 35.87 14.76
CA PRO B 169 13.02 35.11 15.87
C PRO B 169 12.08 34.46 16.88
N ASN B 170 10.77 34.80 16.84
CA ASN B 170 9.75 34.25 17.73
C ASN B 170 8.74 33.35 17.02
N ASP B 171 8.92 33.17 15.69
CA ASP B 171 8.06 32.34 14.85
C ASP B 171 8.25 30.85 15.21
N THR B 172 7.14 30.10 15.26
CA THR B 172 7.17 28.67 15.55
C THR B 172 7.40 27.92 14.25
N ILE B 173 8.54 27.22 14.17
CA ILE B 173 8.93 26.39 13.02
C ILE B 173 8.21 25.03 13.15
N LYS B 174 8.37 24.37 14.31
CA LYS B 174 7.77 23.07 14.61
C LYS B 174 7.02 23.10 15.94
N GLU B 175 5.78 22.60 15.94
CA GLU B 175 4.96 22.51 17.14
C GLU B 175 5.43 21.28 17.98
N PRO B 176 5.31 21.31 19.34
CA PRO B 176 5.75 20.13 20.12
C PRO B 176 4.95 18.87 19.78
N SER B 177 5.64 17.73 19.69
CA SER B 177 5.05 16.45 19.28
C SER B 177 5.61 15.29 20.09
N THR B 178 4.86 14.18 20.17
CA THR B 178 5.31 12.97 20.86
C THR B 178 5.43 11.84 19.84
N VAL B 179 6.60 11.19 19.80
CA VAL B 179 6.88 10.08 18.90
C VAL B 179 7.07 8.77 19.70
N TYR B 180 6.67 7.63 19.10
CA TYR B 180 6.72 6.32 19.74
C TYR B 180 7.59 5.35 18.94
N VAL B 181 8.63 4.83 19.57
CA VAL B 181 9.63 3.94 18.96
C VAL B 181 9.44 2.51 19.48
N TYR B 182 9.03 1.60 18.60
CA TYR B 182 8.86 0.20 18.98
C TYR B 182 10.23 -0.52 19.03
N ILE B 183 10.74 -0.75 20.26
CA ILE B 183 12.00 -1.46 20.49
C ILE B 183 11.71 -2.96 20.33
N LYS B 184 11.72 -3.45 19.07
CA LYS B 184 11.49 -4.86 18.75
C LYS B 184 12.59 -5.70 19.37
N THR B 185 12.20 -6.72 20.14
CA THR B 185 13.10 -7.64 20.82
C THR B 185 12.75 -9.09 20.46
N PRO B 186 13.63 -10.10 20.70
CA PRO B 186 13.27 -11.49 20.39
C PRO B 186 12.13 -12.04 21.26
N PHE B 187 11.70 -11.27 22.28
CA PHE B 187 10.66 -11.63 23.23
C PHE B 187 9.24 -11.43 22.70
N ASP B 188 9.08 -10.79 21.53
CA ASP B 188 7.77 -10.49 20.95
C ASP B 188 7.33 -11.52 19.91
N VAL B 189 8.28 -12.33 19.39
CA VAL B 189 8.10 -13.36 18.35
C VAL B 189 6.82 -14.19 18.56
N GLU B 190 6.71 -14.88 19.71
CA GLU B 190 5.56 -15.73 20.04
C GLU B 190 4.83 -15.25 21.30
N ASP B 191 4.66 -13.92 21.41
CA ASP B 191 3.97 -13.20 22.48
C ASP B 191 4.37 -13.66 23.89
N THR B 192 3.45 -14.32 24.63
CA THR B 192 3.68 -14.80 26.00
C THR B 192 4.73 -15.90 26.08
N PHE B 193 4.79 -16.77 25.05
CA PHE B 193 5.73 -17.89 24.97
C PHE B 193 7.18 -17.42 24.91
N SER B 194 7.43 -16.33 24.15
CA SER B 194 8.75 -15.76 23.94
C SER B 194 9.17 -14.68 24.95
N SER B 195 8.22 -14.11 25.71
CA SER B 195 8.42 -13.01 26.69
C SER B 195 9.66 -13.13 27.59
N LEU B 196 10.20 -11.97 28.02
CA LEU B 196 11.36 -11.93 28.92
C LEU B 196 10.87 -12.25 30.32
N LYS B 197 11.29 -13.41 30.86
CA LYS B 197 10.87 -13.81 32.20
C LYS B 197 11.85 -13.35 33.27
N LEU B 198 11.42 -12.39 34.10
CA LEU B 198 12.21 -11.84 35.20
C LEU B 198 12.21 -12.87 36.33
N SER B 199 13.34 -13.57 36.53
CA SER B 199 13.44 -14.61 37.58
C SER B 199 13.72 -13.94 38.93
N ASP B 200 12.71 -13.19 39.45
CA ASP B 200 12.76 -12.43 40.71
C ASP B 200 14.05 -11.57 40.82
N SER B 201 14.38 -10.89 39.70
CA SER B 201 15.57 -10.03 39.56
C SER B 201 15.22 -8.68 38.90
N LYS B 202 16.17 -7.72 39.00
CA LYS B 202 16.05 -6.38 38.43
C LYS B 202 16.49 -6.40 36.96
N ILE B 203 15.70 -5.75 36.10
CA ILE B 203 15.99 -5.65 34.66
C ILE B 203 16.21 -4.18 34.32
N THR B 204 17.37 -3.86 33.72
CA THR B 204 17.71 -2.50 33.33
C THR B 204 17.70 -2.36 31.80
N VAL B 205 16.94 -1.36 31.32
CA VAL B 205 16.85 -1.04 29.90
C VAL B 205 17.58 0.29 29.73
N THR B 206 18.73 0.24 29.04
CA THR B 206 19.59 1.40 28.80
C THR B 206 19.49 1.85 27.35
N VAL B 207 19.09 3.11 27.12
CA VAL B 207 18.95 3.66 25.78
C VAL B 207 19.95 4.79 25.57
N THR B 208 20.93 4.57 24.69
CA THR B 208 21.94 5.57 24.33
C THR B 208 21.39 6.32 23.13
N PHE B 209 21.47 7.65 23.16
CA PHE B 209 20.94 8.50 22.10
C PHE B 209 22.01 9.14 21.23
N ASN B 210 21.72 9.30 19.94
CA ASN B 210 22.59 9.95 18.97
C ASN B 210 22.50 11.46 19.20
N PRO B 211 23.52 12.29 18.82
CA PRO B 211 23.36 13.74 18.97
C PRO B 211 22.20 14.25 18.11
N VAL B 212 21.48 15.29 18.57
CA VAL B 212 20.31 15.86 17.87
C VAL B 212 20.63 16.29 16.41
N SER B 213 21.92 16.45 16.06
CA SER B 213 22.37 16.81 14.70
C SER B 213 22.02 15.72 13.68
N ASP B 214 21.98 14.45 14.15
CA ASP B 214 21.66 13.28 13.34
C ASP B 214 20.20 13.23 12.89
N ILE B 215 19.29 13.81 13.69
CA ILE B 215 17.85 13.76 13.45
C ILE B 215 17.25 15.05 12.89
N VAL B 216 18.11 16.03 12.57
CA VAL B 216 17.68 17.35 12.09
C VAL B 216 18.26 17.72 10.72
N ILE B 217 17.40 18.25 9.82
CA ILE B 217 17.76 18.76 8.51
C ILE B 217 17.50 20.28 8.57
N ARG B 218 18.58 21.06 8.50
CA ARG B 218 18.53 22.52 8.64
C ARG B 218 19.49 23.29 7.70
N ASP B 219 19.19 24.59 7.46
CA ASP B 219 20.05 25.46 6.63
C ASP B 219 20.97 26.30 7.54
N SER B 220 21.89 27.10 6.94
CA SER B 220 22.85 27.95 7.67
C SER B 220 22.16 29.00 8.55
N SER B 221 21.02 29.55 8.06
CA SER B 221 20.19 30.55 8.74
C SER B 221 19.70 30.08 10.11
N PHE B 222 19.34 28.78 10.26
CA PHE B 222 18.87 28.20 11.52
C PHE B 222 19.98 28.19 12.57
N ASP B 223 19.64 28.63 13.80
CA ASP B 223 20.59 28.66 14.90
C ASP B 223 20.70 27.28 15.52
N PHE B 224 21.58 26.44 14.95
CA PHE B 224 21.78 25.09 15.47
C PHE B 224 22.49 25.09 16.83
N GLU B 225 23.52 25.96 16.99
CA GLU B 225 24.31 26.09 18.22
C GLU B 225 23.44 26.27 19.47
N THR B 226 22.40 27.15 19.40
CA THR B 226 21.44 27.40 20.48
C THR B 226 20.58 26.15 20.70
N PHE B 227 20.00 25.61 19.60
CA PHE B 227 19.14 24.43 19.59
C PHE B 227 19.83 23.24 20.25
N ASN B 228 21.05 22.88 19.79
CA ASN B 228 21.88 21.79 20.31
C ASN B 228 22.07 21.86 21.82
N LYS B 229 22.35 23.08 22.35
CA LYS B 229 22.55 23.35 23.77
C LYS B 229 21.22 23.23 24.54
N GLU B 230 20.15 23.86 24.03
CA GLU B 230 18.81 23.88 24.63
C GLU B 230 18.06 22.54 24.60
N PHE B 231 18.31 21.71 23.58
CA PHE B 231 17.65 20.42 23.37
C PHE B 231 18.01 19.37 24.42
N VAL B 232 16.99 18.62 24.86
CA VAL B 232 17.10 17.52 25.81
C VAL B 232 16.18 16.38 25.39
N TYR B 233 16.69 15.14 25.46
CA TYR B 233 15.90 13.95 25.14
C TYR B 233 14.99 13.65 26.33
N VAL B 234 13.67 13.63 26.10
CA VAL B 234 12.68 13.38 27.15
C VAL B 234 12.02 12.00 26.89
N PRO B 235 12.62 10.91 27.43
CA PRO B 235 12.07 9.58 27.15
C PRO B 235 11.18 8.98 28.24
N GLU B 236 10.41 7.95 27.85
CA GLU B 236 9.53 7.17 28.72
C GLU B 236 9.42 5.78 28.10
N LEU B 237 9.74 4.74 28.89
CA LEU B 237 9.67 3.36 28.42
C LEU B 237 8.36 2.71 28.84
N SER B 238 7.67 2.11 27.87
CA SER B 238 6.43 1.37 28.08
C SER B 238 6.67 -0.07 27.66
N PHE B 239 5.98 -1.01 28.30
CA PHE B 239 6.07 -2.45 27.99
C PHE B 239 4.81 -3.18 28.45
N ILE B 240 4.55 -4.36 27.89
CA ILE B 240 3.41 -5.17 28.32
C ILE B 240 3.94 -6.11 29.39
N GLY B 241 3.53 -5.85 30.63
CA GLY B 241 3.92 -6.66 31.79
C GLY B 241 2.90 -7.75 32.03
N TYR B 242 3.37 -8.94 32.44
CA TYR B 242 2.50 -10.08 32.69
C TYR B 242 2.63 -10.57 34.13
N MET B 243 1.51 -10.58 34.86
CA MET B 243 1.52 -11.08 36.22
C MET B 243 1.00 -12.49 36.15
N VAL B 244 1.90 -13.45 36.34
CA VAL B 244 1.61 -14.88 36.20
C VAL B 244 1.51 -15.61 37.54
N LYS B 245 0.43 -16.43 37.69
CA LYS B 245 0.19 -17.26 38.85
C LYS B 245 0.86 -18.62 38.60
N ASN B 246 1.84 -18.98 39.47
CA ASN B 246 2.62 -20.22 39.44
C ASN B 246 3.22 -20.51 38.06
N VAL B 247 4.13 -19.61 37.64
CA VAL B 247 4.81 -19.70 36.35
C VAL B 247 5.76 -20.91 36.33
N GLN B 248 5.78 -21.64 35.21
CA GLN B 248 6.67 -22.77 35.04
C GLN B 248 7.73 -22.39 34.00
N ILE B 249 8.81 -21.75 34.48
CA ILE B 249 9.92 -21.27 33.65
C ILE B 249 10.75 -22.44 33.10
N LYS B 250 11.13 -22.35 31.82
CA LYS B 250 11.95 -23.34 31.12
C LYS B 250 13.09 -22.61 30.38
N PRO B 251 14.27 -23.23 30.16
CA PRO B 251 15.33 -22.52 29.42
C PRO B 251 14.99 -22.37 27.92
N SER B 252 15.48 -21.28 27.31
CA SER B 252 15.23 -21.00 25.90
C SER B 252 16.51 -20.58 25.17
N PHE B 253 16.36 -20.09 23.93
CA PHE B 253 17.46 -19.63 23.08
C PHE B 253 17.17 -18.24 22.55
N ILE B 254 18.21 -17.42 22.40
CA ILE B 254 18.10 -16.05 21.91
C ILE B 254 19.16 -15.75 20.84
N GLU B 255 18.81 -14.94 19.84
CA GLU B 255 19.72 -14.52 18.78
C GLU B 255 20.10 -13.07 19.09
N LYS B 256 21.41 -12.81 19.28
CA LYS B 256 21.91 -11.47 19.58
C LYS B 256 22.70 -10.91 18.39
N PRO B 257 22.34 -9.70 17.88
CA PRO B 257 23.09 -9.16 16.74
C PRO B 257 24.42 -8.51 17.10
N ARG B 258 25.43 -8.74 16.24
CA ARG B 258 26.78 -8.21 16.31
C ARG B 258 27.04 -7.49 15.01
N ARG B 259 27.69 -6.33 15.09
CA ARG B 259 27.97 -5.50 13.93
C ARG B 259 29.46 -5.24 13.81
N VAL B 260 29.99 -5.29 12.58
CA VAL B 260 31.39 -5.01 12.27
C VAL B 260 31.41 -4.02 11.12
N ILE B 261 32.02 -2.84 11.33
CA ILE B 261 32.12 -1.81 10.31
C ILE B 261 33.56 -1.80 9.79
N GLY B 262 33.71 -2.08 8.51
CA GLY B 262 34.99 -2.15 7.83
C GLY B 262 35.71 -0.81 7.74
N GLN B 263 37.02 -0.87 7.43
CA GLN B 263 37.86 0.31 7.27
C GLN B 263 37.35 1.10 6.07
N ILE B 264 37.42 2.42 6.17
CA ILE B 264 36.97 3.34 5.15
C ILE B 264 37.57 3.01 3.76
N ASN B 265 36.69 2.82 2.76
CA ASN B 265 36.96 2.45 1.37
C ASN B 265 37.62 1.07 1.19
N GLN B 266 37.61 0.23 2.25
CA GLN B 266 38.15 -1.12 2.16
C GLN B 266 37.05 -2.13 1.81
N PRO B 267 37.28 -2.99 0.79
CA PRO B 267 36.23 -3.94 0.39
C PRO B 267 36.14 -5.21 1.25
N THR B 268 36.72 -5.22 2.46
CA THR B 268 36.70 -6.38 3.36
C THR B 268 36.35 -5.99 4.80
N ALA B 269 35.84 -6.99 5.56
CA ALA B 269 35.48 -6.90 6.98
C ALA B 269 35.38 -8.32 7.50
N THR B 270 35.81 -8.55 8.76
CA THR B 270 35.81 -9.88 9.37
C THR B 270 35.08 -9.89 10.71
N VAL B 271 34.28 -10.94 10.95
CA VAL B 271 33.55 -11.16 12.20
C VAL B 271 34.25 -12.35 12.87
N THR B 272 34.90 -12.10 14.02
CA THR B 272 35.64 -13.11 14.78
C THR B 272 34.75 -13.89 15.74
N GLU B 273 35.27 -15.02 16.26
CA GLU B 273 34.60 -15.90 17.21
C GLU B 273 33.15 -16.28 16.81
N VAL B 274 32.97 -16.70 15.53
CA VAL B 274 31.69 -17.15 15.01
C VAL B 274 31.62 -18.65 15.31
N HIS B 275 30.77 -19.03 16.29
CA HIS B 275 30.65 -20.43 16.71
C HIS B 275 29.30 -21.04 16.37
N ALA B 276 28.20 -20.25 16.50
CA ALA B 276 26.85 -20.67 16.20
C ALA B 276 26.04 -19.48 15.71
N ALA B 277 26.14 -19.17 14.39
CA ALA B 277 25.43 -18.05 13.79
C ALA B 277 24.18 -18.48 13.00
N THR B 278 23.07 -17.75 13.17
CA THR B 278 21.79 -18.03 12.51
C THR B 278 21.66 -17.26 11.19
N SER B 279 22.30 -16.08 11.08
CA SER B 279 22.25 -15.24 9.90
C SER B 279 23.45 -14.33 9.75
N LEU B 280 23.71 -13.89 8.51
CA LEU B 280 24.78 -12.96 8.17
C LEU B 280 24.29 -11.96 7.11
N SER B 281 24.25 -10.67 7.47
CA SER B 281 23.84 -9.58 6.58
C SER B 281 25.03 -8.74 6.16
N VAL B 282 25.05 -8.31 4.89
CA VAL B 282 26.10 -7.48 4.32
C VAL B 282 25.45 -6.30 3.59
N TYR B 283 25.89 -5.07 3.92
CA TYR B 283 25.44 -3.84 3.27
C TYR B 283 26.54 -2.77 3.29
N THR B 284 26.33 -1.67 2.57
CA THR B 284 27.28 -0.56 2.46
C THR B 284 26.67 0.70 3.03
N LYS B 285 27.53 1.58 3.56
CA LYS B 285 27.15 2.87 4.13
C LYS B 285 28.07 3.95 3.58
N PRO B 286 27.59 5.18 3.33
CA PRO B 286 28.52 6.23 2.91
C PRO B 286 29.20 6.91 4.10
N TYR B 287 30.38 7.48 3.88
CA TYR B 287 31.09 8.23 4.90
C TYR B 287 31.24 9.66 4.40
N TYR B 288 30.59 10.61 5.10
CA TYR B 288 30.58 12.01 4.70
C TYR B 288 31.49 12.91 5.57
N GLY B 289 32.38 12.32 6.35
CA GLY B 289 33.30 13.05 7.23
C GLY B 289 34.29 13.95 6.50
N ASN B 290 34.44 13.73 5.18
CA ASN B 290 35.31 14.50 4.29
C ASN B 290 34.57 15.72 3.70
N THR B 291 33.27 15.87 4.04
CA THR B 291 32.39 16.96 3.58
C THR B 291 31.75 17.73 4.76
N ASP B 292 31.04 18.85 4.46
CA ASP B 292 30.35 19.66 5.49
C ASP B 292 28.91 19.18 5.74
N ASN B 293 28.55 18.02 5.13
CA ASN B 293 27.25 17.34 5.19
C ASN B 293 26.10 18.20 4.63
N LYS B 294 26.44 19.20 3.80
CA LYS B 294 25.48 20.08 3.13
C LYS B 294 25.12 19.50 1.77
N PHE B 295 23.83 19.54 1.42
CA PHE B 295 23.27 19.04 0.16
C PHE B 295 22.37 20.13 -0.45
N ILE B 296 22.29 20.20 -1.78
CA ILE B 296 21.51 21.21 -2.49
C ILE B 296 20.01 21.15 -2.15
N SER B 297 19.40 19.96 -2.28
CA SER B 297 17.96 19.78 -2.08
C SER B 297 17.56 18.64 -1.13
N TYR B 298 16.29 18.67 -0.68
CA TYR B 298 15.64 17.67 0.16
C TYR B 298 14.12 17.67 -0.08
N PRO B 299 13.51 16.51 -0.37
CA PRO B 299 12.07 16.50 -0.67
C PRO B 299 11.11 16.63 0.52
N GLY B 300 11.61 16.38 1.73
CA GLY B 300 10.81 16.47 2.95
C GLY B 300 10.10 15.17 3.28
N TYR B 301 8.77 15.25 3.50
CA TYR B 301 7.92 14.10 3.82
C TYR B 301 7.80 13.15 2.63
N SER B 302 7.69 13.70 1.41
CA SER B 302 7.60 12.94 0.16
C SER B 302 8.96 12.28 -0.03
N GLN B 303 9.01 10.94 0.08
CA GLN B 303 10.28 10.21 0.07
C GLN B 303 10.54 9.27 -1.12
N ASP B 304 9.74 9.34 -2.20
CA ASP B 304 9.98 8.49 -3.38
C ASP B 304 11.22 8.97 -4.13
N GLU B 305 11.79 8.08 -4.98
CA GLU B 305 12.95 8.38 -5.81
C GLU B 305 12.66 9.62 -6.67
N LYS B 306 11.46 9.68 -7.28
CA LYS B 306 10.98 10.79 -8.10
C LYS B 306 10.89 12.08 -7.28
N ASP B 307 10.45 11.98 -6.01
CA ASP B 307 10.32 13.13 -5.11
C ASP B 307 11.66 13.80 -4.82
N TYR B 308 12.73 12.99 -4.67
CA TYR B 308 14.10 13.46 -4.45
C TYR B 308 14.61 14.18 -5.68
N ILE B 309 14.35 13.60 -6.89
CA ILE B 309 14.74 14.12 -8.19
C ILE B 309 14.02 15.44 -8.49
N ASP B 310 12.67 15.46 -8.37
CA ASP B 310 11.84 16.64 -8.63
C ASP B 310 12.25 17.85 -7.78
N ALA B 311 12.62 17.61 -6.50
CA ALA B 311 13.07 18.62 -5.54
C ALA B 311 14.39 19.23 -6.00
N TYR B 312 15.31 18.41 -6.55
CA TYR B 312 16.61 18.83 -7.07
C TYR B 312 16.44 19.70 -8.31
N VAL B 313 15.63 19.22 -9.28
CA VAL B 313 15.30 19.91 -10.53
C VAL B 313 14.72 21.29 -10.20
N SER B 314 13.74 21.34 -9.26
CA SER B 314 13.09 22.56 -8.81
C SER B 314 14.08 23.61 -8.27
N ARG B 315 15.06 23.16 -7.46
CA ARG B 315 16.09 24.01 -6.86
C ARG B 315 17.03 24.61 -7.89
N LEU B 316 17.34 23.84 -8.95
CA LEU B 316 18.24 24.24 -10.02
C LEU B 316 17.57 25.19 -11.04
N LEU B 317 16.33 24.86 -11.48
CA LEU B 317 15.54 25.60 -12.47
C LEU B 317 15.56 27.13 -12.34
N ASP B 318 15.61 27.65 -11.08
CA ASP B 318 15.66 29.08 -10.76
C ASP B 318 16.88 29.75 -11.40
N ASP B 319 18.03 29.05 -11.39
CA ASP B 319 19.30 29.51 -11.95
C ASP B 319 19.58 28.98 -13.37
N LEU B 320 18.92 27.87 -13.77
CA LEU B 320 19.11 27.24 -15.07
C LEU B 320 18.54 28.05 -16.24
N VAL B 321 17.27 28.50 -16.12
CA VAL B 321 16.60 29.30 -17.16
C VAL B 321 16.20 30.66 -16.55
N ILE B 322 16.85 31.74 -17.04
CA ILE B 322 16.66 33.12 -16.58
C ILE B 322 16.02 34.01 -17.65
N VAL B 323 15.01 34.80 -17.27
CA VAL B 323 14.35 35.78 -18.14
C VAL B 323 14.84 37.13 -17.60
N SER B 324 15.79 37.77 -18.32
CA SER B 324 16.42 39.02 -17.88
C SER B 324 16.53 40.06 -18.99
N ASP B 325 16.63 41.35 -18.60
CA ASP B 325 16.85 42.48 -19.50
C ASP B 325 18.37 42.55 -19.62
N GLY B 326 18.89 41.92 -20.66
CA GLY B 326 20.32 41.83 -20.90
C GLY B 326 20.98 40.70 -20.13
N PRO B 327 22.33 40.58 -20.16
CA PRO B 327 23.00 39.46 -19.44
C PRO B 327 22.68 39.38 -17.95
N PRO B 328 22.25 38.19 -17.45
CA PRO B 328 21.89 38.08 -16.02
C PRO B 328 23.05 38.36 -15.06
N THR B 329 22.73 39.00 -13.93
CA THR B 329 23.70 39.37 -12.89
C THR B 329 23.52 38.54 -11.62
N GLY B 330 24.56 38.51 -10.79
CA GLY B 330 24.57 37.79 -9.51
C GLY B 330 25.22 36.42 -9.52
N TYR B 331 25.69 35.97 -10.69
CA TYR B 331 26.36 34.68 -10.87
C TYR B 331 27.88 34.85 -10.91
N PRO B 332 28.69 33.81 -10.54
CA PRO B 332 30.16 33.98 -10.59
C PRO B 332 30.68 34.25 -12.01
N GLU B 333 31.91 34.79 -12.13
CA GLU B 333 32.53 35.07 -13.44
C GLU B 333 32.73 33.79 -14.23
N SER B 334 32.93 32.69 -13.48
CA SER B 334 33.13 31.31 -13.95
C SER B 334 31.91 30.79 -14.72
N ALA B 335 30.71 31.33 -14.42
CA ALA B 335 29.44 30.95 -15.06
C ALA B 335 29.41 31.36 -16.53
N GLU B 336 28.81 30.49 -17.36
CA GLU B 336 28.65 30.68 -18.81
C GLU B 336 27.17 30.69 -19.18
N ILE B 337 26.53 31.86 -19.00
CA ILE B 337 25.10 32.06 -19.29
C ILE B 337 24.94 32.56 -20.73
N VAL B 338 24.39 31.69 -21.58
CA VAL B 338 24.19 31.91 -23.03
C VAL B 338 22.74 32.27 -23.33
N GLU B 339 22.53 33.27 -24.22
CA GLU B 339 21.19 33.69 -24.66
C GLU B 339 20.64 32.60 -25.57
N VAL B 340 19.38 32.19 -25.34
CA VAL B 340 18.71 31.15 -26.11
C VAL B 340 18.37 31.70 -27.51
N PRO B 341 18.82 31.04 -28.61
CA PRO B 341 18.50 31.54 -29.97
C PRO B 341 17.02 31.40 -30.35
N GLU B 342 16.61 32.07 -31.47
CA GLU B 342 15.24 32.03 -32.00
C GLU B 342 14.80 30.58 -32.28
N ASP B 343 15.78 29.73 -32.61
CA ASP B 343 15.69 28.30 -32.86
C ASP B 343 15.21 27.57 -31.59
N GLY B 344 15.63 28.06 -30.43
CA GLY B 344 15.30 27.51 -29.12
C GLY B 344 16.34 26.55 -28.58
N ILE B 345 17.23 26.05 -29.46
CA ILE B 345 18.27 25.09 -29.13
C ILE B 345 19.60 25.77 -28.74
N VAL B 346 20.09 25.44 -27.55
CA VAL B 346 21.38 25.90 -27.01
C VAL B 346 22.25 24.63 -26.95
N SER B 347 23.38 24.65 -27.66
CA SER B 347 24.26 23.48 -27.70
C SER B 347 25.44 23.63 -26.75
N ILE B 348 25.49 22.74 -25.75
CA ILE B 348 26.59 22.67 -24.78
C ILE B 348 27.32 21.40 -25.22
N GLN B 349 28.36 21.58 -26.07
CA GLN B 349 29.14 20.51 -26.69
C GLN B 349 28.20 19.66 -27.58
N ASP B 350 28.10 18.33 -27.30
CA ASP B 350 27.27 17.36 -28.02
CA ASP B 350 27.25 17.43 -28.08
C ASP B 350 25.80 17.43 -27.60
N ALA B 351 25.54 17.95 -26.38
CA ALA B 351 24.20 18.03 -25.80
C ALA B 351 23.44 19.29 -26.22
N ASP B 352 22.20 19.08 -26.70
CA ASP B 352 21.31 20.15 -27.15
C ASP B 352 20.18 20.36 -26.15
N VAL B 353 19.99 21.61 -25.71
CA VAL B 353 18.95 21.99 -24.74
C VAL B 353 17.93 22.89 -25.42
N TYR B 354 16.68 22.41 -25.51
CA TYR B 354 15.56 23.14 -26.12
C TYR B 354 14.88 23.97 -25.02
N VAL B 355 14.98 25.31 -25.11
CA VAL B 355 14.39 26.22 -24.12
C VAL B 355 13.39 27.14 -24.82
N LYS B 356 12.10 27.04 -24.46
CA LYS B 356 11.05 27.88 -25.02
C LYS B 356 10.08 28.37 -23.94
N ILE B 357 10.18 29.66 -23.59
CA ILE B 357 9.33 30.31 -22.59
C ILE B 357 8.32 31.25 -23.26
N ASP B 358 7.04 31.15 -22.86
CA ASP B 358 5.95 31.97 -23.37
C ASP B 358 5.83 33.27 -22.57
N ASN B 359 5.19 34.29 -23.18
CA ASN B 359 4.92 35.63 -22.65
C ASN B 359 6.17 36.31 -22.05
N VAL B 360 7.28 36.27 -22.80
CA VAL B 360 8.53 36.93 -22.41
C VAL B 360 8.40 38.41 -22.83
N PRO B 361 8.66 39.40 -21.94
CA PRO B 361 8.53 40.82 -22.38
C PRO B 361 9.55 41.18 -23.46
N ASP B 362 9.17 42.11 -24.38
CA ASP B 362 9.99 42.53 -25.51
C ASP B 362 11.38 43.05 -25.12
N ASN B 363 11.48 43.73 -23.96
CA ASN B 363 12.75 44.27 -23.43
C ASN B 363 13.64 43.18 -22.81
N MET B 364 13.08 41.98 -22.59
CA MET B 364 13.79 40.85 -21.98
C MET B 364 14.05 39.69 -22.92
N SER B 365 15.06 38.87 -22.58
CA SER B 365 15.46 37.69 -23.36
C SER B 365 15.57 36.46 -22.45
N VAL B 366 15.54 35.26 -23.07
CA VAL B 366 15.66 33.96 -22.37
C VAL B 366 17.13 33.53 -22.39
N TYR B 367 17.66 33.19 -21.22
CA TYR B 367 19.04 32.77 -21.02
C TYR B 367 19.13 31.38 -20.41
N LEU B 368 20.16 30.61 -20.78
CA LEU B 368 20.43 29.28 -20.24
C LEU B 368 21.80 29.23 -19.58
N HIS B 369 21.85 28.77 -18.32
CA HIS B 369 23.10 28.59 -17.58
C HIS B 369 23.67 27.27 -18.10
N THR B 370 24.72 27.34 -18.92
CA THR B 370 25.31 26.16 -19.57
C THR B 370 26.28 25.37 -18.68
N ASN B 371 26.61 25.87 -17.47
CA ASN B 371 27.52 25.18 -16.55
C ASN B 371 27.17 25.40 -15.07
N LEU B 372 25.88 25.17 -14.71
CA LEU B 372 25.37 25.37 -13.35
C LEU B 372 26.21 24.65 -12.28
N LEU B 373 26.56 23.37 -12.55
CA LEU B 373 27.42 22.55 -11.70
C LEU B 373 28.29 21.71 -12.63
N MET B 374 29.63 21.85 -12.54
CA MET B 374 30.55 21.09 -13.39
C MET B 374 31.75 20.50 -12.63
N PHE B 375 32.22 19.33 -13.10
CA PHE B 375 33.36 18.60 -12.51
C PHE B 375 34.29 18.02 -13.57
N GLY B 376 35.59 18.04 -13.26
CA GLY B 376 36.65 17.54 -14.11
C GLY B 376 37.96 17.39 -13.34
N THR B 377 38.73 16.34 -13.63
CA THR B 377 40.01 16.09 -12.95
C THR B 377 41.22 16.51 -13.79
N ARG B 378 41.02 16.68 -15.12
CA ARG B 378 42.04 17.07 -16.08
C ARG B 378 41.54 18.17 -17.01
N LYS B 379 42.42 19.11 -17.38
CA LYS B 379 42.11 20.23 -18.28
C LYS B 379 41.88 19.70 -19.71
N ASN B 380 40.81 20.21 -20.37
CA ASN B 380 40.36 19.85 -21.71
C ASN B 380 40.03 18.34 -21.84
N SER B 381 39.48 17.76 -20.75
CA SER B 381 39.11 16.35 -20.67
C SER B 381 37.57 16.20 -20.57
N PHE B 382 37.09 15.10 -19.94
CA PHE B 382 35.69 14.82 -19.73
C PHE B 382 35.15 15.73 -18.64
N ILE B 383 33.97 16.32 -18.88
CA ILE B 383 33.33 17.24 -17.95
C ILE B 383 31.94 16.73 -17.57
N TYR B 384 31.66 16.61 -16.26
CA TYR B 384 30.33 16.23 -15.78
C TYR B 384 29.59 17.53 -15.49
N ASN B 385 28.67 17.89 -16.39
CA ASN B 385 27.91 19.13 -16.30
C ASN B 385 26.44 18.81 -16.05
N ILE B 386 25.85 19.43 -15.01
CA ILE B 386 24.46 19.21 -14.65
C ILE B 386 23.50 19.85 -15.67
N SER B 387 23.97 20.90 -16.38
CA SER B 387 23.16 21.61 -17.39
C SER B 387 23.00 20.73 -18.63
N LYS B 388 23.97 19.85 -18.89
CA LYS B 388 23.95 18.91 -20.02
C LYS B 388 22.95 17.77 -19.79
N LYS B 389 22.48 17.60 -18.52
CA LYS B 389 21.51 16.57 -18.11
C LYS B 389 20.05 17.00 -18.39
N PHE B 390 19.86 18.15 -19.05
CA PHE B 390 18.54 18.69 -19.44
C PHE B 390 18.42 18.68 -20.97
N SER B 391 17.24 18.31 -21.49
CA SER B 391 17.02 18.27 -22.94
C SER B 391 15.93 19.24 -23.41
N ALA B 392 14.88 19.44 -22.60
CA ALA B 392 13.79 20.36 -22.90
C ALA B 392 13.24 21.07 -21.66
N ILE B 393 13.10 22.39 -21.76
CA ILE B 393 12.55 23.24 -20.70
C ILE B 393 11.49 24.16 -21.32
N THR B 394 10.23 23.99 -20.90
CA THR B 394 9.10 24.79 -21.36
C THR B 394 8.39 25.42 -20.18
N GLY B 395 7.89 26.64 -20.39
CA GLY B 395 7.18 27.39 -19.37
C GLY B 395 6.57 28.67 -19.87
N THR B 396 6.00 29.46 -18.94
CA THR B 396 5.37 30.74 -19.22
C THR B 396 5.82 31.76 -18.17
N TYR B 397 6.30 32.93 -18.64
CA TYR B 397 6.75 34.01 -17.75
C TYR B 397 5.54 34.75 -17.19
N SER B 398 5.54 34.94 -15.87
CA SER B 398 4.51 35.64 -15.13
C SER B 398 4.94 37.10 -14.94
N ASP B 399 4.20 38.04 -15.54
CA ASP B 399 4.48 39.47 -15.42
C ASP B 399 4.17 39.93 -13.99
N ALA B 400 3.11 39.36 -13.38
CA ALA B 400 2.63 39.68 -12.03
C ALA B 400 3.63 39.32 -10.93
N THR B 401 4.26 38.13 -10.99
CA THR B 401 5.20 37.68 -9.97
C THR B 401 6.67 37.79 -10.41
N LYS B 402 6.91 38.22 -11.68
CA LYS B 402 8.27 38.38 -12.29
C LYS B 402 9.09 37.08 -12.18
N ARG B 403 8.40 35.93 -12.35
N ARG B 403 8.40 35.93 -12.34
CA ARG B 403 8.96 34.58 -12.26
CA ARG B 403 8.94 34.58 -12.26
C ARG B 403 8.55 33.75 -13.49
C ARG B 403 8.58 33.79 -13.52
N THR B 404 9.32 32.70 -13.78
CA THR B 404 9.03 31.78 -14.87
C THR B 404 8.31 30.59 -14.23
N ILE B 405 7.11 30.28 -14.74
CA ILE B 405 6.31 29.16 -14.25
C ILE B 405 6.53 28.02 -15.23
N PHE B 406 7.37 27.05 -14.85
CA PHE B 406 7.74 25.92 -15.70
C PHE B 406 6.62 24.91 -15.85
N ALA B 407 6.34 24.53 -17.12
CA ALA B 407 5.27 23.61 -17.49
C ALA B 407 5.74 22.16 -17.54
N HIS B 408 6.77 21.85 -18.36
CA HIS B 408 7.30 20.50 -18.48
C HIS B 408 8.80 20.50 -18.72
N ILE B 409 9.52 19.66 -17.97
CA ILE B 409 10.98 19.53 -18.02
C ILE B 409 11.38 18.11 -18.44
N SER B 410 12.22 18.00 -19.48
CA SER B 410 12.75 16.73 -19.95
C SER B 410 14.21 16.70 -19.52
N HIS B 411 14.53 15.78 -18.60
CA HIS B 411 15.86 15.66 -18.04
C HIS B 411 16.25 14.21 -17.75
N SER B 412 17.56 13.99 -17.50
CA SER B 412 18.15 12.71 -17.18
C SER B 412 18.78 12.74 -15.78
N ILE B 413 18.24 13.60 -14.87
CA ILE B 413 18.68 13.73 -13.47
C ILE B 413 18.33 12.42 -12.76
N ASN B 414 19.27 11.89 -11.98
CA ASN B 414 19.12 10.64 -11.24
C ASN B 414 19.24 10.84 -9.71
N ILE B 415 18.95 9.78 -8.93
CA ILE B 415 19.00 9.79 -7.47
C ILE B 415 20.41 10.12 -6.93
N ILE B 416 21.47 9.79 -7.70
CA ILE B 416 22.86 10.06 -7.35
C ILE B 416 23.11 11.57 -7.32
N ASP B 417 22.61 12.32 -8.33
CA ASP B 417 22.74 13.77 -8.45
C ASP B 417 22.22 14.49 -7.21
N THR B 418 21.06 14.04 -6.69
CA THR B 418 20.41 14.59 -5.50
C THR B 418 21.18 14.21 -4.23
N SER B 419 22.04 13.18 -4.31
CA SER B 419 22.82 12.65 -3.18
C SER B 419 24.28 13.15 -3.10
N ILE B 420 24.69 14.03 -4.03
CA ILE B 420 26.06 14.56 -4.02
C ILE B 420 26.21 15.68 -2.98
N PRO B 421 27.14 15.55 -2.00
CA PRO B 421 27.37 16.67 -1.06
C PRO B 421 28.00 17.85 -1.83
N VAL B 422 27.56 19.08 -1.49
CA VAL B 422 28.00 20.34 -2.13
C VAL B 422 29.54 20.48 -2.13
N SER B 423 30.21 20.04 -1.06
CA SER B 423 31.68 20.08 -0.89
C SER B 423 32.42 19.46 -2.05
N LEU B 424 31.91 18.33 -2.58
CA LEU B 424 32.54 17.60 -3.68
C LEU B 424 32.47 18.35 -5.01
N TRP B 425 31.54 19.32 -5.17
CA TRP B 425 31.44 20.12 -6.40
C TRP B 425 32.59 21.15 -6.41
N THR B 426 32.94 21.68 -5.24
CA THR B 426 34.01 22.68 -5.05
C THR B 426 35.27 22.07 -4.41
N SER B 427 35.47 20.74 -4.58
CA SER B 427 36.62 20.04 -4.02
C SER B 427 37.93 20.36 -4.77
N GLN B 428 39.09 20.05 -4.14
CA GLN B 428 40.43 20.28 -4.70
C GLN B 428 40.64 19.52 -6.02
N ARG B 429 40.12 18.28 -6.12
CA ARG B 429 40.18 17.39 -7.29
C ARG B 429 39.63 18.07 -8.58
N ASN B 430 38.66 19.00 -8.42
CA ASN B 430 38.02 19.71 -9.52
C ASN B 430 38.87 20.85 -10.09
N VAL B 431 39.10 20.79 -11.41
CA VAL B 431 39.90 21.79 -12.15
C VAL B 431 39.09 23.08 -12.39
N TYR B 432 37.75 22.98 -12.29
CA TYR B 432 36.81 24.07 -12.49
C TYR B 432 36.36 24.67 -11.14
N ASN B 433 35.53 25.76 -11.18
CA ASN B 433 35.00 26.41 -9.98
C ASN B 433 34.03 25.43 -9.29
N GLY B 434 33.21 24.76 -10.09
CA GLY B 434 32.26 23.74 -9.63
C GLY B 434 30.85 24.24 -9.45
N ASP B 435 30.63 25.04 -8.39
CA ASP B 435 29.32 25.58 -8.05
C ASP B 435 29.14 26.99 -8.63
N ASN B 436 28.42 27.07 -9.77
CA ASN B 436 28.16 28.32 -10.48
C ASN B 436 26.73 28.84 -10.24
N ARG B 437 26.10 28.40 -9.15
CA ARG B 437 24.75 28.81 -8.73
C ARG B 437 24.80 30.21 -8.12
N SER B 438 23.61 30.83 -7.93
CA SER B 438 23.46 32.14 -7.30
C SER B 438 23.66 32.01 -5.78
N ALA B 439 24.01 33.12 -5.08
CA ALA B 439 24.22 33.15 -3.63
C ALA B 439 22.94 32.79 -2.87
N GLU B 440 21.77 33.10 -3.47
CA GLU B 440 20.42 32.83 -2.97
C GLU B 440 20.20 31.31 -2.92
N SER B 441 20.56 30.60 -4.00
CA SER B 441 20.46 29.14 -4.12
C SER B 441 21.39 28.46 -3.11
N LYS B 442 22.66 28.88 -3.08
CA LYS B 442 23.68 28.34 -2.17
C LYS B 442 23.30 28.49 -0.70
N ALA B 443 22.57 29.58 -0.36
CA ALA B 443 22.08 29.85 1.00
C ALA B 443 20.95 28.91 1.42
N LYS B 444 20.25 28.30 0.45
CA LYS B 444 19.15 27.36 0.66
C LYS B 444 19.62 25.89 0.85
N ASP B 445 20.94 25.65 0.79
CA ASP B 445 21.51 24.30 0.98
C ASP B 445 21.25 23.80 2.40
N LEU B 446 20.94 22.51 2.54
CA LEU B 446 20.60 21.89 3.83
C LEU B 446 21.61 20.88 4.33
N PHE B 447 21.86 20.91 5.65
CA PHE B 447 22.73 19.96 6.35
C PHE B 447 21.93 18.68 6.62
N ILE B 448 22.44 17.54 6.13
CA ILE B 448 21.80 16.24 6.34
C ILE B 448 22.83 15.33 7.01
N ASN B 449 22.53 14.89 8.24
CA ASN B 449 23.41 14.03 9.03
C ASN B 449 22.73 12.73 9.48
N ASP B 450 21.77 12.22 8.68
CA ASP B 450 21.04 10.96 8.94
C ASP B 450 22.02 9.80 9.20
N PRO B 451 21.95 9.16 10.39
CA PRO B 451 22.91 8.08 10.69
C PRO B 451 22.64 6.75 10.01
N PHE B 452 21.45 6.56 9.41
CA PHE B 452 21.08 5.28 8.80
C PHE B 452 21.02 5.29 7.26
N ILE B 453 21.89 6.09 6.59
CA ILE B 453 21.94 6.11 5.14
C ILE B 453 22.72 4.87 4.66
N LYS B 454 22.25 4.23 3.58
CA LYS B 454 22.89 3.05 2.99
C LYS B 454 23.24 3.31 1.53
N GLY B 455 24.32 2.68 1.06
CA GLY B 455 24.79 2.82 -0.32
C GLY B 455 25.51 4.13 -0.56
N ILE B 456 25.28 4.73 -1.73
CA ILE B 456 25.89 6.01 -2.10
C ILE B 456 24.81 7.05 -2.45
N ASP B 457 23.53 6.68 -2.32
CA ASP B 457 22.39 7.56 -2.56
C ASP B 457 21.35 7.45 -1.45
N PHE B 458 20.57 8.51 -1.23
CA PHE B 458 19.55 8.59 -0.18
C PHE B 458 18.52 7.46 -0.19
N LYS B 459 18.18 6.93 -1.38
CA LYS B 459 17.22 5.84 -1.51
C LYS B 459 17.86 4.45 -1.58
N ASN B 460 19.20 4.36 -1.50
CA ASN B 460 19.99 3.11 -1.57
C ASN B 460 19.65 2.31 -2.86
N LYS B 461 19.36 3.05 -3.96
CA LYS B 461 18.99 2.52 -5.27
C LYS B 461 20.19 1.86 -5.95
N THR B 462 21.31 2.60 -6.08
CA THR B 462 22.52 2.15 -6.75
C THR B 462 23.21 1.03 -5.98
N ASP B 463 23.33 -0.13 -6.63
CA ASP B 463 24.00 -1.28 -6.04
C ASP B 463 25.45 -1.15 -6.46
N ILE B 464 26.34 -0.95 -5.48
CA ILE B 464 27.75 -0.75 -5.76
C ILE B 464 28.59 -2.01 -5.49
N ILE B 465 27.92 -3.13 -5.15
CA ILE B 465 28.56 -4.44 -4.93
C ILE B 465 28.34 -5.29 -6.20
N SER B 466 29.41 -5.52 -6.97
CA SER B 466 29.37 -6.32 -8.20
C SER B 466 29.51 -7.80 -7.91
N ARG B 467 30.18 -8.14 -6.78
CA ARG B 467 30.43 -9.50 -6.33
C ARG B 467 30.58 -9.53 -4.81
N LEU B 468 29.98 -10.56 -4.19
CA LEU B 468 30.06 -10.80 -2.76
C LEU B 468 30.68 -12.18 -2.54
N GLU B 469 31.66 -12.24 -1.63
CA GLU B 469 32.37 -13.46 -1.25
C GLU B 469 32.40 -13.60 0.26
N VAL B 470 31.79 -14.69 0.78
CA VAL B 470 31.74 -14.98 2.21
C VAL B 470 32.56 -16.26 2.46
N ARG B 471 33.56 -16.16 3.35
CA ARG B 471 34.44 -17.27 3.71
C ARG B 471 34.34 -17.59 5.20
N PHE B 472 34.12 -18.87 5.54
CA PHE B 472 34.07 -19.35 6.92
C PHE B 472 35.44 -20.00 7.11
N GLY B 473 36.39 -19.19 7.58
CA GLY B 473 37.78 -19.59 7.70
C GLY B 473 38.44 -19.53 6.32
N ASN B 474 39.07 -20.63 5.90
CA ASN B 474 39.72 -20.71 4.59
C ASN B 474 38.73 -21.05 3.48
N ASP B 475 37.69 -21.84 3.83
CA ASP B 475 36.70 -22.32 2.87
C ASP B 475 35.71 -21.23 2.44
N VAL B 476 35.42 -21.17 1.13
CA VAL B 476 34.42 -20.25 0.56
C VAL B 476 33.05 -20.82 0.92
N LEU B 477 32.31 -20.09 1.75
CA LEU B 477 30.99 -20.49 2.22
C LEU B 477 29.93 -20.15 1.19
N TYR B 478 29.99 -18.91 0.65
CA TYR B 478 29.02 -18.43 -0.32
C TYR B 478 29.60 -17.34 -1.22
N SER B 479 29.22 -17.36 -2.50
CA SER B 479 29.60 -16.38 -3.52
C SER B 479 28.40 -16.10 -4.43
N GLU B 480 28.33 -14.85 -4.93
CA GLU B 480 27.30 -14.36 -5.84
C GLU B 480 27.76 -13.09 -6.54
N ASN B 481 27.24 -12.85 -7.74
CA ASN B 481 27.50 -11.62 -8.48
C ASN B 481 26.28 -10.73 -8.22
N GLY B 482 25.14 -11.15 -8.75
CA GLY B 482 23.85 -10.49 -8.55
C GLY B 482 23.39 -10.55 -7.11
N PRO B 483 22.52 -9.62 -6.66
CA PRO B 483 22.08 -9.66 -5.25
C PRO B 483 20.95 -10.66 -4.98
N ILE B 484 21.18 -11.95 -5.32
CA ILE B 484 20.17 -13.00 -5.11
C ILE B 484 19.91 -13.23 -3.59
N SER B 485 20.91 -12.98 -2.72
CA SER B 485 20.72 -13.10 -1.27
C SER B 485 19.79 -12.01 -0.75
N ARG B 486 19.80 -10.82 -1.39
CA ARG B 486 18.92 -9.68 -1.07
C ARG B 486 17.49 -10.02 -1.52
N ILE B 487 17.35 -10.65 -2.72
CA ILE B 487 16.07 -11.08 -3.29
C ILE B 487 15.42 -12.11 -2.36
N TYR B 488 16.22 -13.04 -1.80
CA TYR B 488 15.74 -14.04 -0.86
C TYR B 488 15.35 -13.42 0.48
N ASN B 489 16.15 -12.45 0.95
CA ASN B 489 15.87 -11.74 2.20
C ASN B 489 14.53 -11.04 2.09
N GLU B 490 14.32 -10.29 0.99
CA GLU B 490 13.10 -9.56 0.71
C GLU B 490 11.88 -10.48 0.60
N LEU B 491 12.01 -11.67 -0.02
CA LEU B 491 10.92 -12.64 -0.15
C LEU B 491 10.57 -13.30 1.18
N LEU B 492 11.57 -13.91 1.84
CA LEU B 492 11.41 -14.64 3.10
C LEU B 492 10.99 -13.77 4.29
N THR B 493 11.26 -12.45 4.25
CA THR B 493 10.89 -11.55 5.34
C THR B 493 9.74 -10.59 4.95
N LYS B 494 9.18 -10.75 3.72
CA LYS B 494 8.11 -9.92 3.16
C LYS B 494 8.42 -8.42 3.34
N SER B 495 9.65 -8.03 2.94
CA SER B 495 10.19 -6.68 3.03
C SER B 495 10.54 -6.15 1.65
N ASN B 496 10.39 -4.84 1.43
CA ASN B 496 10.69 -4.22 0.14
C ASN B 496 12.06 -3.54 0.12
N ASN B 497 12.68 -3.41 1.31
CA ASN B 497 14.01 -2.82 1.47
C ASN B 497 14.86 -3.75 2.34
N GLY B 498 15.42 -4.78 1.72
CA GLY B 498 16.25 -5.77 2.40
C GLY B 498 17.72 -5.61 2.13
N THR B 499 18.55 -6.50 2.73
CA THR B 499 20.02 -6.52 2.57
C THR B 499 20.48 -7.91 2.13
N ARG B 500 21.69 -8.00 1.54
CA ARG B 500 22.30 -9.29 1.12
C ARG B 500 22.48 -10.13 2.39
N THR B 501 21.53 -11.04 2.63
CA THR B 501 21.49 -11.86 3.85
C THR B 501 21.54 -13.36 3.60
N LEU B 502 22.39 -14.05 4.36
CA LEU B 502 22.52 -15.50 4.35
C LEU B 502 21.81 -16.01 5.60
N THR B 503 20.71 -16.77 5.43
CA THR B 503 19.94 -17.34 6.54
C THR B 503 20.28 -18.83 6.70
N PHE B 504 20.69 -19.23 7.92
CA PHE B 504 21.04 -20.61 8.23
C PHE B 504 19.95 -21.30 9.05
N ASN B 505 18.96 -20.52 9.51
CA ASN B 505 17.86 -21.05 10.31
C ASN B 505 16.50 -20.96 9.60
N PHE B 506 15.95 -22.12 9.22
CA PHE B 506 14.64 -22.23 8.59
C PHE B 506 13.69 -23.02 9.50
N THR B 507 14.09 -23.18 10.77
CA THR B 507 13.32 -23.88 11.81
C THR B 507 12.47 -22.86 12.57
N PRO B 508 11.19 -23.20 12.92
CA PRO B 508 10.35 -22.24 13.66
C PRO B 508 10.99 -21.77 14.96
N LYS B 509 10.98 -20.45 15.18
CA LYS B 509 11.55 -19.87 16.39
C LYS B 509 10.70 -20.21 17.62
N ILE B 510 11.32 -20.13 18.82
CA ILE B 510 10.74 -20.35 20.16
C ILE B 510 10.44 -21.84 20.45
N PHE B 511 9.71 -22.52 19.55
CA PHE B 511 9.33 -23.93 19.74
C PHE B 511 10.45 -24.90 19.39
N PHE B 512 11.46 -24.43 18.63
CA PHE B 512 12.61 -25.23 18.21
C PHE B 512 13.92 -24.53 18.49
N ARG B 513 14.99 -25.32 18.68
CA ARG B 513 16.34 -24.81 18.88
C ARG B 513 16.82 -24.32 17.50
N PRO B 514 17.21 -23.03 17.36
CA PRO B 514 17.63 -22.54 16.03
C PRO B 514 18.79 -23.28 15.40
N THR B 515 18.71 -23.51 14.08
CA THR B 515 19.75 -24.14 13.29
C THR B 515 20.83 -23.08 13.08
N THR B 516 22.10 -23.47 13.23
CA THR B 516 23.21 -22.53 13.10
C THR B 516 24.36 -23.08 12.27
N ILE B 517 25.22 -22.17 11.77
CA ILE B 517 26.45 -22.55 11.10
C ILE B 517 27.44 -22.81 12.24
N THR B 518 27.88 -24.06 12.38
CA THR B 518 28.76 -24.47 13.49
C THR B 518 30.24 -24.36 13.15
N ALA B 519 31.03 -23.88 14.12
CA ALA B 519 32.47 -23.67 14.00
C ALA B 519 33.33 -24.91 14.13
N ASN B 520 34.60 -24.77 13.72
CA ASN B 520 35.68 -25.76 13.79
C ASN B 520 36.98 -24.98 14.05
N VAL B 521 37.24 -24.71 15.33
CA VAL B 521 38.38 -23.92 15.83
C VAL B 521 39.74 -24.50 15.38
N SER B 522 39.89 -25.84 15.37
CA SER B 522 41.13 -26.53 14.97
C SER B 522 41.51 -26.29 13.50
N ARG B 523 40.50 -26.19 12.62
CA ARG B 523 40.70 -25.95 11.19
C ARG B 523 40.68 -24.45 10.81
N GLY B 524 40.56 -23.59 11.83
CA GLY B 524 40.51 -22.13 11.66
C GLY B 524 39.17 -21.60 11.17
N LYS B 525 38.13 -22.47 11.15
CA LYS B 525 36.76 -22.16 10.73
C LYS B 525 35.97 -21.56 11.92
N ASP B 526 36.50 -20.46 12.51
CA ASP B 526 35.90 -19.77 13.66
C ASP B 526 35.66 -18.27 13.38
N LYS B 527 35.71 -17.87 12.10
CA LYS B 527 35.53 -16.48 11.69
C LYS B 527 34.84 -16.36 10.33
N LEU B 528 34.06 -15.28 10.14
CA LEU B 528 33.37 -15.01 8.88
C LEU B 528 34.02 -13.82 8.19
N SER B 529 34.69 -14.09 7.06
CA SER B 529 35.38 -13.07 6.28
C SER B 529 34.61 -12.72 5.01
N VAL B 530 34.16 -11.47 4.94
CA VAL B 530 33.39 -10.95 3.81
C VAL B 530 34.33 -10.11 2.91
N ARG B 531 34.28 -10.37 1.60
CA ARG B 531 35.02 -9.64 0.58
C ARG B 531 34.07 -9.23 -0.54
N VAL B 532 34.03 -7.93 -0.87
CA VAL B 532 33.18 -7.41 -1.96
C VAL B 532 34.02 -6.85 -3.11
N VAL B 533 33.42 -6.77 -4.28
CA VAL B 533 34.06 -6.18 -5.46
C VAL B 533 33.20 -4.96 -5.77
N TYR B 534 33.74 -3.75 -5.50
CA TYR B 534 32.99 -2.53 -5.76
C TYR B 534 32.96 -2.20 -7.24
N SER B 535 31.82 -1.65 -7.71
CA SER B 535 31.61 -1.21 -9.09
C SER B 535 32.60 -0.08 -9.39
N THR B 536 33.26 -0.11 -10.57
CA THR B 536 34.20 0.96 -10.91
C THR B 536 33.46 2.18 -11.43
N MET B 537 33.74 3.34 -10.80
CA MET B 537 33.12 4.62 -11.15
C MET B 537 34.06 5.55 -11.92
N ASP B 538 33.49 6.53 -12.64
CA ASP B 538 34.25 7.51 -13.42
C ASP B 538 34.80 8.58 -12.48
N VAL B 539 36.11 8.87 -12.60
CA VAL B 539 36.82 9.87 -11.78
C VAL B 539 36.29 11.30 -11.97
N ASN B 540 35.62 11.56 -13.11
CA ASN B 540 35.08 12.87 -13.45
C ASN B 540 33.64 13.07 -12.98
N HIS B 541 33.09 12.09 -12.26
CA HIS B 541 31.76 12.13 -11.67
C HIS B 541 31.95 12.38 -10.16
N PRO B 542 31.32 13.44 -9.56
CA PRO B 542 31.57 13.72 -8.14
C PRO B 542 31.26 12.61 -7.14
N ILE B 543 30.40 11.62 -7.52
CA ILE B 543 30.04 10.50 -6.64
C ILE B 543 31.23 9.59 -6.33
N TYR B 544 32.23 9.54 -7.23
CA TYR B 544 33.45 8.74 -7.10
C TYR B 544 34.15 9.02 -5.77
N TYR B 545 34.05 10.27 -5.28
CA TYR B 545 34.72 10.77 -4.09
C TYR B 545 33.89 10.61 -2.80
N VAL B 546 32.73 9.92 -2.89
CA VAL B 546 31.92 9.59 -1.71
C VAL B 546 32.56 8.32 -1.15
N GLN B 547 33.05 8.40 0.09
CA GLN B 547 33.72 7.28 0.73
C GLN B 547 32.71 6.25 1.19
N LYS B 548 33.08 4.96 1.08
CA LYS B 548 32.21 3.83 1.40
C LYS B 548 32.71 3.07 2.63
N GLN B 549 31.79 2.41 3.34
CA GLN B 549 32.09 1.59 4.52
C GLN B 549 31.25 0.32 4.46
N LEU B 550 31.91 -0.84 4.52
CA LEU B 550 31.26 -2.14 4.47
C LEU B 550 30.76 -2.53 5.86
N VAL B 551 29.47 -2.88 5.97
CA VAL B 551 28.85 -3.28 7.23
C VAL B 551 28.49 -4.76 7.17
N VAL B 552 28.97 -5.54 8.15
CA VAL B 552 28.70 -6.96 8.26
C VAL B 552 28.00 -7.22 9.61
N VAL B 553 26.79 -7.78 9.55
CA VAL B 553 25.99 -8.09 10.73
C VAL B 553 25.88 -9.61 10.92
N CYS B 554 26.21 -10.08 12.12
CA CYS B 554 26.19 -11.50 12.47
C CYS B 554 25.27 -11.75 13.66
N ASN B 555 24.36 -12.71 13.56
CA ASN B 555 23.43 -13.07 14.63
C ASN B 555 23.89 -14.38 15.26
N ASP B 556 24.47 -14.30 16.46
CA ASP B 556 24.99 -15.45 17.20
C ASP B 556 23.91 -16.01 18.10
N LEU B 557 23.95 -17.33 18.36
CA LEU B 557 23.00 -18.02 19.23
C LEU B 557 23.51 -18.07 20.66
N TYR B 558 22.63 -17.71 21.60
CA TYR B 558 22.87 -17.71 23.03
C TYR B 558 21.80 -18.54 23.72
N LYS B 559 22.17 -19.20 24.85
CA LYS B 559 21.22 -19.97 25.64
C LYS B 559 20.74 -19.13 26.81
N VAL B 560 19.42 -19.03 26.97
CA VAL B 560 18.81 -18.29 28.07
C VAL B 560 18.61 -19.30 29.20
N SER B 561 19.34 -19.06 30.30
CA SER B 561 19.31 -19.90 31.48
C SER B 561 18.80 -19.09 32.68
N TYR B 562 18.32 -19.80 33.71
CA TYR B 562 17.81 -19.18 34.92
C TYR B 562 18.56 -19.73 36.14
N ASP B 563 19.42 -18.87 36.73
CA ASP B 563 20.26 -19.17 37.88
C ASP B 563 19.45 -19.42 39.16
N GLN B 564 19.73 -20.55 39.85
CA GLN B 564 19.08 -20.96 41.09
C GLN B 564 20.05 -21.71 42.01
N GLY B 565 20.07 -21.33 43.28
CA GLY B 565 20.94 -21.95 44.28
C GLY B 565 21.06 -21.17 45.59
N VAL B 566 21.72 -21.79 46.58
CA VAL B 566 21.93 -21.24 47.93
C VAL B 566 23.32 -20.63 48.03
N SER B 567 23.41 -19.41 48.57
CA SER B 567 24.68 -18.74 48.75
C SER B 567 24.83 -18.19 50.18
N ILE B 568 25.96 -18.51 50.83
CA ILE B 568 26.25 -17.99 52.17
C ILE B 568 27.26 -16.86 52.09
N THR B 569 27.06 -15.82 52.89
CA THR B 569 27.92 -14.64 52.88
C THR B 569 28.35 -14.29 54.31
N LYS B 570 29.64 -14.02 54.52
CA LYS B 570 30.17 -13.64 55.84
C LYS B 570 29.72 -12.22 56.19
N ILE B 571 29.06 -12.06 57.37
CA ILE B 571 28.60 -10.76 57.86
C ILE B 571 29.83 -9.95 58.27
N MET B 572 30.09 -8.82 57.56
CA MET B 572 31.24 -7.95 57.77
C MET B 572 30.85 -6.48 57.71
N ILE C 14 42.59 -16.29 -11.31
CA ILE C 14 42.19 -15.17 -10.46
C ILE C 14 40.67 -14.91 -10.41
N PRO C 15 39.86 -14.98 -11.52
CA PRO C 15 38.41 -14.72 -11.37
C PRO C 15 37.60 -15.87 -10.76
N THR C 16 38.14 -17.11 -10.83
CA THR C 16 37.51 -18.33 -10.29
C THR C 16 37.39 -18.31 -8.77
N THR C 17 36.21 -18.71 -8.28
CA THR C 17 35.88 -18.85 -6.86
C THR C 17 35.20 -20.21 -6.68
N GLU C 18 35.68 -20.98 -5.68
CA GLU C 18 35.17 -22.32 -5.37
C GLU C 18 33.68 -22.32 -5.11
N ASN C 19 32.95 -23.16 -5.88
CA ASN C 19 31.50 -23.32 -5.76
C ASN C 19 31.24 -24.59 -4.95
N LEU C 20 31.39 -24.48 -3.62
CA LEU C 20 31.21 -25.59 -2.68
C LEU C 20 29.94 -25.41 -1.86
N TYR C 21 29.22 -26.52 -1.64
CA TYR C 21 27.96 -26.53 -0.89
C TYR C 21 28.14 -26.95 0.58
N PHE C 22 27.35 -26.32 1.47
CA PHE C 22 27.21 -26.51 2.92
C PHE C 22 28.56 -26.54 3.68
N GLN C 23 29.38 -25.49 3.49
CA GLN C 23 30.71 -25.36 4.11
C GLN C 23 30.68 -24.84 5.57
N GLY C 24 29.76 -25.38 6.37
CA GLY C 24 29.58 -25.02 7.77
C GLY C 24 28.93 -26.12 8.60
N ALA C 25 29.43 -27.37 8.46
CA ALA C 25 28.93 -28.54 9.17
C ALA C 25 29.86 -28.95 10.32
N ILE C 41 20.49 -38.97 19.91
CA ILE C 41 19.78 -37.73 20.22
C ILE C 41 18.36 -37.73 19.62
N LYS C 42 17.33 -37.47 20.47
CA LYS C 42 15.93 -37.45 20.06
C LYS C 42 15.61 -36.13 19.34
N ARG C 43 15.36 -36.21 18.03
CA ARG C 43 15.10 -35.05 17.18
C ARG C 43 13.69 -35.04 16.60
N SER C 44 13.04 -33.87 16.59
CA SER C 44 11.71 -33.66 16.02
C SER C 44 11.83 -33.50 14.52
N ASN C 45 10.99 -34.24 13.74
CA ASN C 45 11.01 -34.20 12.28
C ASN C 45 10.52 -32.86 11.78
N VAL C 46 11.42 -32.14 11.11
CA VAL C 46 11.19 -30.80 10.57
C VAL C 46 11.13 -30.85 9.03
N PHE C 47 11.38 -32.04 8.46
CA PHE C 47 11.36 -32.25 7.01
C PHE C 47 10.20 -33.14 6.54
N ALA C 48 9.36 -33.63 7.46
CA ALA C 48 8.22 -34.49 7.14
C ALA C 48 7.18 -34.47 8.23
N VAL C 49 5.91 -34.70 7.84
CA VAL C 49 4.78 -34.73 8.76
C VAL C 49 3.77 -35.81 8.33
N ASP C 50 3.01 -36.34 9.30
CA ASP C 50 1.98 -37.33 9.07
C ASP C 50 0.73 -36.61 8.57
N SER C 51 0.35 -36.85 7.29
CA SER C 51 -0.84 -36.24 6.67
C SER C 51 -2.10 -36.88 7.25
N GLN C 52 -2.60 -36.29 8.35
CA GLN C 52 -3.79 -36.76 9.08
C GLN C 52 -5.05 -36.73 8.23
N ILE C 53 -5.87 -37.79 8.33
CA ILE C 53 -7.14 -37.87 7.58
C ILE C 53 -8.17 -36.96 8.28
N PRO C 54 -8.68 -35.92 7.58
CA PRO C 54 -9.66 -35.04 8.22
C PRO C 54 -11.06 -35.65 8.25
N THR C 55 -11.99 -34.97 8.96
CA THR C 55 -13.40 -35.34 9.02
C THR C 55 -13.95 -35.28 7.59
N LEU C 56 -14.79 -36.25 7.19
CA LEU C 56 -15.33 -36.25 5.84
C LEU C 56 -16.41 -35.17 5.72
N TYR C 57 -16.16 -34.18 4.87
CA TYR C 57 -17.08 -33.07 4.66
C TYR C 57 -17.06 -32.58 3.21
N MET C 58 -18.04 -31.73 2.89
CA MET C 58 -18.16 -31.13 1.57
C MET C 58 -18.66 -29.68 1.70
N PRO C 59 -17.88 -28.68 1.25
CA PRO C 59 -18.34 -27.29 1.35
C PRO C 59 -19.20 -26.86 0.16
N GLN C 60 -20.01 -25.80 0.36
CA GLN C 60 -20.86 -25.23 -0.69
C GLN C 60 -21.22 -23.79 -0.37
N TYR C 61 -21.07 -22.90 -1.38
CA TYR C 61 -21.45 -21.50 -1.22
C TYR C 61 -22.97 -21.46 -1.42
N ILE C 62 -23.70 -21.05 -0.37
CA ILE C 62 -25.17 -20.98 -0.39
C ILE C 62 -25.61 -19.53 -0.29
N SER C 63 -26.53 -19.12 -1.19
CA SER C 63 -27.11 -17.77 -1.23
C SER C 63 -28.62 -17.83 -0.99
N LEU C 64 -29.14 -16.93 -0.15
CA LEU C 64 -30.56 -16.87 0.22
C LEU C 64 -31.12 -15.47 0.16
N SER C 65 -32.38 -15.34 -0.27
CA SER C 65 -33.11 -14.08 -0.28
C SER C 65 -33.80 -13.99 1.09
N GLY C 66 -33.99 -12.77 1.57
CA GLY C 66 -34.60 -12.53 2.87
C GLY C 66 -36.05 -12.14 2.87
N VAL C 67 -36.51 -11.65 4.02
CA VAL C 67 -37.88 -11.18 4.23
C VAL C 67 -37.75 -9.77 4.81
N MET C 68 -38.21 -8.78 4.04
CA MET C 68 -38.12 -7.38 4.42
C MET C 68 -39.30 -6.91 5.26
N THR C 69 -39.01 -6.21 6.36
CA THR C 69 -39.97 -5.66 7.30
C THR C 69 -39.65 -4.17 7.49
N ASN C 70 -40.68 -3.35 7.77
CA ASN C 70 -40.55 -1.91 7.99
C ASN C 70 -41.48 -1.45 9.11
N ASP C 74 -41.29 3.61 13.47
CA ASP C 74 -40.04 4.15 12.97
C ASP C 74 -39.75 3.69 11.53
N ASN C 75 -40.44 2.61 11.07
CA ASN C 75 -40.35 1.99 9.73
C ASN C 75 -38.92 1.59 9.35
N GLN C 76 -38.14 1.12 10.36
CA GLN C 76 -36.77 0.67 10.19
C GLN C 76 -36.73 -0.64 9.40
N ALA C 77 -35.83 -0.72 8.39
CA ALA C 77 -35.66 -1.89 7.53
C ALA C 77 -34.96 -3.04 8.25
N ILE C 78 -35.57 -4.24 8.20
CA ILE C 78 -35.07 -5.47 8.83
C ILE C 78 -35.19 -6.62 7.82
N ALA C 79 -34.07 -7.32 7.54
CA ALA C 79 -34.01 -8.47 6.63
C ALA C 79 -33.75 -9.75 7.42
N SER C 80 -34.67 -10.73 7.32
CA SER C 80 -34.54 -12.01 8.01
C SER C 80 -34.22 -13.13 7.06
N PHE C 81 -33.14 -13.87 7.36
CA PHE C 81 -32.68 -15.01 6.57
C PHE C 81 -32.74 -16.26 7.44
N GLU C 82 -33.61 -17.22 7.06
CA GLU C 82 -33.76 -18.48 7.80
C GLU C 82 -32.97 -19.60 7.13
N ILE C 83 -32.04 -20.20 7.88
CA ILE C 83 -31.20 -21.30 7.42
C ILE C 83 -31.73 -22.56 8.11
N ARG C 84 -32.42 -23.40 7.36
CA ARG C 84 -33.00 -24.65 7.84
C ARG C 84 -32.77 -25.75 6.81
N ASP C 85 -31.81 -26.64 7.12
CA ASP C 85 -31.41 -27.76 6.26
C ASP C 85 -30.72 -28.83 7.10
N GLN C 86 -31.13 -30.09 6.91
CA GLN C 86 -30.57 -31.25 7.59
C GLN C 86 -29.12 -31.54 7.14
N TYR C 87 -28.73 -31.01 5.96
CA TYR C 87 -27.39 -31.22 5.43
C TYR C 87 -26.44 -30.04 5.69
N ILE C 88 -26.94 -28.86 6.11
CA ILE C 88 -26.04 -27.76 6.48
C ILE C 88 -25.67 -28.04 7.96
N THR C 89 -24.59 -28.81 8.14
CA THR C 89 -24.09 -29.25 9.44
C THR C 89 -23.43 -28.10 10.19
N ALA C 90 -22.66 -27.28 9.46
CA ALA C 90 -21.94 -26.12 9.99
C ALA C 90 -21.80 -25.04 8.92
N LEU C 91 -21.60 -23.78 9.35
CA LEU C 91 -21.43 -22.65 8.44
C LEU C 91 -20.53 -21.55 8.99
N ASN C 92 -19.94 -20.77 8.08
CA ASN C 92 -19.12 -19.58 8.38
C ASN C 92 -19.00 -18.68 7.12
N HIS C 93 -18.23 -17.57 7.22
CA HIS C 93 -17.98 -16.56 6.17
C HIS C 93 -19.27 -16.00 5.57
N LEU C 94 -19.99 -15.22 6.38
CA LEU C 94 -21.24 -14.58 5.98
C LEU C 94 -20.91 -13.35 5.13
N VAL C 95 -21.54 -13.25 3.95
CA VAL C 95 -21.35 -12.13 3.01
C VAL C 95 -22.73 -11.63 2.60
N LEU C 96 -23.02 -10.34 2.87
CA LEU C 96 -24.30 -9.75 2.50
C LEU C 96 -24.17 -8.93 1.22
N SER C 97 -24.95 -9.29 0.20
CA SER C 97 -24.99 -8.60 -1.10
C SER C 97 -26.06 -7.53 -1.04
N LEU C 98 -25.82 -6.40 -1.70
CA LEU C 98 -26.78 -5.30 -1.77
C LEU C 98 -26.84 -4.70 -3.15
N GLU C 99 -28.06 -4.68 -3.74
CA GLU C 99 -28.33 -4.14 -5.07
C GLU C 99 -28.68 -2.64 -4.99
N LEU C 100 -27.67 -1.77 -5.21
CA LEU C 100 -27.84 -0.31 -5.20
C LEU C 100 -28.57 0.08 -6.49
N PRO C 101 -29.68 0.84 -6.40
CA PRO C 101 -30.46 1.15 -7.61
C PRO C 101 -29.86 2.26 -8.45
N GLU C 102 -30.41 2.42 -9.67
CA GLU C 102 -30.04 3.50 -10.58
C GLU C 102 -30.57 4.78 -9.94
N VAL C 103 -29.71 5.78 -9.80
CA VAL C 103 -30.10 7.06 -9.21
C VAL C 103 -30.23 8.05 -10.36
N LYS C 104 -31.47 8.57 -10.55
CA LYS C 104 -31.81 9.52 -11.62
C LYS C 104 -32.30 10.85 -11.05
N GLY C 105 -32.21 11.88 -11.87
CA GLY C 105 -32.67 13.21 -11.50
C GLY C 105 -31.60 14.28 -11.52
N MET C 106 -31.90 15.41 -10.86
CA MET C 106 -31.01 16.55 -10.78
C MET C 106 -30.36 16.69 -9.42
N GLY C 107 -29.25 17.42 -9.37
CA GLY C 107 -28.50 17.67 -8.15
C GLY C 107 -27.25 16.83 -8.02
N ARG C 108 -26.50 17.07 -6.93
CA ARG C 108 -25.27 16.36 -6.62
C ARG C 108 -25.57 15.20 -5.69
N PHE C 109 -25.04 14.01 -6.02
CA PHE C 109 -25.24 12.76 -5.26
C PHE C 109 -24.03 11.85 -5.35
N GLY C 110 -23.76 11.18 -4.23
CA GLY C 110 -22.69 10.21 -4.08
C GLY C 110 -22.89 9.36 -2.85
N TYR C 111 -22.28 8.17 -2.81
CA TYR C 111 -22.38 7.29 -1.65
C TYR C 111 -21.18 7.48 -0.73
N VAL C 112 -21.37 7.24 0.58
CA VAL C 112 -20.29 7.31 1.57
C VAL C 112 -19.27 6.20 1.27
N PRO C 113 -17.94 6.37 1.55
CA PRO C 113 -17.00 5.26 1.28
C PRO C 113 -17.37 4.07 2.14
N TYR C 114 -17.21 2.84 1.59
CA TYR C 114 -17.57 1.58 2.24
C TYR C 114 -19.08 1.55 2.57
N VAL C 115 -19.89 2.01 1.58
CA VAL C 115 -21.36 2.13 1.62
C VAL C 115 -22.03 0.90 2.24
N GLY C 116 -21.55 -0.29 1.87
CA GLY C 116 -22.07 -1.57 2.34
C GLY C 116 -22.07 -1.73 3.85
N TYR C 117 -20.95 -1.38 4.51
CA TYR C 117 -20.83 -1.48 5.97
C TYR C 117 -21.65 -0.41 6.65
N LYS C 118 -21.66 0.82 6.08
CA LYS C 118 -22.36 1.99 6.63
C LYS C 118 -23.89 1.84 6.68
N CYS C 119 -24.49 1.00 5.81
CA CYS C 119 -25.94 0.82 5.81
C CYS C 119 -26.41 -0.23 6.83
N ILE C 120 -25.45 -0.97 7.41
CA ILE C 120 -25.71 -1.98 8.44
C ILE C 120 -25.86 -1.25 9.79
N ASN C 121 -26.97 -1.50 10.49
CA ASN C 121 -27.22 -0.95 11.81
C ASN C 121 -26.94 -2.00 12.89
N HIS C 122 -27.37 -3.25 12.63
CA HIS C 122 -27.22 -4.38 13.55
C HIS C 122 -27.34 -5.72 12.82
N VAL C 123 -26.49 -6.70 13.20
CA VAL C 123 -26.52 -8.06 12.67
C VAL C 123 -26.75 -8.99 13.85
N SER C 124 -27.71 -9.90 13.74
CA SER C 124 -28.05 -10.84 14.80
C SER C 124 -28.17 -12.27 14.26
N ILE C 125 -27.39 -13.21 14.84
CA ILE C 125 -27.44 -14.63 14.50
C ILE C 125 -28.09 -15.32 15.69
N SER C 126 -29.27 -15.90 15.46
CA SER C 126 -30.04 -16.55 16.51
C SER C 126 -30.58 -17.94 16.13
N SER C 127 -30.90 -18.75 17.16
CA SER C 127 -31.49 -20.08 17.03
C SER C 127 -32.78 -20.10 17.86
N CYS C 128 -33.43 -21.28 17.97
CA CYS C 128 -34.65 -21.44 18.76
C CYS C 128 -34.45 -21.14 20.26
N ASN C 129 -33.20 -21.30 20.76
CA ASN C 129 -32.80 -21.06 22.15
C ASN C 129 -32.47 -19.58 22.44
N GLY C 130 -32.35 -18.76 21.39
CA GLY C 130 -32.05 -17.34 21.49
C GLY C 130 -30.87 -16.88 20.64
N VAL C 131 -30.38 -15.66 20.91
CA VAL C 131 -29.25 -15.05 20.18
C VAL C 131 -27.96 -15.79 20.49
N ILE C 132 -27.22 -16.20 19.44
CA ILE C 132 -25.92 -16.88 19.54
C ILE C 132 -24.82 -15.83 19.54
N TRP C 133 -24.90 -14.87 18.60
CA TRP C 133 -23.96 -13.78 18.43
C TRP C 133 -24.66 -12.61 17.75
N GLU C 134 -24.29 -11.39 18.16
CA GLU C 134 -24.82 -10.15 17.59
C GLU C 134 -23.78 -9.03 17.63
N ILE C 135 -23.93 -8.04 16.74
CA ILE C 135 -23.02 -6.90 16.63
C ILE C 135 -23.73 -5.62 16.20
N GLU C 136 -23.19 -4.47 16.63
CA GLU C 136 -23.66 -3.17 16.19
C GLU C 136 -22.93 -2.87 14.88
N GLY C 137 -23.58 -2.11 13.98
CA GLY C 137 -23.04 -1.75 12.68
C GLY C 137 -21.61 -1.24 12.68
N GLU C 138 -21.31 -0.25 13.56
CA GLU C 138 -20.00 0.37 13.70
C GLU C 138 -18.93 -0.61 14.16
N GLU C 139 -19.29 -1.54 15.05
CA GLU C 139 -18.35 -2.54 15.58
C GLU C 139 -17.93 -3.54 14.51
N LEU C 140 -18.87 -3.97 13.63
CA LEU C 140 -18.59 -4.86 12.51
C LEU C 140 -17.61 -4.16 11.56
N TYR C 141 -17.84 -2.85 11.30
CA TYR C 141 -16.99 -2.00 10.46
C TYR C 141 -15.60 -1.88 11.08
N ASN C 142 -15.55 -1.64 12.41
CA ASN C 142 -14.30 -1.53 13.17
C ASN C 142 -13.48 -2.81 13.10
N ASN C 143 -14.15 -3.97 13.15
CA ASN C 143 -13.51 -5.28 13.05
C ASN C 143 -12.93 -5.56 11.65
N CYS C 144 -13.49 -4.91 10.62
CA CYS C 144 -13.07 -5.10 9.24
C CYS C 144 -12.20 -3.94 8.70
N ILE C 145 -11.97 -2.88 9.52
CA ILE C 145 -11.24 -1.66 9.13
C ILE C 145 -9.80 -1.94 8.64
N ASN C 146 -9.17 -3.04 9.12
CA ASN C 146 -7.81 -3.41 8.72
C ASN C 146 -7.81 -4.41 7.53
N ASN C 147 -9.02 -4.81 7.05
CA ASN C 147 -9.21 -5.72 5.91
C ASN C 147 -9.53 -4.91 4.64
N THR C 148 -8.50 -4.61 3.86
CA THR C 148 -8.58 -3.82 2.61
C THR C 148 -9.58 -4.41 1.61
N ILE C 149 -9.50 -5.74 1.39
CA ILE C 149 -10.35 -6.48 0.45
C ILE C 149 -11.83 -6.38 0.84
N ALA C 150 -12.15 -6.62 2.13
CA ALA C 150 -13.51 -6.54 2.66
C ALA C 150 -14.07 -5.13 2.49
N LEU C 151 -13.21 -4.11 2.72
CA LEU C 151 -13.60 -2.71 2.57
C LEU C 151 -13.87 -2.35 1.11
N LYS C 152 -13.07 -2.89 0.17
CA LYS C 152 -13.25 -2.64 -1.28
C LYS C 152 -14.57 -3.21 -1.77
N HIS C 153 -14.85 -4.49 -1.45
CA HIS C 153 -16.08 -5.20 -1.82
C HIS C 153 -17.33 -4.45 -1.36
N SER C 154 -17.22 -3.81 -0.18
CA SER C 154 -18.23 -3.00 0.51
C SER C 154 -18.75 -1.83 -0.32
N GLY C 155 -17.90 -1.27 -1.19
CA GLY C 155 -18.26 -0.14 -2.02
C GLY C 155 -17.29 1.01 -1.88
N TYR C 156 -16.13 0.88 -2.54
CA TYR C 156 -15.10 1.90 -2.53
C TYR C 156 -14.53 2.06 -3.93
N SER C 157 -15.20 2.91 -4.73
CA SER C 157 -14.86 3.19 -6.13
C SER C 157 -15.17 4.65 -6.47
N SER C 158 -14.60 5.15 -7.57
CA SER C 158 -14.87 6.49 -8.06
C SER C 158 -16.32 6.54 -8.58
N GLU C 159 -16.80 5.41 -9.12
CA GLU C 159 -18.16 5.21 -9.63
C GLU C 159 -19.20 5.46 -8.53
N LEU C 160 -18.94 5.00 -7.29
CA LEU C 160 -19.85 5.13 -6.16
C LEU C 160 -19.63 6.31 -5.23
N ASN C 161 -18.35 6.61 -4.91
CA ASN C 161 -18.01 7.61 -3.90
C ASN C 161 -17.79 9.03 -4.41
N ASP C 162 -17.49 9.22 -5.71
CA ASP C 162 -17.32 10.58 -6.23
C ASP C 162 -18.70 11.25 -6.29
N ILE C 163 -18.77 12.55 -5.99
CA ILE C 163 -20.03 13.28 -5.99
C ILE C 163 -20.42 13.63 -7.44
N SER C 164 -21.31 12.82 -8.03
CA SER C 164 -21.80 12.97 -9.40
C SER C 164 -22.93 13.99 -9.48
N ILE C 165 -23.04 14.70 -10.62
CA ILE C 165 -24.07 15.72 -10.83
C ILE C 165 -25.05 15.34 -11.96
N GLY C 166 -26.35 15.49 -11.67
CA GLY C 166 -27.44 15.27 -12.59
C GLY C 166 -27.91 16.60 -13.15
N LEU C 167 -27.93 16.74 -14.49
CA LEU C 167 -28.29 17.97 -15.17
C LEU C 167 -29.76 18.10 -15.58
N THR C 168 -30.40 16.98 -15.95
CA THR C 168 -31.81 16.95 -16.36
C THR C 168 -32.62 16.00 -15.47
N PRO C 169 -33.97 16.14 -15.32
CA PRO C 169 -34.72 15.22 -14.44
C PRO C 169 -34.68 13.74 -14.81
N ASN C 170 -34.17 13.40 -16.01
CA ASN C 170 -34.07 12.02 -16.50
C ASN C 170 -32.61 11.55 -16.62
N ASP C 171 -31.64 12.43 -16.27
CA ASP C 171 -30.21 12.14 -16.30
C ASP C 171 -29.84 11.10 -15.23
N THR C 172 -28.97 10.16 -15.59
CA THR C 172 -28.52 9.13 -14.66
C THR C 172 -27.32 9.66 -13.88
N ILE C 173 -27.49 9.79 -12.55
CA ILE C 173 -26.45 10.26 -11.63
C ILE C 173 -25.54 9.05 -11.31
N LYS C 174 -26.15 7.94 -10.85
CA LYS C 174 -25.45 6.72 -10.49
C LYS C 174 -26.06 5.51 -11.18
N GLU C 175 -25.21 4.67 -11.80
CA GLU C 175 -25.65 3.45 -12.47
C GLU C 175 -25.90 2.37 -11.41
N PRO C 176 -26.84 1.41 -11.63
CA PRO C 176 -27.07 0.37 -10.59
C PRO C 176 -25.82 -0.49 -10.37
N SER C 177 -25.54 -0.79 -9.10
CA SER C 177 -24.34 -1.52 -8.69
C SER C 177 -24.63 -2.52 -7.59
N THR C 178 -23.77 -3.54 -7.47
CA THR C 178 -23.89 -4.56 -6.42
C THR C 178 -22.68 -4.48 -5.49
N VAL C 179 -22.94 -4.35 -4.19
CA VAL C 179 -21.90 -4.28 -3.16
C VAL C 179 -21.96 -5.51 -2.24
N TYR C 180 -20.80 -5.95 -1.74
CA TYR C 180 -20.68 -7.14 -0.90
C TYR C 180 -20.07 -6.79 0.44
N VAL C 181 -20.81 -7.09 1.52
CA VAL C 181 -20.44 -6.78 2.90
C VAL C 181 -20.04 -8.07 3.64
N TYR C 182 -18.77 -8.20 3.99
CA TYR C 182 -18.29 -9.36 4.72
C TYR C 182 -18.66 -9.24 6.21
N ILE C 183 -19.69 -9.99 6.63
CA ILE C 183 -20.16 -10.04 8.02
C ILE C 183 -19.18 -10.96 8.78
N LYS C 184 -18.04 -10.39 9.23
CA LYS C 184 -17.01 -11.11 9.98
C LYS C 184 -17.61 -11.57 11.31
N THR C 185 -17.51 -12.87 11.59
CA THR C 185 -18.04 -13.50 12.80
C THR C 185 -16.91 -14.27 13.51
N PRO C 186 -17.06 -14.66 14.80
CA PRO C 186 -15.99 -15.45 15.45
C PRO C 186 -15.80 -16.85 14.88
N PHE C 187 -16.71 -17.27 13.97
CA PHE C 187 -16.71 -18.58 13.33
C PHE C 187 -15.72 -18.71 12.18
N ASP C 188 -15.10 -17.59 11.75
CA ASP C 188 -14.14 -17.59 10.63
C ASP C 188 -12.69 -17.69 11.06
N VAL C 189 -12.40 -17.41 12.37
CA VAL C 189 -11.07 -17.42 13.01
C VAL C 189 -10.20 -18.61 12.58
N GLU C 190 -10.68 -19.84 12.84
CA GLU C 190 -9.95 -21.06 12.50
C GLU C 190 -10.74 -21.94 11.51
N ASP C 191 -11.35 -21.29 10.50
CA ASP C 191 -12.13 -21.88 9.41
C ASP C 191 -13.15 -22.93 9.89
N THR C 192 -12.95 -24.22 9.54
CA THR C 192 -13.85 -25.31 9.90
C THR C 192 -13.90 -25.59 11.40
N PHE C 193 -12.77 -25.40 12.11
CA PHE C 193 -12.65 -25.61 13.56
C PHE C 193 -13.55 -24.66 14.34
N SER C 194 -13.61 -23.39 13.91
CA SER C 194 -14.37 -22.33 14.56
C SER C 194 -15.83 -22.18 14.06
N SER C 195 -16.17 -22.79 12.90
CA SER C 195 -17.49 -22.74 12.25
C SER C 195 -18.69 -22.93 13.17
N LEU C 196 -19.80 -22.24 12.88
CA LEU C 196 -21.04 -22.35 13.65
C LEU C 196 -21.72 -23.67 13.28
N LYS C 197 -21.88 -24.58 14.26
CA LYS C 197 -22.54 -25.87 14.05
C LYS C 197 -24.04 -25.74 14.28
N LEU C 198 -24.86 -26.38 13.42
CA LEU C 198 -26.33 -26.37 13.49
C LEU C 198 -26.84 -27.72 14.01
N SER C 199 -27.10 -27.82 15.33
CA SER C 199 -27.58 -29.06 15.96
C SER C 199 -29.08 -29.31 15.65
N ASP C 200 -29.40 -29.62 14.36
CA ASP C 200 -30.75 -29.85 13.85
C ASP C 200 -31.70 -28.67 14.16
N SER C 201 -31.12 -27.47 14.36
CA SER C 201 -31.81 -26.23 14.70
C SER C 201 -31.86 -25.24 13.55
N LYS C 202 -32.89 -24.36 13.56
CA LYS C 202 -33.13 -23.30 12.59
C LYS C 202 -32.29 -22.08 12.99
N ILE C 203 -31.42 -21.62 12.08
CA ILE C 203 -30.57 -20.45 12.33
C ILE C 203 -31.13 -19.25 11.58
N THR C 204 -31.40 -18.16 12.31
CA THR C 204 -31.92 -16.93 11.72
C THR C 204 -30.86 -15.82 11.76
N VAL C 205 -30.60 -15.22 10.60
CA VAL C 205 -29.68 -14.10 10.47
C VAL C 205 -30.55 -12.87 10.18
N THR C 206 -30.60 -11.95 11.15
CA THR C 206 -31.40 -10.72 11.09
C THR C 206 -30.48 -9.51 10.87
N VAL C 207 -30.72 -8.77 9.78
CA VAL C 207 -29.92 -7.57 9.45
C VAL C 207 -30.82 -6.32 9.50
N THR C 208 -30.54 -5.44 10.48
CA THR C 208 -31.24 -4.17 10.64
C THR C 208 -30.44 -3.14 9.85
N PHE C 209 -31.13 -2.32 9.04
CA PHE C 209 -30.49 -1.32 8.20
C PHE C 209 -30.69 0.10 8.68
N ASN C 210 -29.66 0.94 8.48
CA ASN C 210 -29.69 2.37 8.81
C ASN C 210 -30.52 3.09 7.74
N PRO C 211 -31.14 4.26 8.03
CA PRO C 211 -31.87 4.96 6.95
C PRO C 211 -30.91 5.36 5.83
N VAL C 212 -31.39 5.36 4.57
CA VAL C 212 -30.58 5.67 3.38
C VAL C 212 -29.86 7.04 3.48
N SER C 213 -30.35 7.95 4.36
CA SER C 213 -29.76 9.25 4.61
C SER C 213 -28.30 9.14 5.08
N ASP C 214 -28.01 8.12 5.90
CA ASP C 214 -26.71 7.82 6.48
C ASP C 214 -25.64 7.43 5.45
N ILE C 215 -26.05 6.82 4.33
CA ILE C 215 -25.13 6.32 3.29
C ILE C 215 -25.04 7.20 2.05
N VAL C 216 -25.69 8.38 2.08
CA VAL C 216 -25.76 9.29 0.95
C VAL C 216 -25.24 10.70 1.27
N ILE C 217 -24.41 11.24 0.35
CA ILE C 217 -23.86 12.61 0.39
C ILE C 217 -24.50 13.35 -0.77
N ARG C 218 -25.37 14.33 -0.46
CA ARG C 218 -26.13 15.08 -1.45
C ARG C 218 -26.29 16.58 -1.13
N ASP C 219 -26.59 17.39 -2.15
CA ASP C 219 -26.84 18.83 -1.99
C ASP C 219 -28.37 19.09 -1.92
N SER C 220 -28.77 20.35 -1.67
CA SER C 220 -30.18 20.76 -1.56
C SER C 220 -30.98 20.50 -2.86
N SER C 221 -30.32 20.68 -4.03
CA SER C 221 -30.87 20.47 -5.37
C SER C 221 -31.40 19.05 -5.58
N PHE C 222 -30.71 18.04 -5.02
CA PHE C 222 -31.11 16.63 -5.13
C PHE C 222 -32.42 16.38 -4.40
N ASP C 223 -33.38 15.73 -5.10
CA ASP C 223 -34.68 15.39 -4.53
C ASP C 223 -34.56 14.18 -3.63
N PHE C 224 -34.13 14.43 -2.38
CA PHE C 224 -33.99 13.37 -1.39
C PHE C 224 -35.34 12.87 -0.90
N GLU C 225 -36.35 13.76 -0.85
CA GLU C 225 -37.71 13.41 -0.39
C GLU C 225 -38.28 12.25 -1.21
N THR C 226 -38.16 12.33 -2.55
CA THR C 226 -38.62 11.28 -3.46
C THR C 226 -37.70 10.06 -3.36
N PHE C 227 -36.36 10.28 -3.32
CA PHE C 227 -35.36 9.22 -3.22
C PHE C 227 -35.57 8.33 -2.00
N ASN C 228 -35.78 8.94 -0.82
CA ASN C 228 -36.02 8.24 0.45
C ASN C 228 -37.30 7.40 0.37
N LYS C 229 -38.34 7.92 -0.32
CA LYS C 229 -39.63 7.26 -0.51
C LYS C 229 -39.49 6.06 -1.46
N GLU C 230 -38.77 6.23 -2.57
CA GLU C 230 -38.59 5.23 -3.61
C GLU C 230 -37.48 4.18 -3.30
N PHE C 231 -36.48 4.51 -2.46
CA PHE C 231 -35.38 3.58 -2.13
C PHE C 231 -35.84 2.41 -1.27
N VAL C 232 -35.32 1.22 -1.59
CA VAL C 232 -35.55 -0.04 -0.87
C VAL C 232 -34.25 -0.83 -0.80
N TYR C 233 -33.96 -1.42 0.38
CA TYR C 233 -32.78 -2.25 0.55
C TYR C 233 -33.05 -3.63 -0.07
N VAL C 234 -32.21 -4.04 -1.02
CA VAL C 234 -32.36 -5.32 -1.72
C VAL C 234 -31.21 -6.26 -1.31
N PRO C 235 -31.39 -7.03 -0.22
CA PRO C 235 -30.29 -7.88 0.27
C PRO C 235 -30.36 -9.34 -0.13
N GLU C 236 -29.21 -10.02 -0.01
CA GLU C 236 -29.04 -11.46 -0.25
C GLU C 236 -27.88 -11.94 0.62
N LEU C 237 -28.14 -12.95 1.47
CA LEU C 237 -27.11 -13.49 2.35
C LEU C 237 -26.46 -14.72 1.74
N SER C 238 -25.13 -14.72 1.70
CA SER C 238 -24.32 -15.84 1.23
C SER C 238 -23.45 -16.31 2.39
N PHE C 239 -23.15 -17.62 2.43
CA PHE C 239 -22.30 -18.23 3.45
C PHE C 239 -21.69 -19.52 2.94
N ILE C 240 -20.59 -19.97 3.56
CA ILE C 240 -19.97 -21.23 3.19
C ILE C 240 -20.59 -22.28 4.10
N GLY C 241 -21.41 -23.14 3.52
CA GLY C 241 -22.07 -24.24 4.24
C GLY C 241 -21.23 -25.51 4.14
N TYR C 242 -21.17 -26.31 5.21
CA TYR C 242 -20.39 -27.55 5.22
C TYR C 242 -21.27 -28.75 5.56
N MET C 243 -21.36 -29.74 4.65
CA MET C 243 -22.11 -30.97 4.91
C MET C 243 -21.11 -31.95 5.51
N VAL C 244 -21.25 -32.25 6.81
CA VAL C 244 -20.30 -33.09 7.54
C VAL C 244 -20.85 -34.49 7.85
N LYS C 245 -20.10 -35.52 7.46
CA LYS C 245 -20.43 -36.93 7.72
C LYS C 245 -19.91 -37.29 9.11
N ASN C 246 -20.83 -37.70 10.01
CA ASN C 246 -20.57 -38.09 11.39
C ASN C 246 -19.74 -37.07 12.15
N VAL C 247 -20.30 -35.86 12.32
CA VAL C 247 -19.64 -34.75 13.01
C VAL C 247 -19.51 -35.06 14.51
N GLN C 248 -18.34 -34.72 15.08
CA GLN C 248 -18.08 -34.91 16.51
C GLN C 248 -18.04 -33.53 17.14
N ILE C 249 -19.22 -33.02 17.52
CA ILE C 249 -19.40 -31.70 18.14
C ILE C 249 -18.86 -31.70 19.57
N LYS C 250 -18.11 -30.64 19.94
CA LYS C 250 -17.55 -30.41 21.26
C LYS C 250 -17.87 -28.97 21.68
N PRO C 251 -18.03 -28.65 22.99
CA PRO C 251 -18.32 -27.26 23.36
C PRO C 251 -17.13 -26.33 23.15
N SER C 252 -17.41 -25.05 22.84
CA SER C 252 -16.40 -24.04 22.59
C SER C 252 -16.69 -22.74 23.34
N PHE C 253 -15.93 -21.68 23.03
CA PHE C 253 -16.07 -20.35 23.63
C PHE C 253 -16.20 -19.29 22.54
N ILE C 254 -17.02 -18.27 22.81
CA ILE C 254 -17.26 -17.16 21.88
C ILE C 254 -17.15 -15.80 22.61
N GLU C 255 -16.64 -14.79 21.90
CA GLU C 255 -16.53 -13.43 22.40
C GLU C 255 -17.64 -12.61 21.74
N LYS C 256 -18.55 -12.04 22.54
CA LYS C 256 -19.66 -11.23 22.02
C LYS C 256 -19.45 -9.75 22.38
N PRO C 257 -19.48 -8.84 21.39
CA PRO C 257 -19.27 -7.42 21.70
C PRO C 257 -20.49 -6.72 22.24
N ARG C 258 -20.25 -5.84 23.24
CA ARG C 258 -21.23 -4.99 23.91
C ARG C 258 -20.76 -3.57 23.77
N ARG C 259 -21.68 -2.68 23.47
CA ARG C 259 -21.37 -1.27 23.27
C ARG C 259 -22.19 -0.41 24.23
N VAL C 260 -21.55 0.62 24.79
CA VAL C 260 -22.19 1.58 25.68
C VAL C 260 -21.83 2.98 25.16
N ILE C 261 -22.85 3.79 24.83
CA ILE C 261 -22.65 5.15 24.34
C ILE C 261 -23.02 6.11 25.46
N GLY C 262 -22.05 6.90 25.88
CA GLY C 262 -22.21 7.88 26.94
C GLY C 262 -23.14 9.03 26.57
N GLN C 263 -23.66 9.75 27.58
CA GLN C 263 -24.53 10.91 27.36
C GLN C 263 -23.73 12.00 26.65
N ILE C 264 -24.39 12.79 25.80
CA ILE C 264 -23.77 13.86 25.01
C ILE C 264 -22.97 14.84 25.89
N ASN C 265 -21.66 14.97 25.60
CA ASN C 265 -20.66 15.79 26.31
C ASN C 265 -20.42 15.32 27.77
N GLN C 266 -20.66 14.02 28.04
CA GLN C 266 -20.42 13.38 29.34
C GLN C 266 -19.09 12.64 29.23
N PRO C 267 -18.09 12.94 30.09
CA PRO C 267 -16.78 12.27 29.97
C PRO C 267 -16.70 10.88 30.62
N THR C 268 -17.86 10.30 30.97
CA THR C 268 -17.95 8.97 31.56
C THR C 268 -18.93 8.09 30.81
N ALA C 269 -18.81 6.77 31.04
CA ALA C 269 -19.66 5.70 30.53
C ALA C 269 -19.32 4.45 31.32
N THR C 270 -20.33 3.65 31.66
CA THR C 270 -20.14 2.44 32.46
C THR C 270 -20.72 1.21 31.78
N VAL C 271 -19.98 0.09 31.85
CA VAL C 271 -20.40 -1.21 31.31
C VAL C 271 -20.68 -2.08 32.54
N THR C 272 -21.96 -2.45 32.74
CA THR C 272 -22.40 -3.27 33.89
C THR C 272 -22.27 -4.76 33.63
N GLU C 273 -22.37 -5.58 34.70
CA GLU C 273 -22.29 -7.04 34.66
C GLU C 273 -21.08 -7.58 33.88
N VAL C 274 -19.89 -7.04 34.17
CA VAL C 274 -18.63 -7.48 33.54
C VAL C 274 -18.11 -8.61 34.42
N HIS C 275 -18.19 -9.85 33.94
CA HIS C 275 -17.77 -11.02 34.69
C HIS C 275 -16.54 -11.71 34.09
N ALA C 276 -16.45 -11.77 32.76
CA ALA C 276 -15.32 -12.36 32.05
C ALA C 276 -15.11 -11.64 30.71
N ALA C 277 -14.33 -10.55 30.73
CA ALA C 277 -14.07 -9.76 29.52
C ALA C 277 -12.68 -10.00 28.93
N THR C 278 -12.62 -10.16 27.59
CA THR C 278 -11.38 -10.40 26.83
C THR C 278 -10.68 -9.10 26.42
N SER C 279 -11.43 -8.00 26.24
CA SER C 279 -10.91 -6.68 25.84
C SER C 279 -11.85 -5.51 26.18
N LEU C 280 -11.32 -4.28 26.10
CA LEU C 280 -12.08 -3.06 26.34
C LEU C 280 -11.54 -1.92 25.46
N SER C 281 -12.38 -1.41 24.55
CA SER C 281 -12.03 -0.31 23.64
C SER C 281 -12.77 0.95 24.03
N VAL C 282 -12.09 2.09 23.91
CA VAL C 282 -12.62 3.42 24.22
C VAL C 282 -12.31 4.35 23.04
N TYR C 283 -13.35 5.02 22.51
CA TYR C 283 -13.22 6.01 21.44
C TYR C 283 -14.29 7.09 21.55
N THR C 284 -14.14 8.16 20.75
CA THR C 284 -15.07 9.30 20.73
C THR C 284 -15.76 9.38 19.38
N LYS C 285 -16.98 9.91 19.39
CA LYS C 285 -17.79 10.13 18.20
C LYS C 285 -18.35 11.53 18.24
N PRO C 286 -18.50 12.21 17.08
CA PRO C 286 -19.13 13.53 17.11
C PRO C 286 -20.65 13.39 17.05
N TYR C 287 -21.36 14.35 17.67
CA TYR C 287 -22.81 14.39 17.61
C TYR C 287 -23.18 15.65 16.84
N TYR C 288 -23.82 15.48 15.68
CA TYR C 288 -24.17 16.60 14.80
C TYR C 288 -25.68 16.97 14.81
N GLY C 289 -26.40 16.58 15.86
CA GLY C 289 -27.83 16.86 15.99
C GLY C 289 -28.16 18.33 16.13
N ASN C 290 -27.21 19.12 16.68
CA ASN C 290 -27.34 20.57 16.87
C ASN C 290 -27.04 21.34 15.55
N THR C 291 -26.86 20.59 14.43
CA THR C 291 -26.57 21.13 13.10
C THR C 291 -27.52 20.52 12.06
N ASP C 292 -27.48 21.03 10.82
CA ASP C 292 -28.29 20.53 9.71
C ASP C 292 -27.54 19.45 8.89
N ASN C 293 -26.37 19.01 9.42
CA ASN C 293 -25.45 18.01 8.85
C ASN C 293 -24.88 18.41 7.48
N LYS C 294 -24.91 19.72 7.18
CA LYS C 294 -24.38 20.29 5.96
C LYS C 294 -22.92 20.73 6.19
N PHE C 295 -22.06 20.43 5.20
CA PHE C 295 -20.63 20.75 5.20
C PHE C 295 -20.28 21.43 3.88
N ILE C 296 -19.30 22.35 3.89
CA ILE C 296 -18.90 23.11 2.70
C ILE C 296 -18.39 22.21 1.57
N SER C 297 -17.42 21.32 1.87
CA SER C 297 -16.78 20.45 0.87
C SER C 297 -16.73 18.96 1.22
N TYR C 298 -16.44 18.13 0.18
CA TYR C 298 -16.24 16.69 0.29
C TYR C 298 -15.34 16.20 -0.86
N PRO C 299 -14.26 15.43 -0.55
CA PRO C 299 -13.33 15.02 -1.61
C PRO C 299 -13.79 13.86 -2.52
N GLY C 300 -14.79 13.11 -2.09
CA GLY C 300 -15.34 11.99 -2.86
C GLY C 300 -14.60 10.69 -2.59
N TYR C 301 -14.16 10.02 -3.67
CA TYR C 301 -13.41 8.75 -3.61
C TYR C 301 -12.03 8.94 -2.99
N SER C 302 -11.34 10.06 -3.32
CA SER C 302 -10.03 10.42 -2.80
C SER C 302 -10.25 10.72 -1.32
N GLN C 303 -9.71 9.88 -0.42
CA GLN C 303 -9.96 10.00 1.01
C GLN C 303 -8.76 10.36 1.91
N ASP C 304 -7.62 10.80 1.36
CA ASP C 304 -6.47 11.20 2.18
C ASP C 304 -6.76 12.53 2.88
N GLU C 305 -5.99 12.82 3.95
CA GLU C 305 -6.09 14.07 4.72
C GLU C 305 -5.93 15.26 3.76
N LYS C 306 -4.91 15.20 2.85
CA LYS C 306 -4.64 16.22 1.83
C LYS C 306 -5.81 16.38 0.86
N ASP C 307 -6.47 15.26 0.50
CA ASP C 307 -7.62 15.27 -0.42
C ASP C 307 -8.81 16.04 0.15
N TYR C 308 -9.05 15.92 1.47
CA TYR C 308 -10.11 16.64 2.20
C TYR C 308 -9.80 18.14 2.21
N ILE C 309 -8.53 18.49 2.48
CA ILE C 309 -8.02 19.86 2.55
C ILE C 309 -8.09 20.54 1.16
N ASP C 310 -7.54 19.89 0.12
CA ASP C 310 -7.54 20.40 -1.25
C ASP C 310 -8.95 20.71 -1.78
N ALA C 311 -9.93 19.86 -1.44
CA ALA C 311 -11.34 20.01 -1.83
C ALA C 311 -11.94 21.25 -1.17
N TYR C 312 -11.58 21.53 0.11
CA TYR C 312 -12.06 22.69 0.88
C TYR C 312 -11.49 23.98 0.28
N VAL C 313 -10.16 24.01 0.05
CA VAL C 313 -9.44 25.13 -0.55
C VAL C 313 -10.07 25.47 -1.91
N SER C 314 -10.30 24.45 -2.76
CA SER C 314 -10.91 24.58 -4.09
C SER C 314 -12.28 25.28 -4.02
N ARG C 315 -13.12 24.88 -3.05
CA ARG C 315 -14.47 25.43 -2.85
C ARG C 315 -14.45 26.91 -2.43
N LEU C 316 -13.48 27.29 -1.58
CA LEU C 316 -13.35 28.65 -1.07
C LEU C 316 -12.72 29.62 -2.06
N LEU C 317 -11.78 29.13 -2.90
CA LEU C 317 -11.05 29.95 -3.87
C LEU C 317 -11.93 30.76 -4.81
N ASP C 318 -13.10 30.23 -5.16
CA ASP C 318 -14.04 30.90 -6.06
C ASP C 318 -14.53 32.25 -5.50
N ASP C 319 -14.74 32.32 -4.18
CA ASP C 319 -15.15 33.53 -3.48
C ASP C 319 -13.98 34.30 -2.87
N LEU C 320 -12.87 33.62 -2.56
CA LEU C 320 -11.69 34.21 -1.93
C LEU C 320 -10.99 35.25 -2.82
N VAL C 321 -10.71 34.91 -4.08
CA VAL C 321 -10.06 35.81 -5.05
C VAL C 321 -11.00 36.04 -6.24
N ILE C 322 -11.47 37.29 -6.40
CA ILE C 322 -12.42 37.70 -7.44
C ILE C 322 -11.79 38.70 -8.43
N VAL C 323 -11.99 38.47 -9.75
CA VAL C 323 -11.56 39.37 -10.81
C VAL C 323 -12.86 40.00 -11.31
N SER C 324 -13.09 41.27 -10.94
CA SER C 324 -14.32 41.98 -11.27
C SER C 324 -14.12 43.40 -11.76
N ASP C 325 -15.11 43.92 -12.52
CA ASP C 325 -15.14 45.30 -13.00
C ASP C 325 -15.78 46.07 -11.86
N GLY C 326 -14.94 46.66 -11.01
CA GLY C 326 -15.39 47.38 -9.83
C GLY C 326 -15.69 46.45 -8.66
N PRO C 327 -16.25 46.98 -7.53
CA PRO C 327 -16.52 46.11 -6.36
C PRO C 327 -17.41 44.91 -6.66
N PRO C 328 -16.97 43.68 -6.27
CA PRO C 328 -17.78 42.48 -6.56
C PRO C 328 -19.16 42.48 -5.91
N THR C 329 -20.16 41.96 -6.64
CA THR C 329 -21.56 41.88 -6.20
C THR C 329 -21.97 40.45 -5.88
N GLY C 330 -23.05 40.31 -5.11
CA GLY C 330 -23.61 39.02 -4.73
C GLY C 330 -23.22 38.50 -3.36
N TYR C 331 -22.37 39.24 -2.64
CA TYR C 331 -21.90 38.89 -1.31
C TYR C 331 -22.66 39.67 -0.23
N PRO C 332 -22.79 39.15 1.03
CA PRO C 332 -23.52 39.90 2.06
C PRO C 332 -22.87 41.24 2.40
N GLU C 333 -23.63 42.18 3.03
CA GLU C 333 -23.09 43.48 3.43
C GLU C 333 -21.97 43.33 4.47
N SER C 334 -22.07 42.24 5.25
CA SER C 334 -21.15 41.82 6.29
C SER C 334 -19.75 41.51 5.73
N ALA C 335 -19.67 41.14 4.43
CA ALA C 335 -18.43 40.81 3.72
C ALA C 335 -17.54 42.03 3.54
N GLU C 336 -16.23 41.84 3.68
CA GLU C 336 -15.21 42.86 3.53
C GLU C 336 -14.24 42.49 2.40
N ILE C 337 -14.65 42.80 1.15
CA ILE C 337 -13.89 42.51 -0.06
C ILE C 337 -13.03 43.73 -0.41
N VAL C 338 -11.71 43.57 -0.23
CA VAL C 338 -10.69 44.60 -0.43
C VAL C 338 -9.96 44.42 -1.77
N GLU C 339 -9.73 45.52 -2.51
CA GLU C 339 -8.99 45.50 -3.77
C GLU C 339 -7.52 45.25 -3.46
N VAL C 340 -6.89 44.31 -4.18
CA VAL C 340 -5.48 43.94 -4.01
C VAL C 340 -4.59 45.09 -4.53
N PRO C 341 -3.67 45.64 -3.70
CA PRO C 341 -2.79 46.74 -4.18
C PRO C 341 -1.75 46.29 -5.20
N GLU C 342 -1.07 47.26 -5.87
CA GLU C 342 -0.01 47.02 -6.87
C GLU C 342 1.11 46.17 -6.28
N ASP C 343 1.31 46.30 -4.96
CA ASP C 343 2.26 45.58 -4.12
C ASP C 343 1.93 44.07 -4.11
N GLY C 344 0.64 43.75 -4.17
CA GLY C 344 0.12 42.38 -4.16
C GLY C 344 -0.29 41.89 -2.79
N ILE C 345 0.19 42.59 -1.74
CA ILE C 345 -0.06 42.24 -0.33
C ILE C 345 -1.30 42.94 0.23
N VAL C 346 -2.25 42.13 0.74
CA VAL C 346 -3.46 42.58 1.41
C VAL C 346 -3.27 42.17 2.88
N SER C 347 -3.31 43.15 3.79
CA SER C 347 -3.14 42.87 5.20
C SER C 347 -4.45 42.79 5.95
N ILE C 348 -4.75 41.59 6.49
CA ILE C 348 -5.94 41.33 7.33
C ILE C 348 -5.30 41.26 8.71
N GLN C 349 -5.35 42.38 9.45
CA GLN C 349 -4.70 42.52 10.77
C GLN C 349 -3.20 42.25 10.64
N ASP C 350 -2.66 41.26 11.38
CA ASP C 350 -1.24 40.96 11.31
C ASP C 350 -0.89 39.95 10.20
N ALA C 351 -1.92 39.30 9.60
CA ALA C 351 -1.73 38.34 8.51
C ALA C 351 -1.68 39.05 7.15
N ASP C 352 -0.65 38.73 6.35
CA ASP C 352 -0.44 39.29 5.02
C ASP C 352 -0.73 38.23 3.95
N VAL C 353 -1.59 38.58 2.98
CA VAL C 353 -2.00 37.69 1.89
C VAL C 353 -1.48 38.25 0.57
N TYR C 354 -0.58 37.49 -0.10
CA TYR C 354 0.00 37.86 -1.39
C TYR C 354 -0.88 37.32 -2.50
N VAL C 355 -1.54 38.21 -3.25
CA VAL C 355 -2.44 37.82 -4.35
C VAL C 355 -1.93 38.42 -5.66
N LYS C 356 -1.55 37.56 -6.62
CA LYS C 356 -1.06 37.99 -7.93
C LYS C 356 -1.64 37.12 -9.03
N ILE C 357 -2.58 37.71 -9.80
CA ILE C 357 -3.24 37.05 -10.92
C ILE C 357 -2.73 37.65 -12.24
N ASP C 358 -2.35 36.77 -13.18
CA ASP C 358 -1.86 37.15 -14.51
C ASP C 358 -3.02 37.34 -15.48
N ASN C 359 -2.78 38.11 -16.57
CA ASN C 359 -3.71 38.42 -17.66
C ASN C 359 -5.08 38.95 -17.18
N VAL C 360 -5.04 39.90 -16.24
CA VAL C 360 -6.26 40.54 -15.72
C VAL C 360 -6.65 41.65 -16.70
N PRO C 361 -7.94 41.71 -17.15
CA PRO C 361 -8.34 42.77 -18.09
C PRO C 361 -8.18 44.18 -17.51
N ASP C 362 -7.94 45.16 -18.40
CA ASP C 362 -7.72 46.55 -18.02
C ASP C 362 -8.92 47.20 -17.32
N ASN C 363 -10.15 46.81 -17.71
CA ASN C 363 -11.39 47.31 -17.10
C ASN C 363 -11.71 46.64 -15.74
N MET C 364 -10.97 45.55 -15.41
CA MET C 364 -11.14 44.77 -14.19
C MET C 364 -9.97 44.90 -13.20
N SER C 365 -10.23 44.54 -11.92
CA SER C 365 -9.26 44.54 -10.81
C SER C 365 -9.33 43.24 -10.00
N VAL C 366 -8.28 42.94 -9.23
CA VAL C 366 -8.19 41.74 -8.38
C VAL C 366 -8.65 42.13 -6.96
N TYR C 367 -9.58 41.35 -6.42
CA TYR C 367 -10.16 41.55 -5.09
C TYR C 367 -9.94 40.34 -4.19
N LEU C 368 -9.76 40.58 -2.87
CA LEU C 368 -9.61 39.54 -1.88
C LEU C 368 -10.70 39.64 -0.82
N HIS C 369 -11.41 38.52 -0.57
CA HIS C 369 -12.44 38.43 0.46
C HIS C 369 -11.66 38.24 1.77
N THR C 370 -11.60 39.29 2.59
CA THR C 370 -10.82 39.29 3.83
C THR C 370 -11.52 38.62 5.02
N ASN C 371 -12.81 38.23 4.88
CA ASN C 371 -13.55 37.57 5.97
C ASN C 371 -14.57 36.54 5.46
N LEU C 372 -14.12 35.63 4.57
CA LEU C 372 -14.96 34.59 3.97
C LEU C 372 -15.77 33.80 4.98
N LEU C 373 -15.12 33.36 6.07
CA LEU C 373 -15.73 32.66 7.20
C LEU C 373 -15.06 33.16 8.47
N MET C 374 -15.84 33.72 9.41
CA MET C 374 -15.31 34.25 10.66
C MET C 374 -16.12 33.83 11.87
N PHE C 375 -15.45 33.70 13.03
CA PHE C 375 -16.07 33.31 14.31
C PHE C 375 -15.48 34.05 15.50
N GLY C 376 -16.35 34.61 16.34
CA GLY C 376 -15.98 35.36 17.54
C GLY C 376 -17.06 35.34 18.59
N THR C 377 -16.70 35.01 19.84
CA THR C 377 -17.65 34.96 20.97
C THR C 377 -17.98 36.35 21.51
N ARG C 378 -17.04 37.30 21.40
CA ARG C 378 -17.21 38.70 21.84
C ARG C 378 -16.80 39.62 20.71
N LYS C 379 -17.34 40.85 20.70
CA LYS C 379 -16.99 41.85 19.67
C LYS C 379 -15.52 42.27 19.73
N ASN C 380 -14.92 42.28 20.93
CA ASN C 380 -13.50 42.62 21.12
C ASN C 380 -12.70 41.44 21.70
N SER C 381 -12.74 40.31 20.97
CA SER C 381 -12.09 39.03 21.30
C SER C 381 -11.24 38.53 20.13
N PHE C 382 -10.75 37.27 20.22
CA PHE C 382 -10.01 36.64 19.13
C PHE C 382 -11.01 36.21 18.06
N ILE C 383 -10.72 36.54 16.79
CA ILE C 383 -11.58 36.20 15.67
C ILE C 383 -10.89 35.14 14.82
N TYR C 384 -11.56 33.99 14.64
CA TYR C 384 -11.05 32.92 13.80
C TYR C 384 -11.54 33.18 12.38
N ASN C 385 -10.64 33.64 11.50
CA ASN C 385 -10.93 34.00 10.12
C ASN C 385 -10.26 32.99 9.17
N ILE C 386 -11.04 32.42 8.23
CA ILE C 386 -10.53 31.45 7.27
C ILE C 386 -9.65 32.12 6.19
N SER C 387 -9.88 33.42 5.92
CA SER C 387 -9.11 34.19 4.93
C SER C 387 -7.70 34.46 5.43
N LYS C 388 -7.53 34.52 6.77
CA LYS C 388 -6.24 34.74 7.42
C LYS C 388 -5.36 33.47 7.35
N LYS C 389 -5.98 32.30 7.02
CA LYS C 389 -5.31 31.01 6.89
C LYS C 389 -4.62 30.83 5.52
N PHE C 390 -4.62 31.88 4.67
CA PHE C 390 -3.99 31.93 3.35
C PHE C 390 -2.82 32.92 3.35
N SER C 391 -1.70 32.57 2.71
CA SER C 391 -0.53 33.44 2.64
C SER C 391 -0.17 33.87 1.22
N ALA C 392 -0.38 32.98 0.22
CA ALA C 392 -0.10 33.26 -1.19
C ALA C 392 -1.11 32.61 -2.13
N ILE C 393 -1.63 33.39 -3.09
CA ILE C 393 -2.57 32.93 -4.11
C ILE C 393 -2.09 33.45 -5.46
N THR C 394 -1.72 32.51 -6.36
CA THR C 394 -1.26 32.82 -7.72
C THR C 394 -2.11 32.10 -8.75
N GLY C 395 -2.34 32.75 -9.87
CA GLY C 395 -3.13 32.20 -10.97
C GLY C 395 -3.11 33.05 -12.21
N THR C 396 -3.89 32.65 -13.21
CA THR C 396 -4.01 33.34 -14.49
C THR C 396 -5.49 33.44 -14.87
N TYR C 397 -5.96 34.65 -15.21
CA TYR C 397 -7.35 34.88 -15.61
C TYR C 397 -7.53 34.43 -17.06
N SER C 398 -8.59 33.64 -17.31
CA SER C 398 -8.94 33.15 -18.63
C SER C 398 -10.01 34.06 -19.23
N ASP C 399 -9.67 34.75 -20.33
CA ASP C 399 -10.60 35.64 -21.03
C ASP C 399 -11.69 34.82 -21.70
N ALA C 400 -11.34 33.63 -22.23
CA ALA C 400 -12.23 32.70 -22.92
C ALA C 400 -13.34 32.13 -22.04
N THR C 401 -13.02 31.71 -20.81
CA THR C 401 -14.01 31.12 -19.89
C THR C 401 -14.45 32.09 -18.78
N LYS C 402 -13.87 33.32 -18.73
CA LYS C 402 -14.17 34.38 -17.74
C LYS C 402 -14.02 33.87 -16.29
N ARG C 403 -12.96 33.06 -16.07
CA ARG C 403 -12.62 32.38 -14.81
C ARG C 403 -11.14 32.57 -14.44
N THR C 404 -10.82 32.48 -13.13
CA THR C 404 -9.44 32.53 -12.67
C THR C 404 -8.97 31.09 -12.53
N ILE C 405 -7.88 30.74 -13.20
CA ILE C 405 -7.30 29.40 -13.15
C ILE C 405 -6.12 29.49 -12.19
N PHE C 406 -6.32 29.00 -10.95
CA PHE C 406 -5.33 29.06 -9.88
C PHE C 406 -4.18 28.10 -10.10
N ALA C 407 -2.94 28.61 -9.96
CA ALA C 407 -1.71 27.85 -10.16
C ALA C 407 -1.18 27.21 -8.88
N HIS C 408 -0.90 28.03 -7.84
CA HIS C 408 -0.37 27.56 -6.57
C HIS C 408 -0.90 28.37 -5.40
N ILE C 409 -1.34 27.66 -4.35
CA ILE C 409 -1.92 28.24 -3.14
C ILE C 409 -1.09 27.86 -1.91
N SER C 410 -0.66 28.86 -1.13
CA SER C 410 0.07 28.65 0.11
C SER C 410 -0.90 28.96 1.25
N HIS C 411 -1.25 27.92 2.03
CA HIS C 411 -2.22 28.02 3.12
C HIS C 411 -1.89 27.14 4.32
N SER C 412 -2.59 27.38 5.43
CA SER C 412 -2.46 26.65 6.69
C SER C 412 -3.79 25.96 7.06
N ILE C 413 -4.61 25.63 6.04
CA ILE C 413 -5.89 24.92 6.20
C ILE C 413 -5.60 23.51 6.72
N ASN C 414 -6.36 23.05 7.73
CA ASN C 414 -6.21 21.73 8.35
C ASN C 414 -7.48 20.86 8.20
N ILE C 415 -7.39 19.57 8.60
CA ILE C 415 -8.49 18.61 8.53
C ILE C 415 -9.73 19.05 9.35
N ILE C 416 -9.51 19.83 10.43
CA ILE C 416 -10.58 20.34 11.29
C ILE C 416 -11.45 21.32 10.51
N ASP C 417 -10.83 22.25 9.73
CA ASP C 417 -11.52 23.24 8.91
C ASP C 417 -12.51 22.60 7.96
N THR C 418 -12.11 21.50 7.31
CA THR C 418 -12.93 20.73 6.37
C THR C 418 -14.05 19.96 7.10
N SER C 419 -13.92 19.78 8.42
CA SER C 419 -14.85 19.03 9.25
C SER C 419 -15.85 19.88 10.03
N ILE C 420 -15.81 21.22 9.87
CA ILE C 420 -16.73 22.10 10.58
C ILE C 420 -18.12 22.12 9.89
N PRO C 421 -19.22 21.78 10.60
CA PRO C 421 -20.55 21.90 9.97
C PRO C 421 -20.87 23.38 9.77
N VAL C 422 -21.50 23.71 8.63
CA VAL C 422 -21.85 25.08 8.23
C VAL C 422 -22.66 25.82 9.32
N SER C 423 -23.56 25.10 10.03
CA SER C 423 -24.40 25.60 11.12
C SER C 423 -23.59 26.32 12.21
N LEU C 424 -22.39 25.78 12.55
CA LEU C 424 -21.51 26.34 13.58
C LEU C 424 -20.86 27.68 13.17
N TRP C 425 -20.84 28.00 11.87
CA TRP C 425 -20.30 29.28 11.41
C TRP C 425 -21.33 30.39 11.65
N THR C 426 -22.62 30.05 11.50
CA THR C 426 -23.76 30.97 11.68
C THR C 426 -24.52 30.68 12.98
N SER C 427 -23.85 30.08 13.99
CA SER C 427 -24.45 29.76 15.29
C SER C 427 -24.71 31.02 16.14
N GLN C 428 -25.57 30.89 17.19
CA GLN C 428 -25.92 31.99 18.11
C GLN C 428 -24.70 32.57 18.83
N ARG C 429 -23.72 31.70 19.21
CA ARG C 429 -22.47 32.05 19.89
C ARG C 429 -21.64 33.08 19.12
N ASN C 430 -21.77 33.11 17.78
CA ASN C 430 -21.02 34.02 16.93
C ASN C 430 -21.67 35.40 16.88
N VAL C 431 -20.93 36.43 17.32
CA VAL C 431 -21.39 37.83 17.31
C VAL C 431 -21.38 38.42 15.89
N TYR C 432 -20.65 37.75 14.96
CA TYR C 432 -20.53 38.15 13.56
C TYR C 432 -21.49 37.31 12.71
N ASN C 433 -21.64 37.66 11.42
CA ASN C 433 -22.53 36.96 10.48
C ASN C 433 -22.07 35.53 10.30
N GLY C 434 -20.76 35.35 10.11
CA GLY C 434 -20.12 34.04 9.97
C GLY C 434 -19.85 33.60 8.55
N ASP C 435 -20.92 33.24 7.83
CA ASP C 435 -20.81 32.77 6.46
C ASP C 435 -20.99 33.94 5.49
N ASN C 436 -19.87 34.45 4.98
CA ASN C 436 -19.85 35.58 4.05
C ASN C 436 -19.59 35.14 2.59
N ARG C 437 -19.87 33.85 2.30
CA ARG C 437 -19.74 33.26 0.98
C ARG C 437 -20.91 33.71 0.09
N SER C 438 -20.81 33.47 -1.22
CA SER C 438 -21.86 33.77 -2.19
C SER C 438 -23.01 32.77 -2.03
N ALA C 439 -24.16 33.05 -2.65
CA ALA C 439 -25.31 32.15 -2.62
C ALA C 439 -25.01 30.91 -3.46
N GLU C 440 -24.16 31.06 -4.49
CA GLU C 440 -23.71 29.99 -5.40
C GLU C 440 -22.90 28.95 -4.64
N SER C 441 -21.94 29.41 -3.80
CA SER C 441 -21.09 28.56 -2.97
C SER C 441 -21.93 27.84 -1.92
N LYS C 442 -22.79 28.60 -1.20
CA LYS C 442 -23.69 28.08 -0.16
C LYS C 442 -24.63 26.99 -0.69
N ALA C 443 -25.04 27.10 -1.97
CA ALA C 443 -25.93 26.15 -2.66
C ALA C 443 -25.21 24.83 -2.98
N LYS C 444 -23.86 24.84 -3.02
CA LYS C 444 -23.01 23.68 -3.30
C LYS C 444 -22.67 22.86 -2.03
N ASP C 445 -23.17 23.29 -0.85
CA ASP C 445 -22.92 22.61 0.42
C ASP C 445 -23.57 21.23 0.41
N LEU C 446 -22.89 20.22 0.99
CA LEU C 446 -23.36 18.85 1.00
C LEU C 446 -23.74 18.32 2.37
N PHE C 447 -24.83 17.55 2.42
CA PHE C 447 -25.31 16.88 3.63
C PHE C 447 -24.50 15.60 3.81
N ILE C 448 -23.85 15.46 4.98
CA ILE C 448 -23.07 14.27 5.31
C ILE C 448 -23.64 13.70 6.61
N ASN C 449 -24.19 12.48 6.54
CA ASN C 449 -24.81 11.80 7.68
C ASN C 449 -24.14 10.45 8.01
N ASP C 450 -22.84 10.29 7.65
CA ASP C 450 -22.05 9.07 7.90
C ASP C 450 -22.19 8.64 9.36
N PRO C 451 -22.73 7.43 9.60
CA PRO C 451 -22.94 7.01 10.99
C PRO C 451 -21.69 6.59 11.75
N PHE C 452 -20.57 6.30 11.04
CA PHE C 452 -19.34 5.80 11.66
C PHE C 452 -18.18 6.82 11.74
N ILE C 453 -18.50 8.12 11.95
CA ILE C 453 -17.45 9.14 12.10
C ILE C 453 -16.91 9.05 13.53
N LYS C 454 -15.58 9.18 13.69
CA LYS C 454 -14.91 9.16 14.99
C LYS C 454 -14.14 10.46 15.21
N GLY C 455 -14.03 10.87 16.47
CA GLY C 455 -13.33 12.08 16.88
C GLY C 455 -14.12 13.34 16.55
N ILE C 456 -13.41 14.39 16.10
CA ILE C 456 -14.02 15.67 15.75
C ILE C 456 -13.71 16.07 14.30
N ASP C 457 -13.01 15.20 13.56
CA ASP C 457 -12.68 15.41 12.16
C ASP C 457 -12.93 14.13 11.36
N PHE C 458 -13.22 14.28 10.05
CA PHE C 458 -13.52 13.18 9.13
C PHE C 458 -12.47 12.07 9.09
N LYS C 459 -11.18 12.43 9.28
CA LYS C 459 -10.08 11.46 9.26
C LYS C 459 -9.70 10.93 10.66
N ASN C 460 -10.40 11.40 11.73
CA ASN C 460 -10.16 11.04 13.14
C ASN C 460 -8.67 11.29 13.54
N LYS C 461 -8.07 12.35 12.95
CA LYS C 461 -6.68 12.76 13.14
C LYS C 461 -6.45 13.34 14.55
N THR C 462 -7.26 14.35 14.92
CA THR C 462 -7.16 15.06 16.20
C THR C 462 -7.54 14.18 17.37
N ASP C 463 -6.60 14.01 18.33
CA ASP C 463 -6.87 13.27 19.55
C ASP C 463 -7.36 14.28 20.57
N ILE C 464 -8.61 14.11 21.01
CA ILE C 464 -9.25 15.04 21.94
C ILE C 464 -9.30 14.52 23.38
N ILE C 465 -8.71 13.33 23.64
CA ILE C 465 -8.63 12.74 24.98
C ILE C 465 -7.22 13.02 25.55
N SER C 466 -7.15 13.72 26.69
CA SER C 466 -5.89 14.06 27.36
C SER C 466 -5.53 13.00 28.40
N ARG C 467 -6.54 12.31 28.95
CA ARG C 467 -6.35 11.31 30.00
C ARG C 467 -7.46 10.26 29.99
N LEU C 468 -7.09 8.98 30.17
CA LEU C 468 -8.04 7.87 30.23
C LEU C 468 -7.90 7.13 31.57
N GLU C 469 -9.03 6.95 32.27
CA GLU C 469 -9.12 6.23 33.52
C GLU C 469 -10.15 5.12 33.42
N VAL C 470 -9.70 3.87 33.57
CA VAL C 470 -10.54 2.67 33.53
C VAL C 470 -10.56 2.09 34.95
N ARG C 471 -11.76 1.88 35.49
CA ARG C 471 -11.98 1.34 36.83
C ARG C 471 -12.79 0.06 36.78
N PHE C 472 -12.32 -0.97 37.50
CA PHE C 472 -13.04 -2.23 37.63
C PHE C 472 -13.60 -2.19 39.04
N GLY C 473 -14.88 -1.79 39.11
CA GLY C 473 -15.58 -1.55 40.36
C GLY C 473 -15.26 -0.14 40.80
N ASN C 474 -14.52 -0.01 41.92
CA ASN C 474 -14.06 1.28 42.45
C ASN C 474 -12.54 1.40 42.34
N ASP C 475 -11.84 0.26 42.19
CA ASP C 475 -10.39 0.23 42.01
C ASP C 475 -9.98 0.64 40.60
N VAL C 476 -8.93 1.46 40.49
CA VAL C 476 -8.37 1.92 39.22
C VAL C 476 -7.63 0.75 38.57
N LEU C 477 -8.16 0.27 37.44
CA LEU C 477 -7.59 -0.84 36.68
C LEU C 477 -6.45 -0.36 35.79
N TYR C 478 -6.67 0.76 35.06
CA TYR C 478 -5.70 1.34 34.15
C TYR C 478 -5.89 2.83 33.97
N SER C 479 -4.79 3.59 33.95
CA SER C 479 -4.83 5.04 33.73
C SER C 479 -3.67 5.45 32.83
N GLU C 480 -3.92 6.41 31.92
CA GLU C 480 -2.91 6.91 30.98
C GLU C 480 -3.17 8.36 30.57
N ASN C 481 -2.09 9.06 30.18
CA ASN C 481 -2.19 10.43 29.68
C ASN C 481 -2.09 10.40 28.14
N GLY C 482 -0.99 9.90 27.62
CA GLY C 482 -0.80 9.71 26.18
C GLY C 482 -1.56 8.49 25.67
N PRO C 483 -1.83 8.38 24.35
CA PRO C 483 -2.61 7.22 23.87
C PRO C 483 -1.78 5.96 23.64
N ILE C 484 -1.05 5.52 24.68
CA ILE C 484 -0.18 4.35 24.59
C ILE C 484 -1.01 3.06 24.33
N SER C 485 -2.26 2.99 24.83
CA SER C 485 -3.14 1.84 24.57
C SER C 485 -3.54 1.76 23.09
N ARG C 486 -3.66 2.93 22.41
CA ARG C 486 -3.97 3.04 20.98
C ARG C 486 -2.74 2.61 20.16
N ILE C 487 -1.53 3.02 20.60
CA ILE C 487 -0.26 2.67 19.97
C ILE C 487 -0.08 1.15 20.01
N TYR C 488 -0.42 0.52 21.14
CA TYR C 488 -0.35 -0.93 21.29
C TYR C 488 -1.37 -1.64 20.45
N ASN C 489 -2.60 -1.10 20.39
CA ASN C 489 -3.68 -1.65 19.58
C ASN C 489 -3.25 -1.66 18.11
N GLU C 490 -2.75 -0.53 17.61
CA GLU C 490 -2.28 -0.37 16.24
C GLU C 490 -1.12 -1.33 15.89
N LEU C 491 -0.18 -1.53 16.83
CA LEU C 491 0.97 -2.44 16.64
C LEU C 491 0.54 -3.90 16.63
N LEU C 492 -0.13 -4.34 17.70
CA LEU C 492 -0.57 -5.72 17.91
C LEU C 492 -1.61 -6.21 16.89
N THR C 493 -2.39 -5.29 16.27
CA THR C 493 -3.41 -5.68 15.29
C THR C 493 -3.03 -5.29 13.85
N LYS C 494 -1.81 -4.71 13.66
CA LYS C 494 -1.27 -4.24 12.37
C LYS C 494 -2.33 -3.39 11.63
N SER C 495 -2.89 -2.42 12.36
CA SER C 495 -3.91 -1.48 11.89
C SER C 495 -3.36 -0.05 12.01
N ASN C 496 -3.76 0.82 11.08
CA ASN C 496 -3.32 2.22 11.07
C ASN C 496 -4.38 3.16 11.67
N ASN C 497 -5.58 2.62 11.91
CA ASN C 497 -6.71 3.33 12.51
C ASN C 497 -7.27 2.51 13.66
N GLY C 498 -6.58 2.59 14.81
CA GLY C 498 -6.94 1.88 16.02
C GLY C 498 -7.58 2.77 17.07
N THR C 499 -7.99 2.14 18.19
CA THR C 499 -8.63 2.81 19.32
C THR C 499 -7.90 2.47 20.62
N ARG C 500 -8.08 3.30 21.68
CA ARG C 500 -7.49 3.07 23.00
C ARG C 500 -8.09 1.75 23.52
N THR C 501 -7.32 0.65 23.38
CA THR C 501 -7.78 -0.69 23.72
C THR C 501 -6.92 -1.38 24.76
N LEU C 502 -7.59 -2.00 25.74
CA LEU C 502 -6.97 -2.81 26.78
C LEU C 502 -7.25 -4.25 26.43
N THR C 503 -6.21 -5.03 26.16
CA THR C 503 -6.36 -6.46 25.82
C THR C 503 -6.01 -7.27 27.07
N PHE C 504 -6.80 -8.31 27.35
CA PHE C 504 -6.58 -9.20 28.48
C PHE C 504 -6.15 -10.58 28.02
N ASN C 505 -6.50 -10.93 26.78
CA ASN C 505 -6.20 -12.23 26.18
C ASN C 505 -5.06 -12.14 25.16
N PHE C 506 -3.91 -12.74 25.51
CA PHE C 506 -2.72 -12.83 24.67
C PHE C 506 -2.45 -14.29 24.27
N THR C 507 -3.47 -15.16 24.46
CA THR C 507 -3.39 -16.59 24.11
C THR C 507 -4.07 -16.83 22.74
N PRO C 508 -3.47 -17.69 21.87
CA PRO C 508 -4.08 -17.95 20.55
C PRO C 508 -5.51 -18.46 20.66
N LYS C 509 -6.43 -17.79 19.96
CA LYS C 509 -7.85 -18.14 19.98
C LYS C 509 -8.12 -19.55 19.44
N ILE C 510 -9.24 -20.15 19.89
CA ILE C 510 -9.81 -21.46 19.54
C ILE C 510 -9.04 -22.61 20.25
N PHE C 511 -7.70 -22.72 20.11
CA PHE C 511 -6.93 -23.79 20.76
C PHE C 511 -6.91 -23.67 22.29
N PHE C 512 -6.80 -22.43 22.81
CA PHE C 512 -6.82 -22.16 24.24
C PHE C 512 -8.14 -21.50 24.66
N ARG C 513 -8.52 -21.66 25.94
CA ARG C 513 -9.72 -21.03 26.53
C ARG C 513 -9.33 -19.55 26.71
N PRO C 514 -10.12 -18.55 26.22
CA PRO C 514 -9.65 -17.17 26.33
C PRO C 514 -9.42 -16.68 27.76
N THR C 515 -8.32 -15.92 27.96
CA THR C 515 -7.92 -15.30 29.22
C THR C 515 -8.80 -14.06 29.40
N THR C 516 -9.43 -13.92 30.56
CA THR C 516 -10.36 -12.81 30.84
C THR C 516 -10.09 -12.11 32.15
N ILE C 517 -10.60 -10.88 32.29
CA ILE C 517 -10.57 -10.14 33.54
C ILE C 517 -11.78 -10.68 34.32
N THR C 518 -11.52 -11.36 35.44
CA THR C 518 -12.57 -12.00 36.23
C THR C 518 -13.14 -11.10 37.31
N ALA C 519 -14.47 -11.15 37.50
CA ALA C 519 -15.22 -10.38 38.47
C ALA C 519 -15.15 -10.94 39.89
N ASN C 520 -15.41 -10.07 40.89
CA ASN C 520 -15.47 -10.42 42.31
C ASN C 520 -16.72 -9.70 42.86
N VAL C 521 -17.91 -10.29 42.57
CA VAL C 521 -19.25 -9.79 42.92
C VAL C 521 -19.33 -9.30 44.37
N SER C 522 -18.78 -10.08 45.32
CA SER C 522 -18.71 -9.76 46.75
C SER C 522 -17.93 -8.46 47.00
N ARG C 523 -16.76 -8.30 46.36
CA ARG C 523 -15.90 -7.11 46.48
C ARG C 523 -16.43 -5.88 45.73
N GLY C 524 -17.39 -6.09 44.81
CA GLY C 524 -18.01 -5.03 44.03
C GLY C 524 -17.45 -4.80 42.64
N LYS C 525 -16.39 -5.56 42.26
CA LYS C 525 -15.73 -5.47 40.96
C LYS C 525 -16.53 -6.25 39.91
N ASP C 526 -17.71 -5.74 39.52
CA ASP C 526 -18.56 -6.38 38.52
C ASP C 526 -19.00 -5.38 37.42
N LYS C 527 -18.28 -4.25 37.31
CA LYS C 527 -18.54 -3.21 36.32
C LYS C 527 -17.27 -2.50 35.86
N LEU C 528 -17.24 -2.06 34.59
CA LEU C 528 -16.10 -1.31 34.04
C LEU C 528 -16.51 0.14 33.82
N SER C 529 -15.92 1.04 34.62
CA SER C 529 -16.21 2.47 34.57
C SER C 529 -15.08 3.23 33.89
N VAL C 530 -15.38 3.82 32.74
CA VAL C 530 -14.43 4.60 31.96
C VAL C 530 -14.65 6.09 32.19
N ARG C 531 -13.55 6.83 32.29
CA ARG C 531 -13.57 8.26 32.43
C ARG C 531 -12.44 8.89 31.66
N VAL C 532 -12.78 9.85 30.80
CA VAL C 532 -11.82 10.59 30.01
C VAL C 532 -11.76 12.04 30.48
N VAL C 533 -10.69 12.75 30.11
CA VAL C 533 -10.51 14.17 30.38
C VAL C 533 -10.25 14.77 29.01
N TYR C 534 -11.18 15.59 28.53
CA TYR C 534 -11.07 16.18 27.20
C TYR C 534 -10.07 17.31 27.12
N SER C 535 -9.28 17.35 26.02
CA SER C 535 -8.29 18.40 25.79
C SER C 535 -9.00 19.72 25.55
N THR C 536 -8.54 20.78 26.24
CA THR C 536 -9.10 22.12 26.19
C THR C 536 -8.89 22.81 24.85
N MET C 537 -9.99 23.30 24.25
CA MET C 537 -9.99 24.01 22.97
C MET C 537 -10.31 25.50 23.16
N ASP C 538 -9.98 26.33 22.17
CA ASP C 538 -10.25 27.77 22.19
C ASP C 538 -11.73 28.01 21.86
N VAL C 539 -12.40 28.82 22.69
CA VAL C 539 -13.83 29.16 22.56
C VAL C 539 -14.14 29.93 21.27
N ASN C 540 -13.13 30.57 20.68
CA ASN C 540 -13.29 31.38 19.48
C ASN C 540 -13.08 30.56 18.19
N HIS C 541 -12.81 29.26 18.33
CA HIS C 541 -12.64 28.32 17.22
C HIS C 541 -13.95 27.53 17.09
N PRO C 542 -14.59 27.50 15.88
CA PRO C 542 -15.89 26.81 15.74
C PRO C 542 -15.95 25.34 16.14
N ILE C 543 -14.80 24.63 16.13
CA ILE C 543 -14.73 23.21 16.50
C ILE C 543 -15.09 22.95 17.98
N TYR C 544 -14.86 23.95 18.86
CA TYR C 544 -15.15 23.91 20.29
C TYR C 544 -16.59 23.49 20.55
N TYR C 545 -17.50 23.86 19.64
CA TYR C 545 -18.94 23.66 19.75
C TYR C 545 -19.42 22.35 19.10
N VAL C 546 -18.48 21.50 18.64
CA VAL C 546 -18.83 20.18 18.11
C VAL C 546 -18.98 19.29 19.33
N GLN C 547 -20.20 18.79 19.54
CA GLN C 547 -20.56 17.93 20.67
C GLN C 547 -19.96 16.53 20.54
N LYS C 548 -19.51 15.97 21.67
CA LYS C 548 -18.82 14.68 21.74
C LYS C 548 -19.64 13.60 22.44
N GLN C 549 -19.40 12.33 22.07
CA GLN C 549 -20.03 11.15 22.68
C GLN C 549 -18.97 10.09 22.90
N LEU C 550 -18.82 9.63 24.16
CA LEU C 550 -17.86 8.61 24.53
C LEU C 550 -18.42 7.22 24.26
N VAL C 551 -17.68 6.39 23.53
CA VAL C 551 -18.08 5.03 23.19
C VAL C 551 -17.15 4.04 23.88
N VAL C 552 -17.74 3.10 24.63
CA VAL C 552 -17.01 2.04 25.36
C VAL C 552 -17.49 0.67 24.85
N VAL C 553 -16.55 -0.13 24.33
CA VAL C 553 -16.83 -1.46 23.79
C VAL C 553 -16.19 -2.53 24.68
N CYS C 554 -17.01 -3.50 25.11
CA CYS C 554 -16.58 -4.59 25.98
C CYS C 554 -16.87 -5.94 25.30
N ASN C 555 -15.88 -6.83 25.27
CA ASN C 555 -16.03 -8.16 24.68
C ASN C 555 -16.10 -9.18 25.81
N ASP C 556 -17.32 -9.71 26.07
CA ASP C 556 -17.59 -10.69 27.12
C ASP C 556 -17.50 -12.12 26.61
N LEU C 557 -17.00 -13.02 27.46
CA LEU C 557 -16.83 -14.42 27.12
C LEU C 557 -18.10 -15.22 27.41
N TYR C 558 -18.50 -16.01 26.42
CA TYR C 558 -19.66 -16.89 26.46
C TYR C 558 -19.23 -18.32 26.11
N LYS C 559 -19.93 -19.32 26.69
CA LYS C 559 -19.68 -20.74 26.44
C LYS C 559 -20.70 -21.23 25.40
N VAL C 560 -20.21 -21.90 24.35
CA VAL C 560 -21.08 -22.45 23.31
C VAL C 560 -21.35 -23.90 23.64
N SER C 561 -22.60 -24.19 24.06
CA SER C 561 -23.08 -25.53 24.41
C SER C 561 -24.07 -25.99 23.35
N TYR C 562 -23.94 -27.25 22.92
CA TYR C 562 -24.80 -27.81 21.86
C TYR C 562 -25.83 -28.83 22.37
N ASP C 563 -26.10 -28.83 23.70
CA ASP C 563 -27.10 -29.70 24.32
C ASP C 563 -28.48 -29.12 23.98
N GLN C 564 -29.34 -29.93 23.32
CA GLN C 564 -30.70 -29.56 22.88
C GLN C 564 -30.70 -28.30 22.00
N GLY C 565 -29.98 -28.38 20.89
CA GLY C 565 -29.81 -27.27 19.95
C GLY C 565 -28.65 -26.37 20.32
N VAL C 566 -28.44 -25.31 19.53
CA VAL C 566 -27.35 -24.35 19.75
C VAL C 566 -27.78 -23.30 20.77
N SER C 567 -26.94 -23.07 21.79
CA SER C 567 -27.19 -22.09 22.85
C SER C 567 -25.89 -21.49 23.38
N ILE C 568 -25.96 -20.26 23.92
CA ILE C 568 -24.82 -19.56 24.51
C ILE C 568 -25.06 -19.25 25.99
N THR C 569 -24.01 -19.35 26.83
CA THR C 569 -24.11 -19.09 28.26
C THR C 569 -23.04 -18.11 28.71
N LYS C 570 -23.43 -17.06 29.43
CA LYS C 570 -22.51 -16.04 29.94
C LYS C 570 -21.64 -16.60 31.06
N ILE C 571 -20.30 -16.49 30.89
CA ILE C 571 -19.32 -16.95 31.88
C ILE C 571 -19.41 -15.99 33.07
N MET C 572 -19.82 -16.51 34.25
CA MET C 572 -19.99 -15.71 35.47
C MET C 572 -19.40 -16.38 36.69
#